data_3F4N
#
_entry.id   3F4N
#
_cell.length_a   113.627
_cell.length_b   114.818
_cell.length_c   154.316
_cell.angle_alpha   90.00
_cell.angle_beta   90.00
_cell.angle_gamma   90.00
#
_symmetry.space_group_name_H-M   'P 21 21 21'
#
loop_
_entity.id
_entity.type
_entity.pdbx_description
1 polymer "Pyridoxine 5'-phosphate synthase"
2 non-polymer "PYRIDOXINE-5'-PHOSPHATE"
3 non-polymer 'SULFATE ION'
4 water water
#
_entity_poly.entity_id   1
_entity_poly.type   'polypeptide(L)'
_entity_poly.pdbx_seq_one_letter_code
;SNAMADLLLGVNIDHIATLRNARGTIYPDPVQAAFIAEQAGADGITVHLREDRRHITDRDVRILRQTIQTRMNLEMAVTD
EMVDIACDIKPHFCCLVPEKRQEVTTEGGLDVAGQVDKMTLAVGRLADVGILVSLFIDADFRQIDAAVAAGAPYIEIHTG
AYADASTVLERQAELMRIAKAATYAAGKGLKVNAGHGLTYHNVQPIAALPEMHELNIGHAIIGQAVMTGLAAAVTDMKVL
MREARR
;
_entity_poly.pdbx_strand_id   A,B,C,D,E,F,G,H
#
# COMPACT_ATOMS: atom_id res chain seq x y z
N ALA A 5 24.59 -14.11 -16.48
CA ALA A 5 23.56 -15.12 -16.13
C ALA A 5 22.36 -14.54 -15.31
N ASP A 6 22.28 -13.19 -15.16
CA ASP A 6 20.97 -12.56 -14.77
C ASP A 6 20.24 -12.46 -16.06
N LEU A 7 19.03 -12.99 -16.07
CA LEU A 7 18.31 -13.07 -17.28
C LEU A 7 17.64 -11.71 -17.44
N LEU A 8 17.66 -11.14 -18.62
CA LEU A 8 17.05 -9.82 -18.73
C LEU A 8 15.59 -9.92 -19.15
N LEU A 9 14.77 -8.97 -18.65
CA LEU A 9 13.36 -8.88 -19.02
C LEU A 9 13.08 -7.69 -19.95
N GLY A 10 12.65 -7.99 -21.17
CA GLY A 10 12.16 -6.97 -22.08
C GLY A 10 10.65 -6.92 -22.01
N VAL A 11 10.10 -5.74 -21.69
CA VAL A 11 8.65 -5.63 -21.64
C VAL A 11 8.16 -5.04 -22.92
N ASN A 12 7.28 -5.77 -23.58
CA ASN A 12 6.68 -5.30 -24.85
C ASN A 12 5.40 -4.56 -24.53
N ILE A 13 5.29 -3.32 -24.94
CA ILE A 13 4.19 -2.55 -24.53
C ILE A 13 3.14 -2.32 -25.68
N ASP A 14 3.12 -3.17 -26.72
CA ASP A 14 2.13 -2.94 -27.81
C ASP A 14 0.63 -2.86 -27.38
N HIS A 15 0.27 -3.66 -26.40
CA HIS A 15 -1.11 -3.86 -26.10
C HIS A 15 -1.67 -2.72 -25.26
N ILE A 16 -0.78 -1.86 -24.76
CA ILE A 16 -1.19 -0.57 -24.20
C ILE A 16 -1.75 0.29 -25.34
N ALA A 17 -1.15 0.13 -26.53
CA ALA A 17 -1.50 0.89 -27.72
C ALA A 17 -2.76 0.32 -28.37
N THR A 18 -2.88 -1.01 -28.37
CA THR A 18 -4.16 -1.66 -28.69
C THR A 18 -5.34 -1.05 -27.96
N LEU A 19 -5.22 -0.90 -26.65
CA LEU A 19 -6.29 -0.31 -25.84
C LEU A 19 -6.55 1.12 -26.30
N ARG A 20 -5.49 1.90 -26.50
CA ARG A 20 -5.61 3.27 -26.97
C ARG A 20 -6.32 3.33 -28.31
N ASN A 21 -5.78 2.63 -29.33
CA ASN A 21 -6.25 2.83 -30.72
C ASN A 21 -7.69 2.42 -30.88
N ALA A 22 -8.20 1.61 -29.94
CA ALA A 22 -9.62 1.22 -29.94
C ALA A 22 -10.58 2.42 -29.97
N ARG A 23 -10.15 3.56 -29.42
CA ARG A 23 -10.79 4.87 -29.58
C ARG A 23 -9.70 5.79 -30.14
N GLY A 24 -9.98 7.00 -30.48
CA GLY A 24 -8.81 7.76 -30.96
C GLY A 24 -8.23 8.66 -29.87
N THR A 25 -8.21 8.16 -28.63
CA THR A 25 -7.82 8.97 -27.48
C THR A 25 -6.33 8.97 -27.26
N ILE A 26 -5.86 9.80 -26.34
CA ILE A 26 -4.43 9.98 -26.12
C ILE A 26 -3.95 8.95 -25.11
N TYR A 27 -4.89 8.44 -24.29
CA TYR A 27 -4.61 7.41 -23.23
C TYR A 27 -5.20 6.02 -23.61
N PRO A 28 -4.67 4.96 -23.01
CA PRO A 28 -3.41 5.00 -22.24
C PRO A 28 -2.22 5.16 -23.24
N ASP A 29 -1.17 5.82 -22.78
CA ASP A 29 -0.02 6.18 -23.57
C ASP A 29 1.09 5.21 -23.27
N PRO A 30 1.56 4.54 -24.29
CA PRO A 30 2.68 3.66 -24.22
C PRO A 30 3.87 4.35 -23.58
N VAL A 31 4.02 5.66 -23.79
CA VAL A 31 5.16 6.32 -23.17
C VAL A 31 5.10 6.25 -21.62
N GLN A 32 3.90 6.33 -21.05
CA GLN A 32 3.79 6.20 -19.62
C GLN A 32 4.20 4.78 -19.19
N ALA A 33 3.77 3.79 -19.96
CA ALA A 33 3.97 2.41 -19.56
C ALA A 33 5.47 2.16 -19.47
N ALA A 34 6.20 2.71 -20.44
CA ALA A 34 7.64 2.47 -20.52
C ALA A 34 8.27 2.88 -19.24
N PHE A 35 7.91 4.05 -18.72
CA PHE A 35 8.48 4.48 -17.46
C PHE A 35 8.11 3.50 -16.30
N ILE A 36 6.80 3.22 -16.13
CA ILE A 36 6.37 2.22 -15.12
C ILE A 36 7.22 0.97 -15.29
N ALA A 37 7.28 0.43 -16.51
CA ALA A 37 7.90 -0.90 -16.63
C ALA A 37 9.41 -0.93 -16.24
N GLU A 38 10.15 0.10 -16.58
CA GLU A 38 11.58 0.14 -16.36
C GLU A 38 11.89 0.29 -14.88
N GLN A 39 11.10 1.10 -14.18
CA GLN A 39 11.29 1.34 -12.77
C GLN A 39 10.75 0.22 -11.88
N ALA A 40 10.16 -0.79 -12.52
CA ALA A 40 9.59 -1.93 -11.82
C ALA A 40 10.39 -3.15 -12.16
N GLY A 41 11.52 -2.97 -12.82
CA GLY A 41 12.41 -4.08 -13.13
C GLY A 41 12.39 -4.60 -14.56
N ALA A 42 11.93 -3.79 -15.52
CA ALA A 42 12.25 -4.19 -16.86
C ALA A 42 13.65 -3.66 -17.18
N ASP A 43 14.34 -4.44 -18.00
CA ASP A 43 15.69 -4.15 -18.50
C ASP A 43 15.68 -3.54 -19.89
N GLY A 44 14.58 -3.72 -20.58
CA GLY A 44 14.35 -3.17 -21.90
C GLY A 44 12.87 -3.01 -22.18
N ILE A 45 12.57 -2.14 -23.15
CA ILE A 45 11.24 -1.93 -23.70
C ILE A 45 11.21 -2.28 -25.18
N THR A 46 10.21 -3.08 -25.51
CA THR A 46 10.00 -3.51 -26.85
C THR A 46 8.75 -2.87 -27.45
N VAL A 47 8.83 -2.46 -28.72
CA VAL A 47 7.63 -2.08 -29.41
C VAL A 47 7.77 -2.63 -30.80
N HIS A 48 6.64 -3.14 -31.30
CA HIS A 48 6.46 -3.57 -32.66
C HIS A 48 5.74 -2.50 -33.48
N LEU A 49 6.49 -1.82 -34.33
CA LEU A 49 5.90 -0.87 -35.28
C LEU A 49 5.41 -1.70 -36.49
N ARG A 50 4.12 -2.01 -36.54
N ARG A 50 4.12 -1.99 -36.54
CA ARG A 50 3.58 -2.72 -37.72
CA ARG A 50 3.56 -2.71 -37.70
C ARG A 50 3.37 -1.78 -38.89
C ARG A 50 3.36 -1.77 -38.89
N GLU A 51 3.54 -2.31 -40.09
CA GLU A 51 3.27 -1.52 -41.28
C GLU A 51 1.93 -0.81 -41.20
N ASP A 52 0.87 -1.53 -40.80
CA ASP A 52 -0.47 -0.91 -40.63
C ASP A 52 -0.62 -0.05 -39.39
N ARG A 53 0.36 -0.03 -38.49
CA ARG A 53 0.29 0.79 -37.25
C ARG A 53 -0.95 0.44 -36.39
N ARG A 54 -1.35 -0.84 -36.29
CA ARG A 54 -2.63 -1.16 -35.63
C ARG A 54 -2.57 -0.83 -34.16
N HIS A 55 -1.38 -0.94 -33.57
CA HIS A 55 -1.16 -0.46 -32.20
C HIS A 55 -0.09 0.68 -32.07
N ILE A 56 1.17 0.32 -31.85
CA ILE A 56 2.22 1.30 -31.78
C ILE A 56 2.27 2.16 -33.04
N THR A 57 2.43 3.48 -32.86
CA THR A 57 2.56 4.41 -34.00
C THR A 57 3.98 5.07 -34.09
N ASP A 58 4.30 5.64 -35.24
CA ASP A 58 5.46 6.54 -35.43
C ASP A 58 5.59 7.60 -34.31
N ARG A 59 4.44 8.12 -33.87
CA ARG A 59 4.41 9.08 -32.77
C ARG A 59 5.02 8.44 -31.54
N ASP A 60 4.62 7.20 -31.27
CA ASP A 60 5.15 6.41 -30.15
C ASP A 60 6.64 6.20 -30.23
N VAL A 61 7.05 5.58 -31.33
CA VAL A 61 8.45 5.28 -31.56
C VAL A 61 9.36 6.50 -31.36
N ARG A 62 9.02 7.61 -31.98
CA ARG A 62 9.84 8.79 -31.93
C ARG A 62 9.93 9.39 -30.51
N ILE A 63 8.85 9.29 -29.74
CA ILE A 63 8.94 9.73 -28.36
C ILE A 63 9.65 8.68 -27.48
N LEU A 64 9.27 7.40 -27.60
CA LEU A 64 9.91 6.40 -26.76
C LEU A 64 11.45 6.47 -26.84
N ARG A 65 11.97 6.66 -28.05
CA ARG A 65 13.40 6.66 -28.23
C ARG A 65 14.02 7.75 -27.38
N GLN A 66 13.25 8.80 -27.11
CA GLN A 66 13.82 9.93 -26.36
C GLN A 66 13.54 9.74 -24.89
N THR A 67 12.74 8.74 -24.54
CA THR A 67 12.30 8.60 -23.13
C THR A 67 12.67 7.25 -22.46
N ILE A 68 12.93 6.24 -23.27
CA ILE A 68 13.36 4.99 -22.73
C ILE A 68 14.65 5.24 -21.94
N GLN A 69 14.65 4.85 -20.69
CA GLN A 69 15.84 5.09 -19.89
C GLN A 69 16.68 3.82 -19.87
N THR A 70 16.21 2.71 -20.47
CA THR A 70 16.99 1.45 -20.55
C THR A 70 17.50 1.31 -21.99
N ARG A 71 17.08 0.23 -22.66
CA ARG A 71 17.40 -0.04 -24.05
C ARG A 71 16.06 -0.21 -24.75
N MET A 72 15.96 0.33 -25.95
CA MET A 72 14.75 0.25 -26.76
C MET A 72 14.89 -0.89 -27.74
N ASN A 73 13.90 -1.76 -27.84
CA ASN A 73 14.02 -2.80 -28.81
C ASN A 73 12.92 -2.62 -29.88
N LEU A 74 13.33 -2.41 -31.13
CA LEU A 74 12.32 -2.13 -32.17
C LEU A 74 12.04 -3.36 -32.99
N GLU A 75 10.87 -3.99 -32.78
CA GLU A 75 10.48 -5.15 -33.64
C GLU A 75 9.85 -4.58 -34.92
N MET A 76 10.22 -5.10 -36.08
CA MET A 76 9.72 -4.61 -37.39
C MET A 76 9.84 -5.71 -38.42
N ALA A 77 8.97 -5.63 -39.41
CA ALA A 77 9.05 -6.43 -40.60
C ALA A 77 10.30 -6.07 -41.45
N VAL A 78 10.81 -7.00 -42.23
CA VAL A 78 11.99 -6.69 -43.00
C VAL A 78 11.61 -5.94 -44.27
N THR A 79 11.37 -4.64 -44.13
CA THR A 79 11.12 -3.79 -45.30
C THR A 79 12.01 -2.54 -45.30
N ASP A 80 12.18 -2.00 -46.52
CA ASP A 80 12.94 -0.79 -46.76
C ASP A 80 12.36 0.39 -46.01
N GLU A 81 11.04 0.58 -46.03
CA GLU A 81 10.44 1.60 -45.16
C GLU A 81 10.89 1.48 -43.65
N MET A 82 10.94 0.25 -43.12
CA MET A 82 11.16 0.04 -41.68
C MET A 82 12.66 0.08 -41.32
N VAL A 83 13.49 -0.49 -42.18
CA VAL A 83 14.91 -0.31 -42.09
C VAL A 83 15.30 1.20 -42.13
N ASP A 84 14.59 2.05 -42.89
CA ASP A 84 14.84 3.52 -42.83
C ASP A 84 14.51 4.11 -41.45
N ILE A 85 13.29 3.85 -40.94
CA ILE A 85 12.88 4.34 -39.68
C ILE A 85 13.93 3.88 -38.65
N ALA A 86 14.26 2.58 -38.63
CA ALA A 86 15.24 2.06 -37.70
C ALA A 86 16.60 2.78 -37.78
N CYS A 87 17.09 3.03 -39.01
CA CYS A 87 18.37 3.69 -39.18
C CYS A 87 18.23 5.15 -38.82
N ASP A 88 17.03 5.66 -38.74
CA ASP A 88 16.88 7.04 -38.27
C ASP A 88 16.84 7.13 -36.71
N ILE A 89 15.89 6.39 -36.13
CA ILE A 89 15.67 6.27 -34.69
C ILE A 89 16.82 5.64 -33.89
N LYS A 90 17.57 4.76 -34.54
CA LYS A 90 18.69 4.07 -33.95
C LYS A 90 18.40 3.46 -32.57
N PRO A 91 17.49 2.47 -32.50
CA PRO A 91 17.25 1.83 -31.17
C PRO A 91 18.43 0.99 -30.85
N HIS A 92 18.61 0.68 -29.58
N HIS A 92 18.59 0.67 -29.57
CA HIS A 92 19.71 -0.20 -29.18
CA HIS A 92 19.68 -0.19 -29.15
C HIS A 92 19.57 -1.55 -29.90
C HIS A 92 19.58 -1.57 -29.84
N PHE A 93 18.34 -2.09 -29.94
CA PHE A 93 18.04 -3.37 -30.58
C PHE A 93 17.00 -3.25 -31.69
N CYS A 94 17.16 -4.09 -32.73
CA CYS A 94 16.11 -4.36 -33.69
C CYS A 94 15.86 -5.84 -33.63
N CYS A 95 14.61 -6.22 -33.83
CA CYS A 95 14.28 -7.61 -33.91
C CYS A 95 13.41 -7.82 -35.13
N LEU A 96 13.88 -8.60 -36.07
CA LEU A 96 13.22 -8.71 -37.35
C LEU A 96 12.24 -9.86 -37.25
N VAL A 97 10.99 -9.63 -37.67
CA VAL A 97 9.84 -10.53 -37.45
C VAL A 97 9.02 -10.62 -38.74
N PRO A 98 8.28 -11.71 -38.94
CA PRO A 98 7.46 -11.67 -40.13
C PRO A 98 6.11 -10.93 -39.92
N GLU A 99 5.53 -10.38 -40.98
CA GLU A 99 4.18 -9.82 -40.96
C GLU A 99 3.34 -10.18 -42.19
N LYS A 100 4.00 -10.64 -43.25
CA LYS A 100 3.39 -11.19 -44.48
C LYS A 100 3.56 -12.71 -44.56
N ARG A 101 2.56 -13.36 -45.18
CA ARG A 101 2.57 -14.79 -45.62
C ARG A 101 3.92 -15.30 -46.15
N GLN A 102 4.52 -14.57 -47.10
CA GLN A 102 5.75 -15.03 -47.78
C GLN A 102 7.01 -14.96 -46.91
N GLU A 103 6.96 -14.19 -45.82
CA GLU A 103 8.10 -14.10 -44.90
C GLU A 103 8.10 -15.08 -43.71
N VAL A 104 6.95 -15.71 -43.44
CA VAL A 104 6.77 -16.60 -42.27
C VAL A 104 6.86 -18.09 -42.65
N THR A 105 7.37 -18.87 -41.70
CA THR A 105 7.35 -20.35 -41.80
C THR A 105 5.99 -20.90 -41.35
N THR A 106 5.75 -22.19 -41.57
CA THR A 106 4.53 -22.84 -41.08
C THR A 106 4.31 -22.51 -39.61
N GLU A 107 5.41 -22.37 -38.88
CA GLU A 107 5.45 -22.32 -37.39
C GLU A 107 5.30 -20.92 -36.78
N GLY A 108 5.60 -19.87 -37.54
CA GLY A 108 5.45 -18.49 -37.07
C GLY A 108 6.74 -17.67 -37.01
N GLY A 109 7.89 -18.32 -37.15
CA GLY A 109 9.18 -17.66 -37.13
C GLY A 109 9.46 -17.05 -38.49
N LEU A 110 10.47 -16.19 -38.52
CA LEU A 110 10.86 -15.49 -39.73
C LEU A 110 11.56 -16.47 -40.62
N ASP A 111 11.24 -16.52 -41.91
CA ASP A 111 11.99 -17.38 -42.81
C ASP A 111 13.36 -16.80 -43.21
N VAL A 112 14.33 -16.84 -42.30
CA VAL A 112 15.67 -16.36 -42.64
C VAL A 112 16.26 -17.10 -43.83
N ALA A 113 16.11 -18.43 -43.87
CA ALA A 113 16.81 -19.23 -44.89
C ALA A 113 16.23 -19.10 -46.32
N GLY A 114 14.93 -18.88 -46.42
CA GLY A 114 14.32 -18.62 -47.72
C GLY A 114 14.66 -17.26 -48.36
N GLN A 115 15.19 -16.31 -47.55
CA GLN A 115 15.52 -14.97 -48.02
C GLN A 115 16.86 -14.41 -47.44
N VAL A 116 17.89 -15.24 -47.46
CA VAL A 116 19.21 -14.92 -46.90
C VAL A 116 19.80 -13.56 -47.32
N ASP A 117 19.71 -13.25 -48.61
CA ASP A 117 20.35 -12.09 -49.17
C ASP A 117 19.61 -10.84 -48.70
N LYS A 118 18.28 -10.89 -48.68
CA LYS A 118 17.48 -9.79 -48.20
C LYS A 118 17.88 -9.51 -46.72
N MET A 119 18.08 -10.58 -45.95
CA MET A 119 18.44 -10.51 -44.53
C MET A 119 19.80 -9.88 -44.25
N THR A 120 20.83 -10.49 -44.79
CA THR A 120 22.19 -9.95 -44.80
C THR A 120 22.25 -8.45 -45.08
N LEU A 121 21.38 -7.94 -45.95
CA LEU A 121 21.52 -6.58 -46.40
C LEU A 121 20.86 -5.69 -45.40
N ALA A 122 19.67 -6.09 -44.96
CA ALA A 122 18.94 -5.43 -43.88
C ALA A 122 19.84 -5.34 -42.63
N VAL A 123 20.37 -6.49 -42.21
CA VAL A 123 21.29 -6.50 -41.08
C VAL A 123 22.37 -5.45 -41.29
N GLY A 124 23.04 -5.56 -42.47
CA GLY A 124 24.15 -4.67 -42.82
C GLY A 124 23.82 -3.21 -42.57
N ARG A 125 22.64 -2.77 -42.99
CA ARG A 125 22.28 -1.38 -42.85
C ARG A 125 22.07 -0.97 -41.42
N LEU A 126 21.43 -1.85 -40.65
CA LEU A 126 21.14 -1.63 -39.23
C LEU A 126 22.41 -1.57 -38.43
N ALA A 127 23.28 -2.59 -38.57
CA ALA A 127 24.61 -2.64 -37.95
C ALA A 127 25.51 -1.46 -38.25
N ASP A 128 25.58 -1.04 -39.52
CA ASP A 128 26.42 0.12 -39.91
C ASP A 128 26.13 1.37 -39.11
N VAL A 129 24.96 1.39 -38.49
CA VAL A 129 24.52 2.55 -37.79
C VAL A 129 24.50 2.27 -36.26
N GLY A 130 25.13 1.14 -35.89
CA GLY A 130 25.30 0.74 -34.49
C GLY A 130 24.17 -0.12 -33.90
N ILE A 131 23.13 -0.42 -34.67
CA ILE A 131 22.01 -1.19 -34.06
C ILE A 131 22.43 -2.66 -33.88
N LEU A 132 21.98 -3.33 -32.83
CA LEU A 132 22.24 -4.78 -32.71
C LEU A 132 21.00 -5.61 -33.09
N VAL A 133 21.15 -6.54 -34.02
CA VAL A 133 20.05 -7.18 -34.70
C VAL A 133 19.70 -8.62 -34.27
N SER A 134 18.43 -8.84 -34.05
CA SER A 134 17.95 -10.13 -33.66
C SER A 134 17.00 -10.59 -34.74
N LEU A 135 16.99 -11.88 -35.05
CA LEU A 135 16.01 -12.41 -35.95
C LEU A 135 15.17 -13.38 -35.13
N PHE A 136 13.87 -13.16 -35.14
CA PHE A 136 12.90 -14.00 -34.39
C PHE A 136 12.69 -15.23 -35.22
N ILE A 137 13.27 -16.33 -34.77
CA ILE A 137 13.21 -17.56 -35.52
C ILE A 137 12.64 -18.73 -34.75
N ASP A 138 12.35 -19.81 -35.48
CA ASP A 138 11.89 -21.05 -34.86
C ASP A 138 13.07 -21.73 -34.24
N ALA A 139 12.77 -22.69 -33.37
CA ALA A 139 13.81 -23.49 -32.82
C ALA A 139 14.20 -24.60 -33.85
N ASP A 140 15.11 -24.23 -34.75
CA ASP A 140 15.36 -24.92 -36.00
C ASP A 140 16.81 -24.66 -36.35
N PHE A 141 17.59 -25.74 -36.46
CA PHE A 141 19.03 -25.63 -36.73
C PHE A 141 19.35 -24.97 -38.08
N ARG A 142 18.49 -25.18 -39.08
CA ARG A 142 18.63 -24.57 -40.40
C ARG A 142 18.41 -23.03 -40.36
N GLN A 143 17.43 -22.58 -39.59
CA GLN A 143 17.16 -21.14 -39.47
C GLN A 143 18.22 -20.45 -38.66
N ILE A 144 18.79 -21.19 -37.71
CA ILE A 144 19.87 -20.67 -36.91
C ILE A 144 21.10 -20.40 -37.78
N ASP A 145 21.39 -21.33 -38.70
CA ASP A 145 22.58 -21.23 -39.56
C ASP A 145 22.42 -20.02 -40.44
N ALA A 146 21.22 -19.89 -40.98
CA ALA A 146 20.89 -18.75 -41.83
C ALA A 146 21.20 -17.39 -41.17
N ALA A 147 20.83 -17.25 -39.88
CA ALA A 147 20.99 -16.01 -39.12
C ALA A 147 22.45 -15.68 -38.89
N VAL A 148 23.25 -16.72 -38.66
CA VAL A 148 24.71 -16.56 -38.62
C VAL A 148 25.28 -16.01 -39.95
N ALA A 149 24.98 -16.68 -41.07
CA ALA A 149 25.40 -16.21 -42.40
C ALA A 149 24.81 -14.82 -42.66
N ALA A 150 23.64 -14.53 -42.07
CA ALA A 150 23.09 -13.18 -42.15
C ALA A 150 23.90 -12.15 -41.37
N GLY A 151 24.77 -12.58 -40.45
CA GLY A 151 25.53 -11.64 -39.68
C GLY A 151 24.75 -11.09 -38.47
N ALA A 152 23.55 -11.63 -38.20
CA ALA A 152 22.76 -11.19 -37.05
C ALA A 152 23.44 -11.66 -35.79
N PRO A 153 23.84 -10.73 -34.90
CA PRO A 153 24.51 -11.13 -33.62
C PRO A 153 23.61 -11.92 -32.61
N TYR A 154 22.29 -11.73 -32.76
CA TYR A 154 21.27 -12.20 -31.82
C TYR A 154 20.18 -12.96 -32.58
N ILE A 155 19.60 -13.93 -31.90
CA ILE A 155 18.32 -14.47 -32.33
C ILE A 155 17.35 -14.44 -31.14
N GLU A 156 16.09 -14.61 -31.48
CA GLU A 156 15.02 -14.75 -30.50
C GLU A 156 14.19 -15.95 -30.91
N ILE A 157 14.09 -16.92 -30.00
CA ILE A 157 13.45 -18.14 -30.34
C ILE A 157 11.99 -18.04 -29.98
N HIS A 158 11.18 -18.47 -30.93
CA HIS A 158 9.77 -18.34 -30.88
C HIS A 158 9.23 -19.35 -29.89
N THR A 159 8.71 -18.90 -28.73
CA THR A 159 8.21 -19.83 -27.71
C THR A 159 6.74 -20.26 -27.82
N GLY A 160 6.15 -20.04 -28.99
CA GLY A 160 4.72 -20.30 -29.22
C GLY A 160 4.29 -21.74 -29.05
N ALA A 161 4.89 -22.64 -29.83
CA ALA A 161 4.63 -24.07 -29.68
C ALA A 161 4.78 -24.47 -28.22
N TYR A 162 5.84 -23.98 -27.58
CA TYR A 162 6.04 -24.28 -26.18
C TYR A 162 4.85 -23.80 -25.34
N ALA A 163 4.32 -22.60 -25.63
CA ALA A 163 3.18 -22.01 -24.89
C ALA A 163 1.83 -22.74 -25.10
N ASP A 164 1.60 -23.26 -26.31
CA ASP A 164 0.27 -23.76 -26.71
C ASP A 164 0.07 -25.25 -26.51
N ALA A 165 1.15 -25.99 -26.29
CA ALA A 165 1.10 -27.42 -25.96
C ALA A 165 -0.06 -27.79 -25.03
N SER A 166 -0.94 -28.66 -25.53
CA SER A 166 -2.11 -29.15 -24.81
C SER A 166 -1.75 -30.10 -23.66
N THR A 167 -0.69 -30.91 -23.85
CA THR A 167 -0.35 -32.06 -22.98
C THR A 167 1.10 -32.05 -22.45
N VAL A 168 1.36 -32.87 -21.40
CA VAL A 168 2.68 -33.02 -20.72
C VAL A 168 3.87 -33.49 -21.61
N LEU A 169 3.62 -34.43 -22.52
CA LEU A 169 4.67 -34.93 -23.45
C LEU A 169 5.04 -33.85 -24.46
N GLU A 170 4.02 -33.25 -25.05
CA GLU A 170 4.15 -32.14 -25.99
C GLU A 170 4.98 -30.97 -25.40
N ARG A 171 4.62 -30.54 -24.20
CA ARG A 171 5.32 -29.47 -23.48
C ARG A 171 6.81 -29.78 -23.35
N GLN A 172 7.09 -30.98 -22.86
CA GLN A 172 8.44 -31.54 -22.73
C GLN A 172 9.26 -31.49 -24.03
N ALA A 173 8.67 -31.97 -25.13
CA ALA A 173 9.34 -32.01 -26.44
C ALA A 173 9.69 -30.60 -26.95
N GLU A 174 8.68 -29.71 -27.01
CA GLU A 174 8.84 -28.31 -27.40
C GLU A 174 9.92 -27.61 -26.58
N LEU A 175 9.89 -27.83 -25.26
CA LEU A 175 10.92 -27.38 -24.33
C LEU A 175 12.31 -27.86 -24.70
N MET A 176 12.45 -29.15 -24.98
CA MET A 176 13.74 -29.71 -25.41
C MET A 176 14.14 -29.15 -26.77
N ARG A 177 13.16 -28.84 -27.63
CA ARG A 177 13.47 -28.26 -28.93
C ARG A 177 14.13 -26.87 -28.75
N ILE A 178 13.51 -26.04 -27.93
CA ILE A 178 14.08 -24.77 -27.57
C ILE A 178 15.47 -24.95 -26.90
N ALA A 179 15.55 -25.90 -25.95
CA ALA A 179 16.77 -26.11 -25.18
C ALA A 179 17.94 -26.36 -26.11
N LYS A 180 17.76 -27.32 -27.03
CA LYS A 180 18.76 -27.71 -28.05
C LYS A 180 19.14 -26.56 -28.99
N ALA A 181 18.12 -25.84 -29.45
CA ALA A 181 18.33 -24.69 -30.32
C ALA A 181 19.16 -23.60 -29.62
N ALA A 182 18.82 -23.28 -28.37
CA ALA A 182 19.63 -22.33 -27.56
C ALA A 182 21.09 -22.80 -27.45
N THR A 183 21.30 -24.08 -27.13
CA THR A 183 22.68 -24.61 -27.04
C THR A 183 23.45 -24.47 -28.36
N TYR A 184 22.78 -24.79 -29.46
CA TYR A 184 23.39 -24.69 -30.74
C TYR A 184 23.70 -23.21 -31.11
N ALA A 185 22.70 -22.33 -31.00
CA ALA A 185 22.84 -20.90 -31.39
C ALA A 185 24.04 -20.28 -30.71
N ALA A 186 24.11 -20.51 -29.40
CA ALA A 186 25.20 -20.06 -28.56
C ALA A 186 26.55 -20.65 -28.99
N GLY A 187 26.58 -21.97 -29.24
CA GLY A 187 27.77 -22.63 -29.82
C GLY A 187 28.35 -21.77 -30.95
N LYS A 188 27.50 -21.49 -31.94
CA LYS A 188 27.90 -20.70 -33.08
C LYS A 188 28.05 -19.22 -32.75
N GLY A 189 28.13 -18.90 -31.46
CA GLY A 189 28.45 -17.56 -30.99
C GLY A 189 27.32 -16.53 -30.94
N LEU A 190 26.09 -16.98 -31.17
CA LEU A 190 24.93 -16.12 -31.10
C LEU A 190 24.52 -15.89 -29.64
N LYS A 191 24.06 -14.66 -29.36
CA LYS A 191 23.37 -14.31 -28.12
C LYS A 191 21.89 -14.69 -28.32
N VAL A 192 21.26 -15.26 -27.30
CA VAL A 192 19.98 -15.94 -27.50
C VAL A 192 18.89 -15.39 -26.62
N ASN A 193 17.84 -14.88 -27.24
CA ASN A 193 16.63 -14.39 -26.59
C ASN A 193 15.45 -15.32 -26.90
N ALA A 194 14.37 -15.20 -26.13
CA ALA A 194 13.16 -16.00 -26.35
C ALA A 194 11.94 -15.16 -26.07
N GLY A 195 10.83 -15.49 -26.74
CA GLY A 195 9.61 -14.81 -26.47
C GLY A 195 8.52 -15.27 -27.38
N HIS A 196 7.32 -14.85 -27.00
CA HIS A 196 6.01 -15.21 -27.56
C HIS A 196 5.26 -16.20 -26.74
N GLY A 197 4.18 -15.71 -26.14
CA GLY A 197 3.29 -16.56 -25.40
C GLY A 197 3.75 -16.94 -24.00
N LEU A 198 4.84 -16.33 -23.51
CA LEU A 198 5.25 -16.59 -22.15
C LEU A 198 4.29 -15.92 -21.18
N THR A 199 4.03 -16.58 -20.04
CA THR A 199 3.05 -16.17 -19.01
C THR A 199 3.65 -16.24 -17.59
N TYR A 200 2.87 -15.85 -16.58
CA TYR A 200 3.26 -16.05 -15.20
C TYR A 200 3.31 -17.56 -14.82
N HIS A 201 2.83 -18.42 -15.72
CA HIS A 201 2.70 -19.82 -15.40
C HIS A 201 3.51 -20.77 -16.20
N ASN A 202 4.19 -20.28 -17.26
CA ASN A 202 5.07 -21.13 -18.04
C ASN A 202 6.49 -20.58 -18.19
N VAL A 203 6.76 -19.45 -17.57
CA VAL A 203 8.03 -18.77 -17.82
C VAL A 203 9.29 -19.49 -17.26
N GLN A 204 9.17 -20.06 -16.08
CA GLN A 204 10.33 -20.64 -15.42
C GLN A 204 11.14 -21.63 -16.23
N PRO A 205 10.49 -22.60 -16.86
CA PRO A 205 11.35 -23.54 -17.57
C PRO A 205 12.16 -22.87 -18.69
N ILE A 206 11.59 -21.84 -19.32
CA ILE A 206 12.29 -21.07 -20.33
C ILE A 206 13.33 -20.19 -19.66
N ALA A 207 12.98 -19.63 -18.52
CA ALA A 207 13.92 -18.80 -17.77
C ALA A 207 15.17 -19.57 -17.31
N ALA A 208 15.02 -20.87 -17.08
CA ALA A 208 16.02 -21.69 -16.41
C ALA A 208 17.17 -22.03 -17.34
N LEU A 209 16.90 -21.96 -18.66
CA LEU A 209 17.90 -22.26 -19.70
C LEU A 209 19.13 -21.36 -19.58
N PRO A 210 20.33 -21.94 -19.37
CA PRO A 210 21.56 -21.13 -19.20
C PRO A 210 21.84 -20.10 -20.31
N GLU A 211 21.47 -20.40 -21.55
CA GLU A 211 21.84 -19.56 -22.69
C GLU A 211 20.99 -18.35 -22.88
N MET A 212 19.77 -18.39 -22.36
CA MET A 212 18.85 -17.29 -22.57
C MET A 212 19.48 -16.02 -22.04
N HIS A 213 19.35 -14.97 -22.82
CA HIS A 213 19.93 -13.70 -22.51
C HIS A 213 18.78 -12.81 -22.02
N GLU A 214 17.77 -12.60 -22.88
CA GLU A 214 16.66 -11.79 -22.48
C GLU A 214 15.36 -12.49 -22.85
N LEU A 215 14.38 -12.41 -21.95
CA LEU A 215 13.04 -12.87 -22.32
C LEU A 215 12.16 -11.68 -22.77
N ASN A 216 11.57 -11.78 -23.95
CA ASN A 216 10.64 -10.73 -24.46
C ASN A 216 9.14 -11.11 -24.30
N ILE A 217 8.44 -10.26 -23.54
CA ILE A 217 7.14 -10.64 -23.00
C ILE A 217 6.20 -9.45 -22.90
N GLY A 218 4.99 -9.60 -23.48
CA GLY A 218 4.07 -8.48 -23.62
C GLY A 218 2.68 -8.80 -23.11
N HIS A 219 1.92 -9.60 -23.88
CA HIS A 219 0.52 -9.80 -23.58
C HIS A 219 0.15 -10.23 -22.16
N ALA A 220 0.90 -11.17 -21.57
CA ALA A 220 0.59 -11.64 -20.25
C ALA A 220 0.80 -10.52 -19.28
N ILE A 221 1.90 -9.78 -19.42
CA ILE A 221 2.10 -8.65 -18.55
C ILE A 221 0.97 -7.62 -18.69
N ILE A 222 0.76 -7.09 -19.89
CA ILE A 222 -0.33 -6.12 -20.09
C ILE A 222 -1.64 -6.68 -19.53
N GLY A 223 -1.86 -7.98 -19.71
CA GLY A 223 -3.09 -8.62 -19.25
C GLY A 223 -3.26 -8.70 -17.75
N GLN A 224 -2.14 -8.91 -17.05
CA GLN A 224 -2.15 -8.81 -15.60
C GLN A 224 -2.27 -7.34 -15.20
N ALA A 225 -1.58 -6.45 -15.90
CA ALA A 225 -1.59 -5.05 -15.59
C ALA A 225 -3.01 -4.44 -15.48
N VAL A 226 -3.94 -4.75 -16.38
CA VAL A 226 -5.30 -4.19 -16.16
C VAL A 226 -5.98 -4.53 -14.86
N MET A 227 -5.64 -5.63 -14.23
CA MET A 227 -6.20 -5.94 -12.94
C MET A 227 -5.38 -5.32 -11.82
N THR A 228 -4.08 -5.65 -11.80
CA THR A 228 -3.22 -5.29 -10.66
C THR A 228 -2.29 -4.07 -10.91
N GLY A 229 -2.21 -3.57 -12.13
CA GLY A 229 -1.36 -2.43 -12.43
C GLY A 229 -0.03 -2.90 -12.96
N LEU A 230 0.58 -2.12 -13.85
CA LEU A 230 1.77 -2.56 -14.54
C LEU A 230 2.98 -2.68 -13.61
N ALA A 231 3.09 -1.82 -12.59
CA ALA A 231 4.24 -1.96 -11.70
C ALA A 231 4.28 -3.35 -11.01
N ALA A 232 3.17 -3.73 -10.39
CA ALA A 232 3.03 -5.06 -9.87
C ALA A 232 3.24 -6.14 -10.94
N ALA A 233 2.72 -5.98 -12.14
CA ALA A 233 2.82 -7.06 -13.10
C ALA A 233 4.23 -7.29 -13.57
N VAL A 234 4.98 -6.22 -13.70
CA VAL A 234 6.35 -6.33 -14.17
C VAL A 234 7.25 -6.91 -13.07
N THR A 235 7.25 -6.30 -11.87
CA THR A 235 7.94 -6.87 -10.69
C THR A 235 7.73 -8.39 -10.49
N ASP A 236 6.48 -8.86 -10.56
CA ASP A 236 6.12 -10.29 -10.41
C ASP A 236 6.67 -11.19 -11.52
N MET A 237 6.71 -10.70 -12.77
CA MET A 237 7.40 -11.47 -13.77
C MET A 237 8.92 -11.45 -13.49
N LYS A 238 9.47 -10.31 -13.12
CA LYS A 238 10.88 -10.25 -12.87
C LYS A 238 11.20 -11.24 -11.72
N VAL A 239 10.45 -11.22 -10.61
CA VAL A 239 10.63 -12.15 -9.50
C VAL A 239 10.61 -13.61 -9.98
N LEU A 240 9.62 -14.01 -10.77
CA LEU A 240 9.57 -15.42 -11.19
C LEU A 240 10.84 -15.82 -11.94
N MET A 241 11.30 -14.91 -12.78
CA MET A 241 12.51 -15.09 -13.59
C MET A 241 13.81 -15.20 -12.78
N ARG A 242 13.94 -14.36 -11.75
N ARG A 242 13.95 -14.38 -11.74
CA ARG A 242 15.03 -14.46 -10.77
CA ARG A 242 15.07 -14.51 -10.80
C ARG A 242 14.99 -15.86 -10.14
C ARG A 242 15.01 -15.88 -10.13
N GLU A 243 13.81 -16.28 -9.72
CA GLU A 243 13.64 -17.52 -8.95
C GLU A 243 13.91 -18.77 -9.76
N ALA A 244 13.65 -18.63 -11.05
CA ALA A 244 13.89 -19.68 -12.01
C ALA A 244 15.35 -20.11 -12.12
N ARG A 245 16.26 -19.20 -11.78
CA ARG A 245 17.70 -19.45 -11.96
C ARG A 245 18.46 -19.65 -10.64
N ARG A 246 17.74 -20.09 -9.62
CA ARG A 246 18.35 -20.28 -8.30
C ARG A 246 19.25 -21.54 -8.24
N ALA B 5 -29.56 13.79 -4.79
CA ALA B 5 -28.34 13.56 -3.97
C ALA B 5 -27.38 12.58 -4.64
N ASP B 6 -27.74 11.29 -4.61
CA ASP B 6 -26.81 10.12 -4.81
C ASP B 6 -26.57 9.65 -6.29
N LEU B 7 -25.30 9.59 -6.71
CA LEU B 7 -24.98 9.33 -8.12
C LEU B 7 -24.30 8.00 -8.31
N LEU B 8 -24.92 7.13 -9.10
CA LEU B 8 -24.44 5.77 -9.30
C LEU B 8 -23.41 5.75 -10.44
N LEU B 9 -22.50 4.79 -10.38
CA LEU B 9 -21.48 4.58 -11.40
C LEU B 9 -21.63 3.18 -11.97
N GLY B 10 -21.87 3.12 -13.28
CA GLY B 10 -21.90 1.84 -13.98
C GLY B 10 -20.57 1.74 -14.73
N VAL B 11 -19.84 0.65 -14.50
CA VAL B 11 -18.50 0.54 -15.11
C VAL B 11 -18.64 -0.36 -16.31
N ASN B 12 -18.32 0.17 -17.49
CA ASN B 12 -18.43 -0.68 -18.67
C ASN B 12 -17.15 -1.45 -18.84
N ILE B 13 -17.24 -2.76 -18.75
CA ILE B 13 -16.01 -3.55 -18.79
C ILE B 13 -15.65 -4.06 -20.17
N ASP B 14 -16.22 -3.46 -21.21
CA ASP B 14 -16.00 -3.93 -22.59
C ASP B 14 -14.51 -4.12 -22.95
N HIS B 15 -13.70 -3.14 -22.55
CA HIS B 15 -12.32 -3.06 -23.09
C HIS B 15 -11.34 -3.93 -22.37
N ILE B 16 -11.72 -4.48 -21.22
CA ILE B 16 -11.04 -5.67 -20.68
C ILE B 16 -10.98 -6.68 -21.82
N ALA B 17 -12.13 -6.96 -22.43
CA ALA B 17 -12.18 -7.91 -23.54
C ALA B 17 -11.48 -7.45 -24.81
N THR B 18 -11.49 -6.15 -25.11
CA THR B 18 -10.69 -5.66 -26.19
C THR B 18 -9.33 -6.28 -25.97
N LEU B 19 -8.79 -6.11 -24.77
CA LEU B 19 -7.42 -6.64 -24.46
C LEU B 19 -7.27 -8.13 -24.66
N ARG B 20 -8.30 -8.89 -24.30
CA ARG B 20 -8.18 -10.35 -24.44
C ARG B 20 -8.28 -10.87 -25.88
N ASN B 21 -9.26 -10.37 -26.64
CA ASN B 21 -9.59 -10.85 -28.01
C ASN B 21 -8.50 -10.58 -29.06
N ALA B 22 -7.70 -9.54 -28.80
CA ALA B 22 -6.48 -9.31 -29.53
C ALA B 22 -5.70 -10.61 -29.73
N ARG B 23 -5.54 -11.41 -28.66
CA ARG B 23 -4.95 -12.76 -28.73
C ARG B 23 -6.05 -13.75 -28.49
N GLY B 24 -5.76 -15.03 -28.62
CA GLY B 24 -6.86 -15.95 -28.44
C GLY B 24 -7.11 -16.32 -26.99
N THR B 25 -6.55 -15.57 -26.04
CA THR B 25 -6.43 -16.02 -24.64
C THR B 25 -7.69 -15.91 -23.77
N ILE B 26 -7.50 -16.38 -22.54
CA ILE B 26 -8.54 -16.48 -21.56
C ILE B 26 -8.55 -15.24 -20.68
N TYR B 27 -7.39 -14.58 -20.61
CA TYR B 27 -7.16 -13.34 -19.82
C TYR B 27 -6.91 -12.19 -20.77
N PRO B 28 -7.15 -10.93 -20.33
CA PRO B 28 -7.77 -10.68 -19.03
C PRO B 28 -9.24 -10.98 -19.13
N ASP B 29 -9.82 -11.41 -18.01
CA ASP B 29 -11.20 -11.89 -18.00
C ASP B 29 -12.14 -10.84 -17.44
N PRO B 30 -13.16 -10.45 -18.23
CA PRO B 30 -14.19 -9.48 -17.82
C PRO B 30 -14.93 -9.92 -16.52
N VAL B 31 -15.00 -11.24 -16.29
CA VAL B 31 -15.58 -11.78 -15.09
C VAL B 31 -14.84 -11.27 -13.84
N GLN B 32 -13.52 -11.30 -13.87
CA GLN B 32 -12.72 -10.73 -12.78
C GLN B 32 -12.90 -9.19 -12.72
N ALA B 33 -13.02 -8.53 -13.85
CA ALA B 33 -12.98 -7.07 -13.79
C ALA B 33 -14.26 -6.65 -13.03
N ALA B 34 -15.29 -7.46 -13.23
CA ALA B 34 -16.55 -7.20 -12.61
C ALA B 34 -16.47 -7.28 -11.09
N PHE B 35 -15.84 -8.33 -10.52
CA PHE B 35 -15.71 -8.39 -9.04
C PHE B 35 -14.94 -7.20 -8.57
N ILE B 36 -13.89 -6.85 -9.31
CA ILE B 36 -12.99 -5.81 -8.83
C ILE B 36 -13.73 -4.50 -8.81
N ALA B 37 -14.51 -4.26 -9.88
CA ALA B 37 -15.15 -2.97 -10.10
C ALA B 37 -16.23 -2.81 -9.04
N GLU B 38 -17.15 -3.77 -8.99
CA GLU B 38 -18.20 -3.80 -7.99
C GLU B 38 -17.70 -3.50 -6.56
N GLN B 39 -16.45 -3.88 -6.29
CA GLN B 39 -15.96 -3.90 -4.92
C GLN B 39 -15.15 -2.67 -4.60
N ALA B 40 -14.87 -1.90 -5.63
CA ALA B 40 -14.09 -0.70 -5.49
C ALA B 40 -15.03 0.46 -5.69
N GLY B 41 -16.34 0.17 -5.74
CA GLY B 41 -17.36 1.21 -5.75
C GLY B 41 -18.23 1.36 -6.96
N ALA B 42 -18.17 0.45 -7.93
CA ALA B 42 -19.10 0.53 -9.05
C ALA B 42 -20.46 0.08 -8.53
N ASP B 43 -21.55 0.62 -9.07
CA ASP B 43 -22.83 0.22 -8.56
C ASP B 43 -23.50 -0.68 -9.53
N GLY B 44 -22.95 -0.81 -10.73
CA GLY B 44 -23.47 -1.75 -11.71
C GLY B 44 -22.37 -2.09 -12.71
N ILE B 45 -22.59 -3.15 -13.50
CA ILE B 45 -21.66 -3.60 -14.53
C ILE B 45 -22.39 -3.51 -15.87
N THR B 46 -21.76 -2.83 -16.83
CA THR B 46 -22.31 -2.70 -18.12
C THR B 46 -21.47 -3.53 -19.05
N VAL B 47 -22.12 -4.29 -19.92
CA VAL B 47 -21.40 -4.80 -21.09
C VAL B 47 -22.22 -4.66 -22.31
N HIS B 48 -21.54 -4.41 -23.42
CA HIS B 48 -22.19 -4.27 -24.73
C HIS B 48 -21.90 -5.51 -25.52
N LEU B 49 -22.96 -6.25 -25.85
CA LEU B 49 -22.84 -7.42 -26.69
C LEU B 49 -23.10 -6.95 -28.11
N ARG B 50 -22.03 -6.77 -28.87
CA ARG B 50 -22.12 -6.46 -30.30
C ARG B 50 -22.58 -7.67 -31.13
N GLU B 51 -23.27 -7.40 -32.22
CA GLU B 51 -23.60 -8.49 -33.16
C GLU B 51 -22.33 -9.14 -33.59
N ASP B 52 -21.27 -8.35 -33.74
CA ASP B 52 -19.98 -8.90 -34.15
C ASP B 52 -19.13 -9.52 -33.00
N ARG B 53 -19.66 -9.47 -31.75
CA ARG B 53 -18.95 -9.92 -30.51
C ARG B 53 -17.46 -9.58 -30.55
N ARG B 54 -17.11 -8.36 -30.92
CA ARG B 54 -15.68 -8.10 -31.08
C ARG B 54 -14.93 -8.00 -29.72
N HIS B 55 -15.67 -7.72 -28.66
CA HIS B 55 -15.10 -7.70 -27.33
C HIS B 55 -15.79 -8.69 -26.41
N ILE B 56 -16.93 -8.31 -25.88
CA ILE B 56 -17.70 -9.18 -25.02
C ILE B 56 -18.39 -10.29 -25.83
N THR B 57 -18.27 -11.52 -25.35
CA THR B 57 -18.86 -12.71 -25.98
C THR B 57 -20.09 -13.22 -25.19
N ASP B 58 -20.77 -14.26 -25.71
CA ASP B 58 -21.91 -14.93 -24.99
C ASP B 58 -21.39 -15.67 -23.76
N ARG B 59 -20.27 -16.36 -23.91
CA ARG B 59 -19.58 -16.92 -22.78
C ARG B 59 -19.52 -15.84 -21.68
N ASP B 60 -19.04 -14.63 -22.02
CA ASP B 60 -18.93 -13.55 -21.02
C ASP B 60 -20.26 -13.23 -20.35
N VAL B 61 -21.27 -12.93 -21.16
CA VAL B 61 -22.58 -12.60 -20.63
C VAL B 61 -23.10 -13.74 -19.72
N ARG B 62 -23.02 -14.98 -20.23
CA ARG B 62 -23.53 -16.12 -19.49
C ARG B 62 -22.91 -16.21 -18.08
N ILE B 63 -21.61 -16.02 -17.96
CA ILE B 63 -20.96 -16.21 -16.69
C ILE B 63 -21.26 -15.00 -15.81
N LEU B 64 -21.12 -13.81 -16.38
CA LEU B 64 -21.38 -12.58 -15.66
C LEU B 64 -22.78 -12.56 -15.02
N ARG B 65 -23.74 -12.95 -15.83
CA ARG B 65 -25.06 -13.12 -15.32
C ARG B 65 -25.08 -13.85 -13.96
N GLN B 66 -24.19 -14.84 -13.78
CA GLN B 66 -24.21 -15.63 -12.52
C GLN B 66 -23.22 -15.11 -11.46
N THR B 67 -22.34 -14.16 -11.86
CA THR B 67 -21.27 -13.74 -10.94
C THR B 67 -21.43 -12.33 -10.40
N ILE B 68 -22.12 -11.50 -11.18
CA ILE B 68 -22.39 -10.13 -10.85
C ILE B 68 -23.13 -10.02 -9.50
N GLN B 69 -22.61 -9.19 -8.60
CA GLN B 69 -23.24 -9.02 -7.28
C GLN B 69 -24.06 -7.73 -7.17
N THR B 70 -23.92 -6.81 -8.12
CA THR B 70 -24.65 -5.54 -8.10
C THR B 70 -25.83 -5.71 -9.03
N ARG B 71 -25.79 -5.05 -10.19
N ARG B 71 -25.75 -5.10 -10.22
CA ARG B 71 -26.81 -5.27 -11.24
CA ARG B 71 -26.72 -5.37 -11.27
C ARG B 71 -26.16 -5.17 -12.64
C ARG B 71 -26.05 -5.29 -12.62
N MET B 72 -26.64 -5.98 -13.59
CA MET B 72 -26.13 -6.03 -14.96
C MET B 72 -26.90 -5.08 -15.87
N ASN B 73 -26.14 -4.41 -16.74
CA ASN B 73 -26.68 -3.55 -17.78
C ASN B 73 -26.11 -3.97 -19.13
N LEU B 74 -27.01 -4.46 -19.96
CA LEU B 74 -26.65 -5.04 -21.22
C LEU B 74 -26.93 -4.05 -22.35
N GLU B 75 -25.87 -3.69 -23.06
CA GLU B 75 -25.97 -2.73 -24.14
C GLU B 75 -26.08 -3.52 -25.39
N MET B 76 -27.00 -3.08 -26.26
CA MET B 76 -27.39 -3.86 -27.38
C MET B 76 -28.11 -3.01 -28.39
N ALA B 77 -28.04 -3.46 -29.62
CA ALA B 77 -28.74 -2.92 -30.71
C ALA B 77 -30.12 -3.55 -30.69
N VAL B 78 -31.03 -2.94 -31.43
CA VAL B 78 -32.42 -3.38 -31.49
C VAL B 78 -32.54 -4.34 -32.63
N THR B 79 -32.32 -5.61 -32.35
CA THR B 79 -32.50 -6.66 -33.33
C THR B 79 -33.37 -7.71 -32.65
N ASP B 80 -33.98 -8.56 -33.45
N ASP B 80 -33.97 -8.61 -33.41
CA ASP B 80 -34.70 -9.70 -32.95
CA ASP B 80 -34.70 -9.67 -32.73
C ASP B 80 -33.81 -10.60 -32.05
C ASP B 80 -33.77 -10.61 -31.96
N GLU B 81 -32.64 -10.97 -32.56
CA GLU B 81 -31.65 -11.85 -31.87
C GLU B 81 -31.24 -11.27 -30.52
N MET B 82 -30.98 -9.98 -30.51
CA MET B 82 -30.55 -9.33 -29.28
C MET B 82 -31.65 -9.24 -28.22
N VAL B 83 -32.88 -9.04 -28.69
CA VAL B 83 -34.03 -8.97 -27.79
C VAL B 83 -34.35 -10.37 -27.25
N ASP B 84 -34.27 -11.37 -28.12
CA ASP B 84 -34.34 -12.74 -27.65
C ASP B 84 -33.32 -13.05 -26.59
N ILE B 85 -32.05 -12.67 -26.83
CA ILE B 85 -30.97 -13.00 -25.87
C ILE B 85 -31.23 -12.34 -24.54
N ALA B 86 -31.74 -11.11 -24.58
CA ALA B 86 -31.95 -10.31 -23.37
C ALA B 86 -33.19 -10.78 -22.62
N CYS B 87 -34.10 -11.43 -23.34
CA CYS B 87 -35.23 -12.05 -22.70
C CYS B 87 -34.82 -13.32 -21.92
N ASP B 88 -33.75 -13.98 -22.38
CA ASP B 88 -33.24 -15.18 -21.72
C ASP B 88 -32.40 -14.83 -20.50
N ILE B 89 -31.47 -13.91 -20.74
CA ILE B 89 -30.49 -13.48 -19.75
C ILE B 89 -31.09 -12.67 -18.62
N LYS B 90 -32.13 -11.89 -18.93
CA LYS B 90 -32.80 -11.01 -17.98
C LYS B 90 -31.85 -10.12 -17.17
N PRO B 91 -31.19 -9.13 -17.79
CA PRO B 91 -30.46 -8.20 -16.94
C PRO B 91 -31.42 -7.27 -16.17
N HIS B 92 -30.93 -6.66 -15.11
CA HIS B 92 -31.67 -5.60 -14.47
C HIS B 92 -31.93 -4.44 -15.43
N PHE B 93 -30.89 -3.94 -16.11
CA PHE B 93 -31.11 -2.92 -17.14
C PHE B 93 -30.84 -3.43 -18.55
N CYS B 94 -31.52 -2.81 -19.49
CA CYS B 94 -31.14 -2.85 -20.88
C CYS B 94 -30.94 -1.43 -21.42
N CYS B 95 -29.76 -1.18 -22.02
CA CYS B 95 -29.49 0.04 -22.81
C CYS B 95 -29.48 -0.19 -24.35
N LEU B 96 -30.45 0.45 -25.03
CA LEU B 96 -30.61 0.36 -26.48
C LEU B 96 -29.77 1.42 -27.15
N VAL B 97 -29.07 0.99 -28.20
CA VAL B 97 -27.93 1.69 -28.72
C VAL B 97 -27.82 1.48 -30.28
N PRO B 98 -27.49 2.53 -31.06
CA PRO B 98 -27.20 2.30 -32.49
C PRO B 98 -25.92 1.45 -32.72
N GLU B 99 -25.94 0.59 -33.72
CA GLU B 99 -24.76 -0.21 -34.12
C GLU B 99 -24.57 -0.17 -35.65
N LYS B 100 -25.68 -0.27 -36.36
CA LYS B 100 -25.64 -0.14 -37.81
C LYS B 100 -25.82 1.33 -38.24
N ARG B 101 -25.47 1.58 -39.50
CA ARG B 101 -25.70 2.85 -40.19
C ARG B 101 -27.17 3.39 -40.18
N GLN B 102 -28.15 2.49 -39.99
CA GLN B 102 -29.60 2.83 -39.97
C GLN B 102 -30.16 3.18 -38.59
N GLU B 103 -29.35 2.98 -37.56
CA GLU B 103 -29.80 3.14 -36.16
C GLU B 103 -29.37 4.49 -35.56
N GLY B 108 -23.43 9.24 -32.76
CA GLY B 108 -24.69 9.86 -32.28
C GLY B 108 -25.52 8.91 -31.40
N GLY B 109 -26.60 9.42 -30.82
CA GLY B 109 -27.52 8.56 -30.08
C GLY B 109 -28.44 7.78 -31.03
N LEU B 110 -29.28 6.93 -30.45
CA LEU B 110 -30.36 6.31 -31.19
C LEU B 110 -31.39 7.30 -31.74
N ASP B 111 -31.87 7.02 -32.95
CA ASP B 111 -32.95 7.81 -33.55
C ASP B 111 -34.32 7.25 -33.22
N VAL B 112 -34.73 7.50 -31.99
CA VAL B 112 -35.98 7.00 -31.45
C VAL B 112 -37.13 7.66 -32.23
N ALA B 113 -37.08 8.98 -32.34
CA ALA B 113 -38.13 9.68 -33.07
C ALA B 113 -38.33 9.12 -34.51
N GLY B 114 -37.28 9.11 -35.33
CA GLY B 114 -37.36 8.49 -36.64
C GLY B 114 -37.97 7.09 -36.67
N GLN B 115 -37.75 6.28 -35.61
CA GLN B 115 -38.22 4.89 -35.57
C GLN B 115 -39.04 4.58 -34.31
N VAL B 116 -40.07 5.37 -34.05
CA VAL B 116 -40.78 5.27 -32.77
C VAL B 116 -41.60 4.01 -32.60
N ASP B 117 -42.09 3.45 -33.71
CA ASP B 117 -42.89 2.26 -33.59
C ASP B 117 -42.03 1.04 -33.23
N LYS B 118 -40.91 0.89 -33.93
CA LYS B 118 -39.94 -0.17 -33.68
C LYS B 118 -39.38 -0.15 -32.26
N MET B 119 -39.07 1.04 -31.77
CA MET B 119 -38.54 1.23 -30.44
C MET B 119 -39.64 0.91 -29.40
N THR B 120 -40.88 1.20 -29.75
CA THR B 120 -41.99 0.90 -28.88
C THR B 120 -42.18 -0.60 -28.76
N LEU B 121 -42.09 -1.33 -29.87
CA LEU B 121 -42.24 -2.76 -29.85
C LEU B 121 -41.12 -3.32 -28.97
N ALA B 122 -39.89 -2.83 -29.20
CA ALA B 122 -38.71 -3.33 -28.50
C ALA B 122 -38.74 -3.02 -27.01
N VAL B 123 -38.85 -1.76 -26.66
CA VAL B 123 -39.12 -1.40 -25.26
C VAL B 123 -40.18 -2.32 -24.62
N GLY B 124 -41.25 -2.59 -25.36
CA GLY B 124 -42.38 -3.40 -24.84
C GLY B 124 -41.98 -4.83 -24.46
N ARG B 125 -41.30 -5.50 -25.38
CA ARG B 125 -40.94 -6.89 -25.20
C ARG B 125 -40.00 -7.09 -24.03
N LEU B 126 -39.02 -6.18 -23.91
CA LEU B 126 -38.02 -6.24 -22.85
C LEU B 126 -38.66 -6.02 -21.47
N ALA B 127 -39.46 -4.94 -21.38
CA ALA B 127 -40.17 -4.55 -20.16
C ALA B 127 -41.25 -5.56 -19.72
N ASP B 128 -41.72 -6.39 -20.63
CA ASP B 128 -42.69 -7.43 -20.32
C ASP B 128 -42.06 -8.60 -19.52
N VAL B 129 -40.72 -8.68 -19.44
CA VAL B 129 -40.07 -9.77 -18.68
C VAL B 129 -39.31 -9.20 -17.52
N GLY B 130 -39.69 -7.96 -17.19
CA GLY B 130 -39.22 -7.23 -16.04
C GLY B 130 -37.97 -6.36 -16.25
N ILE B 131 -37.47 -6.23 -17.50
CA ILE B 131 -36.27 -5.41 -17.75
C ILE B 131 -36.53 -3.88 -17.68
N LEU B 132 -35.69 -3.15 -16.94
CA LEU B 132 -35.69 -1.69 -17.02
C LEU B 132 -34.88 -1.26 -18.25
N VAL B 133 -35.57 -0.58 -19.17
CA VAL B 133 -35.05 -0.20 -20.46
C VAL B 133 -34.59 1.26 -20.57
N SER B 134 -33.42 1.45 -21.16
CA SER B 134 -32.84 2.74 -21.34
C SER B 134 -32.55 2.97 -22.80
N LEU B 135 -32.85 4.16 -23.28
CA LEU B 135 -32.54 4.50 -24.64
C LEU B 135 -31.39 5.51 -24.65
N PHE B 136 -30.42 5.22 -25.49
CA PHE B 136 -29.23 6.04 -25.56
C PHE B 136 -29.49 7.04 -26.66
N ILE B 137 -29.48 8.32 -26.30
CA ILE B 137 -29.87 9.37 -27.24
C ILE B 137 -29.08 10.63 -27.11
N ASP B 138 -29.18 11.48 -28.12
CA ASP B 138 -28.63 12.81 -28.03
C ASP B 138 -29.43 13.65 -27.06
N ALA B 139 -28.80 14.73 -26.57
CA ALA B 139 -29.43 15.68 -25.67
C ALA B 139 -30.43 16.53 -26.46
N ASP B 140 -31.48 15.91 -26.99
CA ASP B 140 -32.39 16.57 -27.89
C ASP B 140 -33.78 16.44 -27.35
N PHE B 141 -34.54 17.53 -27.30
CA PHE B 141 -35.85 17.48 -26.63
C PHE B 141 -36.74 16.50 -27.41
N ARG B 142 -36.62 16.57 -28.73
CA ARG B 142 -37.41 15.76 -29.62
C ARG B 142 -37.19 14.25 -29.35
N GLN B 143 -35.93 13.84 -29.26
CA GLN B 143 -35.63 12.44 -28.99
C GLN B 143 -36.09 12.08 -27.57
N ILE B 144 -36.02 13.06 -26.67
CA ILE B 144 -36.51 12.82 -25.31
C ILE B 144 -38.00 12.42 -25.34
N ASP B 145 -38.81 13.13 -26.13
CA ASP B 145 -40.25 12.89 -26.21
C ASP B 145 -40.56 11.57 -26.86
N ALA B 146 -39.73 11.22 -27.84
CA ALA B 146 -39.90 9.99 -28.58
C ALA B 146 -39.64 8.83 -27.60
N ALA B 147 -38.59 8.99 -26.79
CA ALA B 147 -38.36 8.05 -25.67
C ALA B 147 -39.59 7.91 -24.79
N VAL B 148 -40.18 9.02 -24.35
CA VAL B 148 -41.34 8.92 -23.46
C VAL B 148 -42.50 8.22 -24.17
N ALA B 149 -42.69 8.56 -25.45
CA ALA B 149 -43.69 7.90 -26.35
C ALA B 149 -43.44 6.38 -26.49
N ALA B 150 -42.19 5.97 -26.50
CA ALA B 150 -41.91 4.58 -26.70
C ALA B 150 -42.04 3.77 -25.40
N GLY B 151 -42.36 4.45 -24.29
CA GLY B 151 -42.47 3.83 -22.96
C GLY B 151 -41.24 3.66 -22.07
N ALA B 152 -40.04 3.90 -22.60
CA ALA B 152 -38.80 3.67 -21.88
C ALA B 152 -38.75 4.49 -20.58
N PRO B 153 -38.48 3.87 -19.41
CA PRO B 153 -38.40 4.66 -18.16
C PRO B 153 -37.04 5.38 -17.99
N TYR B 154 -36.01 4.92 -18.72
CA TYR B 154 -34.67 5.52 -18.73
C TYR B 154 -34.22 6.07 -20.09
N ILE B 155 -33.50 7.20 -20.02
CA ILE B 155 -32.67 7.67 -21.12
C ILE B 155 -31.21 7.74 -20.62
N GLU B 156 -30.27 7.47 -21.52
CA GLU B 156 -28.88 7.85 -21.26
C GLU B 156 -28.47 8.91 -22.26
N ILE B 157 -28.05 10.08 -21.79
CA ILE B 157 -27.64 11.19 -22.66
C ILE B 157 -26.23 11.01 -23.12
N HIS B 158 -26.04 10.97 -24.42
CA HIS B 158 -24.75 10.83 -25.00
C HIS B 158 -23.85 12.02 -24.70
N THR B 159 -22.64 11.77 -24.19
CA THR B 159 -21.77 12.87 -23.73
C THR B 159 -20.54 13.03 -24.62
N GLY B 160 -20.56 12.34 -25.76
CA GLY B 160 -19.46 12.31 -26.73
C GLY B 160 -19.01 13.67 -27.17
N ALA B 161 -19.96 14.49 -27.61
CA ALA B 161 -19.68 15.83 -28.11
C ALA B 161 -19.12 16.63 -26.97
N TYR B 162 -19.72 16.57 -25.80
CA TYR B 162 -19.14 17.30 -24.65
C TYR B 162 -17.68 16.85 -24.45
N ALA B 163 -17.46 15.55 -24.37
CA ALA B 163 -16.12 15.10 -24.11
C ALA B 163 -15.17 15.58 -25.21
N ASP B 164 -15.64 15.71 -26.45
CA ASP B 164 -14.69 16.14 -27.49
C ASP B 164 -14.52 17.67 -27.70
N ALA B 165 -15.35 18.48 -27.07
CA ALA B 165 -15.22 19.94 -27.21
C ALA B 165 -13.75 20.33 -27.15
N SER B 166 -13.31 20.99 -28.21
CA SER B 166 -11.93 21.44 -28.39
C SER B 166 -11.79 22.90 -28.01
N THR B 167 -12.89 23.62 -27.82
CA THR B 167 -12.79 25.01 -27.33
C THR B 167 -13.71 25.21 -26.14
N VAL B 168 -13.43 26.24 -25.32
CA VAL B 168 -14.16 26.49 -24.09
C VAL B 168 -15.60 26.81 -24.37
N LEU B 169 -15.83 27.61 -25.42
CA LEU B 169 -17.18 27.89 -25.91
C LEU B 169 -17.95 26.65 -26.40
N GLU B 170 -17.25 25.73 -27.03
CA GLU B 170 -17.85 24.51 -27.50
C GLU B 170 -18.24 23.68 -26.28
N ARG B 171 -17.33 23.60 -25.32
CA ARG B 171 -17.54 22.85 -24.07
C ARG B 171 -18.73 23.35 -23.25
N GLN B 172 -18.81 24.64 -23.00
CA GLN B 172 -19.94 25.19 -22.31
C GLN B 172 -21.22 24.95 -23.08
N ALA B 173 -21.18 25.14 -24.39
CA ALA B 173 -22.35 24.93 -25.22
C ALA B 173 -22.82 23.50 -25.17
N GLU B 174 -21.90 22.53 -25.10
CA GLU B 174 -22.32 21.10 -24.95
C GLU B 174 -22.77 20.80 -23.57
N LEU B 175 -22.11 21.39 -22.58
CA LEU B 175 -22.55 21.22 -21.21
C LEU B 175 -23.97 21.74 -20.94
N MET B 176 -24.30 22.94 -21.42
CA MET B 176 -25.66 23.44 -21.19
C MET B 176 -26.73 22.61 -21.95
N ARG B 177 -26.46 22.29 -23.21
CA ARG B 177 -27.31 21.39 -23.94
C ARG B 177 -27.60 20.09 -23.09
N ILE B 178 -26.58 19.52 -22.44
CA ILE B 178 -26.76 18.34 -21.59
C ILE B 178 -27.54 18.66 -20.32
N ALA B 179 -27.22 19.81 -19.73
CA ALA B 179 -27.90 20.28 -18.55
C ALA B 179 -29.37 20.50 -18.80
N LYS B 180 -29.70 21.22 -19.88
CA LYS B 180 -31.09 21.47 -20.27
C LYS B 180 -31.85 20.22 -20.64
N ALA B 181 -31.22 19.32 -21.39
CA ALA B 181 -31.82 18.01 -21.66
C ALA B 181 -32.09 17.17 -20.39
N ALA B 182 -31.14 17.11 -19.49
CA ALA B 182 -31.35 16.41 -18.23
C ALA B 182 -32.56 17.02 -17.46
N THR B 183 -32.60 18.36 -17.42
CA THR B 183 -33.65 19.13 -16.75
C THR B 183 -35.00 18.78 -17.40
N TYR B 184 -35.04 18.83 -18.72
CA TYR B 184 -36.31 18.62 -19.42
C TYR B 184 -36.77 17.19 -19.25
N ALA B 185 -35.86 16.25 -19.48
CA ALA B 185 -36.19 14.82 -19.39
C ALA B 185 -36.71 14.49 -18.03
N ALA B 186 -36.07 15.02 -16.99
CA ALA B 186 -36.53 14.78 -15.61
C ALA B 186 -37.91 15.39 -15.38
N GLY B 187 -38.18 16.51 -16.06
CA GLY B 187 -39.52 17.15 -16.15
C GLY B 187 -40.60 16.42 -16.96
N LYS B 188 -40.19 15.37 -17.71
CA LYS B 188 -41.11 14.38 -18.32
C LYS B 188 -41.14 13.02 -17.55
N GLY B 189 -40.47 12.93 -16.40
CA GLY B 189 -40.55 11.70 -15.59
C GLY B 189 -39.50 10.64 -15.89
N LEU B 190 -38.56 10.96 -16.78
CA LEU B 190 -37.51 10.01 -17.09
C LEU B 190 -36.43 9.83 -15.99
N LYS B 191 -35.89 8.65 -15.93
CA LYS B 191 -34.67 8.56 -15.20
C LYS B 191 -33.54 8.86 -16.19
N VAL B 192 -32.66 9.78 -15.82
CA VAL B 192 -31.63 10.25 -16.73
C VAL B 192 -30.21 9.76 -16.35
N ASN B 193 -29.64 8.96 -17.26
CA ASN B 193 -28.25 8.49 -17.21
C ASN B 193 -27.41 9.31 -18.23
N ALA B 194 -26.08 9.24 -18.13
CA ALA B 194 -25.22 9.92 -19.07
C ALA B 194 -24.00 9.08 -19.33
N GLY B 195 -23.39 9.27 -20.51
CA GLY B 195 -22.24 8.48 -20.81
C GLY B 195 -21.72 8.60 -22.22
N HIS B 196 -20.45 8.25 -22.33
CA HIS B 196 -19.65 8.13 -23.53
C HIS B 196 -18.63 9.24 -23.51
N GLY B 197 -17.39 8.85 -23.24
CA GLY B 197 -16.29 9.78 -23.32
C GLY B 197 -15.93 10.45 -22.01
N LEU B 198 -16.50 10.01 -20.89
CA LEU B 198 -16.22 10.65 -19.60
C LEU B 198 -14.87 10.17 -19.04
N THR B 199 -14.08 11.13 -18.55
CA THR B 199 -12.79 10.86 -17.99
C THR B 199 -12.71 11.51 -16.60
N TYR B 200 -11.64 11.21 -15.88
CA TYR B 200 -11.25 11.87 -14.61
C TYR B 200 -11.14 13.38 -14.75
N HIS B 201 -10.86 13.86 -15.97
CA HIS B 201 -10.74 15.29 -16.16
C HIS B 201 -12.03 16.00 -16.69
N ASN B 202 -13.10 15.32 -17.04
CA ASN B 202 -14.28 16.08 -17.52
C ASN B 202 -15.58 15.63 -16.89
N VAL B 203 -15.47 14.67 -15.97
CA VAL B 203 -16.63 14.00 -15.32
C VAL B 203 -17.42 14.93 -14.38
N GLN B 204 -16.73 15.77 -13.60
CA GLN B 204 -17.39 16.59 -12.56
C GLN B 204 -18.50 17.54 -13.04
N PRO B 205 -18.28 18.29 -14.16
CA PRO B 205 -19.45 19.06 -14.58
C PRO B 205 -20.65 18.20 -14.91
N ILE B 206 -20.45 16.99 -15.42
CA ILE B 206 -21.56 16.11 -15.73
C ILE B 206 -22.11 15.55 -14.42
N ALA B 207 -21.21 15.07 -13.56
CA ALA B 207 -21.60 14.56 -12.25
C ALA B 207 -22.43 15.59 -11.47
N ALA B 208 -22.12 16.86 -11.72
CA ALA B 208 -22.66 17.96 -10.95
C ALA B 208 -24.15 18.15 -11.21
N LEU B 209 -24.63 17.81 -12.41
CA LEU B 209 -26.02 18.01 -12.82
C LEU B 209 -26.99 17.28 -11.89
N PRO B 210 -27.91 18.01 -11.19
CA PRO B 210 -28.70 17.36 -10.11
C PRO B 210 -29.55 16.17 -10.58
N GLU B 211 -29.97 16.21 -11.83
CA GLU B 211 -30.85 15.20 -12.39
C GLU B 211 -30.22 13.80 -12.60
N MET B 212 -28.89 13.73 -12.70
CA MET B 212 -28.27 12.48 -13.14
C MET B 212 -28.52 11.35 -12.17
N HIS B 213 -28.94 10.23 -12.74
CA HIS B 213 -29.12 9.04 -11.93
C HIS B 213 -27.83 8.19 -11.96
N GLU B 214 -27.31 7.84 -13.14
CA GLU B 214 -26.11 6.98 -13.22
C GLU B 214 -25.18 7.33 -14.38
N LEU B 215 -23.87 7.36 -14.12
CA LEU B 215 -22.92 7.59 -15.18
C LEU B 215 -22.37 6.26 -15.59
N ASN B 216 -22.38 5.98 -16.88
CA ASN B 216 -21.80 4.77 -17.37
C ASN B 216 -20.47 5.06 -18.05
N ILE B 217 -19.36 4.59 -17.43
CA ILE B 217 -18.04 4.90 -17.90
C ILE B 217 -17.21 3.65 -18.10
N GLY B 218 -16.60 3.53 -19.28
CA GLY B 218 -15.70 2.41 -19.57
C GLY B 218 -14.24 2.79 -19.91
N HIS B 219 -14.01 3.10 -21.16
CA HIS B 219 -12.65 3.29 -21.62
C HIS B 219 -11.73 4.06 -20.70
N ALA B 220 -12.15 5.21 -20.19
CA ALA B 220 -11.21 5.98 -19.39
C ALA B 220 -10.83 5.15 -18.15
N ILE B 221 -11.77 4.35 -17.66
CA ILE B 221 -11.50 3.52 -16.53
C ILE B 221 -10.51 2.44 -16.87
N ILE B 222 -10.78 1.62 -17.90
CA ILE B 222 -9.78 0.61 -18.37
C ILE B 222 -8.39 1.27 -18.65
N GLY B 223 -8.44 2.48 -19.19
CA GLY B 223 -7.21 3.15 -19.63
C GLY B 223 -6.25 3.55 -18.51
N GLN B 224 -6.84 4.05 -17.44
CA GLN B 224 -6.13 4.29 -16.22
C GLN B 224 -5.69 2.93 -15.55
N ALA B 225 -6.61 1.96 -15.53
CA ALA B 225 -6.35 0.63 -14.96
C ALA B 225 -5.05 -0.03 -15.40
N VAL B 226 -4.77 -0.09 -16.70
CA VAL B 226 -3.52 -0.79 -17.09
C VAL B 226 -2.31 -0.17 -16.44
N MET B 227 -2.40 1.13 -16.13
CA MET B 227 -1.33 1.84 -15.42
C MET B 227 -1.42 1.54 -13.90
N THR B 228 -2.54 1.94 -13.28
CA THR B 228 -2.62 1.99 -11.83
C THR B 228 -3.33 0.79 -11.18
N GLY B 229 -3.99 -0.04 -11.98
CA GLY B 229 -4.79 -1.15 -11.41
C GLY B 229 -6.30 -0.88 -11.47
N LEU B 230 -7.12 -1.90 -11.78
CA LEU B 230 -8.59 -1.67 -11.84
C LEU B 230 -9.19 -1.06 -10.59
N ALA B 231 -8.83 -1.55 -9.42
CA ALA B 231 -9.45 -1.12 -8.14
C ALA B 231 -9.33 0.38 -7.90
N ALA B 232 -8.07 0.86 -7.85
CA ALA B 232 -7.82 2.29 -7.71
C ALA B 232 -8.52 3.07 -8.82
N ALA B 233 -8.62 2.51 -10.02
CA ALA B 233 -9.13 3.34 -11.15
C ALA B 233 -10.63 3.61 -10.90
N VAL B 234 -11.30 2.55 -10.50
CA VAL B 234 -12.72 2.60 -10.18
C VAL B 234 -12.98 3.46 -8.96
N THR B 235 -12.17 3.27 -7.93
CA THR B 235 -12.36 4.01 -6.70
C THR B 235 -12.16 5.52 -6.96
N ASP B 236 -11.16 5.90 -7.77
CA ASP B 236 -10.86 7.30 -7.88
C ASP B 236 -11.97 7.96 -8.67
N MET B 237 -12.65 7.19 -9.49
CA MET B 237 -13.63 7.77 -10.38
C MET B 237 -14.87 8.05 -9.51
N LYS B 238 -15.22 7.06 -8.70
CA LYS B 238 -16.21 7.19 -7.63
C LYS B 238 -16.04 8.44 -6.70
N VAL B 239 -14.89 8.61 -6.06
CA VAL B 239 -14.56 9.86 -5.39
C VAL B 239 -14.87 11.09 -6.23
N LEU B 240 -14.40 11.17 -7.48
CA LEU B 240 -14.68 12.39 -8.23
C LEU B 240 -16.18 12.66 -8.32
N MET B 241 -16.95 11.58 -8.44
CA MET B 241 -18.38 11.70 -8.57
C MET B 241 -19.03 12.13 -7.29
N ARG B 242 -18.50 11.69 -6.16
CA ARG B 242 -19.03 12.15 -4.86
C ARG B 242 -18.76 13.61 -4.63
N GLU B 243 -17.50 13.98 -4.82
CA GLU B 243 -17.04 15.37 -4.67
C GLU B 243 -17.79 16.38 -5.54
N ALA B 244 -18.28 15.93 -6.69
CA ALA B 244 -18.98 16.80 -7.65
C ALA B 244 -20.32 17.23 -7.12
N ARG B 245 -20.92 16.37 -6.32
CA ARG B 245 -22.23 16.62 -5.78
C ARG B 245 -22.14 17.18 -4.36
N ARG B 246 -21.06 17.92 -4.07
CA ARG B 246 -20.94 18.65 -2.80
C ARG B 246 -21.16 20.15 -2.94
N ALA C 3 30.51 -11.76 -4.16
CA ALA C 3 31.26 -12.41 -3.06
C ALA C 3 30.43 -13.05 -1.94
N MET C 4 31.13 -13.43 -0.86
CA MET C 4 30.55 -13.92 0.40
C MET C 4 30.14 -12.74 1.31
N ALA C 5 30.98 -11.68 1.35
CA ALA C 5 30.73 -10.49 2.18
C ALA C 5 29.36 -9.80 2.01
N ASP C 6 28.93 -9.12 3.07
CA ASP C 6 27.66 -8.38 3.11
C ASP C 6 27.81 -7.03 2.41
N LEU C 7 27.10 -6.79 1.31
CA LEU C 7 27.36 -5.49 0.66
C LEU C 7 26.52 -4.33 1.20
N LEU C 8 27.22 -3.28 1.63
CA LEU C 8 26.65 -2.10 2.25
C LEU C 8 26.25 -0.97 1.30
N LEU C 9 25.15 -0.31 1.65
CA LEU C 9 24.63 0.80 0.87
C LEU C 9 24.67 2.06 1.74
N GLY C 10 25.47 3.05 1.35
CA GLY C 10 25.44 4.39 1.97
C GLY C 10 24.69 5.33 1.03
N VAL C 11 23.60 5.91 1.51
CA VAL C 11 22.74 6.72 0.66
C VAL C 11 23.21 8.20 0.68
N ASN C 12 23.52 8.74 -0.48
CA ASN C 12 23.88 10.18 -0.54
C ASN C 12 22.61 11.07 -0.64
N ILE C 13 22.42 11.95 0.33
CA ILE C 13 21.19 12.76 0.37
C ILE C 13 21.42 14.25 0.01
N ASP C 14 22.56 14.57 -0.62
CA ASP C 14 22.81 15.93 -1.14
C ASP C 14 21.64 16.43 -2.02
N HIS C 15 21.05 15.58 -2.85
CA HIS C 15 20.06 16.14 -3.76
C HIS C 15 18.73 16.60 -3.11
N ILE C 16 18.40 16.03 -1.95
CA ILE C 16 17.34 16.61 -1.13
C ILE C 16 17.66 18.07 -0.94
N ALA C 17 18.91 18.41 -0.64
CA ALA C 17 19.22 19.81 -0.29
C ALA C 17 19.32 20.78 -1.50
N THR C 18 19.72 20.25 -2.67
CA THR C 18 19.61 20.96 -3.95
C THR C 18 18.20 21.51 -4.12
N LEU C 19 17.22 20.62 -4.06
CA LEU C 19 15.81 20.99 -4.10
C LEU C 19 15.39 22.03 -3.05
N ARG C 20 15.89 21.90 -1.82
CA ARG C 20 15.60 22.87 -0.78
C ARG C 20 16.26 24.20 -1.06
N ASN C 21 17.57 24.21 -1.34
CA ASN C 21 18.33 25.45 -1.51
C ASN C 21 17.99 26.29 -2.72
N ALA C 22 17.34 25.66 -3.72
CA ALA C 22 16.85 26.41 -4.89
C ALA C 22 15.88 27.53 -4.47
N ARG C 23 15.31 27.40 -3.26
CA ARG C 23 14.33 28.37 -2.73
C ARG C 23 14.61 28.99 -1.37
N GLY C 24 15.68 28.59 -0.70
CA GLY C 24 15.87 28.96 0.69
C GLY C 24 14.76 28.59 1.70
N THR C 25 13.97 27.56 1.43
CA THR C 25 12.89 27.17 2.35
C THR C 25 13.42 26.15 3.31
N ILE C 26 12.60 25.69 4.25
CA ILE C 26 12.99 24.62 5.19
C ILE C 26 12.84 23.21 4.64
N TYR C 27 11.92 23.02 3.70
CA TYR C 27 11.63 21.71 3.04
C TYR C 27 12.21 21.62 1.58
N PRO C 28 12.47 20.40 1.09
CA PRO C 28 12.46 19.14 1.82
C PRO C 28 13.74 19.12 2.63
N ASP C 29 13.63 18.54 3.82
CA ASP C 29 14.70 18.54 4.81
C ASP C 29 15.54 17.24 4.73
N PRO C 30 16.86 17.35 4.55
CA PRO C 30 17.79 16.19 4.52
C PRO C 30 17.63 15.29 5.74
N VAL C 31 17.34 15.92 6.89
CA VAL C 31 17.19 15.20 8.20
C VAL C 31 16.07 14.16 8.15
N GLN C 32 14.98 14.53 7.48
CA GLN C 32 13.88 13.60 7.21
C GLN C 32 14.35 12.48 6.31
N ALA C 33 14.96 12.82 5.17
CA ALA C 33 15.41 11.81 4.19
C ALA C 33 16.28 10.77 4.87
N ALA C 34 17.12 11.25 5.79
CA ALA C 34 18.01 10.36 6.48
C ALA C 34 17.20 9.26 7.22
N PHE C 35 16.17 9.67 8.00
CA PHE C 35 15.29 8.68 8.66
C PHE C 35 14.68 7.64 7.73
N ILE C 36 14.18 8.11 6.60
CA ILE C 36 13.51 7.22 5.71
C ILE C 36 14.49 6.26 5.08
N ALA C 37 15.69 6.71 4.79
CA ALA C 37 16.63 5.87 4.08
C ALA C 37 17.16 4.81 5.04
N GLU C 38 17.49 5.26 6.23
CA GLU C 38 18.05 4.34 7.18
C GLU C 38 17.04 3.22 7.37
N GLN C 39 15.80 3.57 7.60
CA GLN C 39 14.83 2.55 7.95
C GLN C 39 14.33 1.73 6.76
N ALA C 40 14.74 2.11 5.55
CA ALA C 40 14.31 1.39 4.34
C ALA C 40 15.42 0.53 3.83
N GLY C 41 16.55 0.53 4.55
CA GLY C 41 17.69 -0.34 4.31
C GLY C 41 18.99 0.35 3.94
N ALA C 42 19.15 1.62 4.19
CA ALA C 42 20.51 2.19 4.11
C ALA C 42 21.33 1.79 5.34
N ASP C 43 22.64 1.58 5.18
CA ASP C 43 23.57 1.28 6.29
C ASP C 43 24.44 2.51 6.59
N GLY C 44 24.18 3.58 5.87
CA GLY C 44 24.86 4.81 6.12
C GLY C 44 24.24 5.95 5.36
N ILE C 45 24.43 7.13 5.91
CA ILE C 45 24.04 8.37 5.28
C ILE C 45 25.28 9.14 4.90
N THR C 46 25.33 9.64 3.66
CA THR C 46 26.44 10.40 3.19
C THR C 46 26.02 11.84 2.93
N VAL C 47 26.80 12.82 3.39
CA VAL C 47 26.54 14.22 3.03
C VAL C 47 27.86 14.87 2.59
N HIS C 48 27.82 15.75 1.59
CA HIS C 48 29.04 16.42 1.18
C HIS C 48 28.82 17.81 1.65
N LEU C 49 29.56 18.24 2.68
CA LEU C 49 29.56 19.64 3.03
C LEU C 49 30.57 20.33 2.14
N ARG C 50 30.10 21.15 1.20
N ARG C 50 30.08 21.16 1.22
CA ARG C 50 31.03 21.84 0.29
CA ARG C 50 30.94 21.89 0.27
C ARG C 50 31.31 23.25 0.82
C ARG C 50 31.35 23.22 0.91
N GLU C 51 32.46 23.79 0.45
CA GLU C 51 32.87 25.10 0.91
C GLU C 51 31.78 26.15 0.64
N ASP C 52 31.21 26.08 -0.55
CA ASP C 52 30.19 27.03 -0.96
C ASP C 52 28.79 26.70 -0.44
N ARG C 53 28.66 25.67 0.38
CA ARG C 53 27.33 25.24 0.92
C ARG C 53 26.22 25.21 -0.14
N ARG C 54 26.60 24.82 -1.36
CA ARG C 54 25.65 24.74 -2.46
C ARG C 54 24.42 23.95 -2.06
N HIS C 55 24.61 22.78 -1.45
CA HIS C 55 23.44 21.98 -0.98
C HIS C 55 23.38 21.71 0.54
N ILE C 56 24.04 20.68 1.05
CA ILE C 56 24.12 20.44 2.45
C ILE C 56 24.77 21.66 3.08
N THR C 57 24.20 22.15 4.17
CA THR C 57 24.69 23.28 4.91
C THR C 57 25.25 22.79 6.24
N ASP C 58 25.83 23.71 6.99
CA ASP C 58 26.31 23.43 8.34
C ASP C 58 25.20 23.00 9.24
N ARG C 59 24.01 23.58 9.06
CA ARG C 59 22.90 23.26 9.93
C ARG C 59 22.62 21.76 9.80
N ASP C 60 22.62 21.27 8.55
CA ASP C 60 22.24 19.90 8.20
C ASP C 60 23.17 18.90 8.82
N VAL C 61 24.46 19.21 8.81
CA VAL C 61 25.44 18.33 9.38
C VAL C 61 25.36 18.35 10.92
N ARG C 62 25.13 19.53 11.51
CA ARG C 62 25.02 19.62 12.95
C ARG C 62 23.86 18.74 13.40
N ILE C 63 22.70 18.81 12.76
CA ILE C 63 21.54 17.99 13.19
C ILE C 63 21.69 16.53 12.80
N LEU C 64 22.04 16.26 11.56
CA LEU C 64 22.25 14.87 11.17
C LEU C 64 23.07 14.13 12.22
N ARG C 65 24.18 14.72 12.67
CA ARG C 65 25.03 14.10 13.67
C ARG C 65 24.28 13.70 14.95
N GLN C 66 23.19 14.39 15.25
CA GLN C 66 22.42 14.06 16.42
C GLN C 66 21.25 13.15 16.06
N THR C 67 20.99 12.93 14.77
CA THR C 67 19.78 12.22 14.42
C THR C 67 20.08 10.90 13.70
N ILE C 68 21.27 10.80 13.09
CA ILE C 68 21.62 9.61 12.36
C ILE C 68 21.66 8.43 13.31
N GLN C 69 20.98 7.35 12.93
CA GLN C 69 20.85 6.12 13.70
C GLN C 69 21.82 5.03 13.23
N THR C 70 22.36 5.24 12.02
CA THR C 70 23.39 4.34 11.47
C THR C 70 24.74 4.98 11.59
N ARG C 71 25.36 5.41 10.51
CA ARG C 71 26.69 6.05 10.55
C ARG C 71 26.74 7.21 9.61
N MET C 72 27.41 8.29 10.02
CA MET C 72 27.55 9.42 9.09
C MET C 72 28.80 9.24 8.24
N ASN C 73 28.70 9.46 6.94
CA ASN C 73 29.85 9.66 6.06
C ASN C 73 29.93 11.16 5.60
N LEU C 74 30.81 11.96 6.22
CA LEU C 74 31.01 13.36 5.84
C LEU C 74 31.99 13.54 4.64
N GLU C 75 31.44 13.86 3.46
CA GLU C 75 32.23 14.07 2.27
C GLU C 75 32.63 15.54 2.27
N MET C 76 33.89 15.81 2.00
CA MET C 76 34.37 17.18 2.10
C MET C 76 35.69 17.37 1.40
N ALA C 77 35.96 18.63 1.07
CA ALA C 77 37.28 19.00 0.56
C ALA C 77 38.40 18.98 1.65
N VAL C 78 39.63 18.85 1.17
CA VAL C 78 40.78 18.85 2.07
C VAL C 78 41.22 20.27 2.38
N THR C 79 40.61 20.88 3.39
CA THR C 79 40.95 22.24 3.80
C THR C 79 40.99 22.25 5.29
N ASP C 80 41.64 23.27 5.86
CA ASP C 80 41.70 23.48 7.29
C ASP C 80 40.29 23.63 7.89
N GLU C 81 39.46 24.49 7.31
CA GLU C 81 38.08 24.61 7.80
C GLU C 81 37.31 23.28 7.86
N MET C 82 37.56 22.37 6.94
CA MET C 82 36.77 21.13 6.93
C MET C 82 37.34 20.12 7.89
N VAL C 83 38.65 20.06 8.00
CA VAL C 83 39.27 19.22 9.00
C VAL C 83 38.76 19.63 10.41
N ASP C 84 38.64 20.95 10.63
CA ASP C 84 38.11 21.47 11.85
C ASP C 84 36.64 20.98 12.12
N ILE C 85 35.79 21.05 11.09
CA ILE C 85 34.40 20.66 11.22
C ILE C 85 34.37 19.17 11.56
N ALA C 86 34.97 18.38 10.66
CA ALA C 86 35.00 16.94 10.77
C ALA C 86 35.46 16.47 12.16
N CYS C 87 36.54 17.05 12.70
CA CYS C 87 37.07 16.65 14.04
C CYS C 87 36.16 17.05 15.19
N ASP C 88 35.32 18.07 14.98
CA ASP C 88 34.38 18.50 16.04
C ASP C 88 33.11 17.67 15.95
N ILE C 89 32.70 17.37 14.73
CA ILE C 89 31.52 16.61 14.45
C ILE C 89 31.72 15.09 14.63
N LYS C 90 32.95 14.62 14.40
CA LYS C 90 33.29 13.18 14.54
C LYS C 90 32.28 12.19 13.91
N PRO C 91 32.14 12.23 12.55
CA PRO C 91 31.32 11.29 11.82
C PRO C 91 32.04 9.98 11.83
N HIS C 92 31.40 8.89 11.45
CA HIS C 92 32.06 7.62 11.50
C HIS C 92 33.11 7.58 10.36
N PHE C 93 32.79 8.22 9.25
CA PHE C 93 33.57 8.20 8.02
C PHE C 93 33.72 9.59 7.45
N CYS C 94 34.92 9.88 6.94
CA CYS C 94 35.16 11.02 6.07
C CYS C 94 35.58 10.50 4.74
N CYS C 95 35.03 11.10 3.69
CA CYS C 95 35.43 10.92 2.34
C CYS C 95 36.00 12.24 1.82
N LEU C 96 37.27 12.26 1.49
CA LEU C 96 37.90 13.45 0.92
C LEU C 96 37.80 13.38 -0.61
N VAL C 97 37.41 14.51 -1.21
CA VAL C 97 36.94 14.61 -2.60
C VAL C 97 37.44 15.98 -3.08
N PRO C 98 37.69 16.16 -4.40
CA PRO C 98 38.20 17.45 -4.88
C PRO C 98 37.07 18.43 -5.07
N GLU C 99 37.33 19.72 -4.94
CA GLU C 99 36.31 20.75 -5.18
C GLU C 99 36.86 21.88 -6.02
N LYS C 100 38.17 22.00 -6.04
CA LYS C 100 38.84 23.01 -6.83
C LYS C 100 39.54 22.38 -8.07
N ARG C 101 39.77 23.18 -9.12
CA ARG C 101 40.32 22.65 -10.38
C ARG C 101 41.69 21.98 -10.17
N GLN C 102 42.50 22.54 -9.28
CA GLN C 102 43.83 21.99 -8.99
C GLN C 102 43.89 20.73 -8.10
N GLU C 103 42.77 20.30 -7.53
CA GLU C 103 42.78 19.10 -6.69
C GLU C 103 42.23 17.88 -7.40
N VAL C 104 41.54 18.08 -8.51
CA VAL C 104 41.03 16.95 -9.29
C VAL C 104 41.97 16.55 -10.40
N THR C 105 42.01 15.26 -10.68
CA THR C 105 42.56 14.71 -11.93
C THR C 105 41.56 14.85 -13.10
N THR C 106 42.04 14.88 -14.34
CA THR C 106 41.19 15.03 -15.58
C THR C 106 39.86 14.24 -15.59
N GLU C 107 39.79 13.15 -14.85
CA GLU C 107 38.73 12.18 -14.96
C GLU C 107 37.67 12.29 -13.85
N GLY C 108 38.09 12.76 -12.69
CA GLY C 108 37.17 13.03 -11.62
C GLY C 108 37.73 12.84 -10.23
N GLY C 109 38.59 11.83 -10.06
CA GLY C 109 39.08 11.43 -8.73
C GLY C 109 39.84 12.55 -8.03
N LEU C 110 39.96 12.47 -6.70
CA LEU C 110 40.88 13.38 -5.99
C LEU C 110 42.32 13.04 -6.39
N ASP C 111 43.12 14.05 -6.76
CA ASP C 111 44.59 13.89 -6.99
C ASP C 111 45.40 13.77 -5.68
N VAL C 112 45.53 12.54 -5.19
CA VAL C 112 46.26 12.28 -3.98
C VAL C 112 47.74 12.29 -4.30
N ALA C 113 48.10 11.67 -5.42
CA ALA C 113 49.49 11.47 -5.74
C ALA C 113 50.28 12.78 -5.82
N GLY C 114 49.60 13.85 -6.24
CA GLY C 114 50.22 15.13 -6.43
C GLY C 114 50.02 16.06 -5.25
N GLN C 115 49.35 15.57 -4.22
CA GLN C 115 49.18 16.43 -3.08
C GLN C 115 49.49 15.64 -1.81
N VAL C 116 50.46 14.73 -1.90
CA VAL C 116 50.61 13.68 -0.91
C VAL C 116 50.87 14.17 0.52
N ASP C 117 51.65 15.25 0.66
CA ASP C 117 51.95 15.81 1.99
C ASP C 117 50.71 16.43 2.66
N LYS C 118 49.87 17.05 1.83
CA LYS C 118 48.66 17.69 2.29
C LYS C 118 47.69 16.60 2.76
N MET C 119 47.66 15.48 2.02
CA MET C 119 46.77 14.35 2.30
C MET C 119 47.17 13.63 3.56
N THR C 120 48.45 13.39 3.74
CA THR C 120 48.95 12.72 4.90
C THR C 120 48.56 13.53 6.15
N LEU C 121 48.69 14.85 6.08
CA LEU C 121 48.42 15.69 7.26
C LEU C 121 46.94 15.61 7.61
N ALA C 122 46.11 15.92 6.61
CA ALA C 122 44.66 15.77 6.70
C ALA C 122 44.27 14.42 7.23
N VAL C 123 44.72 13.34 6.57
CA VAL C 123 44.30 12.01 6.97
C VAL C 123 44.59 11.78 8.46
N GLY C 124 45.84 11.94 8.87
CA GLY C 124 46.19 11.67 10.28
C GLY C 124 45.42 12.49 11.30
N ARG C 125 45.26 13.76 11.02
CA ARG C 125 44.49 14.61 11.89
C ARG C 125 43.12 14.03 12.14
N LEU C 126 42.56 13.46 11.10
CA LEU C 126 41.21 13.00 11.15
C LEU C 126 41.14 11.62 11.83
N ALA C 127 42.18 10.81 11.65
CA ALA C 127 42.23 9.47 12.17
C ALA C 127 42.57 9.53 13.66
N ASP C 128 43.37 10.53 14.01
CA ASP C 128 43.75 10.77 15.38
C ASP C 128 42.60 10.74 16.37
N VAL C 129 41.44 11.12 15.91
CA VAL C 129 40.32 11.37 16.77
C VAL C 129 39.24 10.36 16.39
N GLY C 130 39.62 9.33 15.61
CA GLY C 130 38.82 8.11 15.44
C GLY C 130 37.95 7.99 14.19
N ILE C 131 37.98 9.02 13.34
CA ILE C 131 37.32 8.96 12.07
C ILE C 131 38.03 7.96 11.14
N LEU C 132 37.26 7.28 10.30
CA LEU C 132 37.83 6.42 9.25
C LEU C 132 37.79 7.15 7.95
N VAL C 133 38.95 7.31 7.34
CA VAL C 133 39.05 8.18 6.19
C VAL C 133 39.10 7.40 4.94
N SER C 134 38.31 7.87 3.98
CA SER C 134 38.30 7.33 2.65
C SER C 134 38.72 8.40 1.64
N LEU C 135 39.60 8.01 0.71
CA LEU C 135 40.04 8.90 -0.35
C LEU C 135 39.30 8.59 -1.65
N PHE C 136 38.62 9.58 -2.21
CA PHE C 136 37.84 9.36 -3.39
C PHE C 136 38.70 9.51 -4.60
N ILE C 137 39.03 8.38 -5.25
CA ILE C 137 39.97 8.35 -6.36
C ILE C 137 39.49 7.66 -7.66
N ASP C 138 40.16 7.94 -8.77
CA ASP C 138 39.98 7.18 -10.01
C ASP C 138 40.55 5.78 -9.81
N ALA C 139 40.14 4.82 -10.62
CA ALA C 139 40.66 3.47 -10.60
C ALA C 139 42.11 3.34 -11.13
N ASP C 140 43.04 4.12 -10.56
CA ASP C 140 44.38 4.27 -11.11
C ASP C 140 45.37 3.75 -10.04
N PHE C 141 46.14 2.70 -10.37
CA PHE C 141 47.17 2.15 -9.47
C PHE C 141 48.09 3.20 -8.83
N ARG C 142 48.44 4.26 -9.55
CA ARG C 142 49.35 5.27 -8.97
C ARG C 142 48.67 6.05 -7.80
N GLN C 143 47.38 6.36 -8.00
CA GLN C 143 46.59 7.03 -6.96
C GLN C 143 46.35 6.20 -5.68
N ILE C 144 46.07 4.91 -5.88
CA ILE C 144 45.95 3.91 -4.82
C ILE C 144 47.17 3.84 -3.93
N ASP C 145 48.35 3.70 -4.53
CA ASP C 145 49.60 3.85 -3.84
C ASP C 145 49.70 5.11 -3.03
N ALA C 146 49.16 6.21 -3.54
CA ALA C 146 49.32 7.49 -2.80
C ALA C 146 48.40 7.55 -1.57
N ALA C 147 47.23 6.93 -1.71
CA ALA C 147 46.29 6.76 -0.56
C ALA C 147 46.93 5.97 0.54
N VAL C 148 47.57 4.86 0.19
CA VAL C 148 48.38 4.12 1.15
C VAL C 148 49.43 4.99 1.82
N ALA C 149 50.23 5.69 1.00
CA ALA C 149 51.25 6.63 1.48
C ALA C 149 50.61 7.69 2.40
N ALA C 150 49.38 8.11 2.08
CA ALA C 150 48.61 8.97 2.99
C ALA C 150 48.13 8.26 4.26
N GLY C 151 48.09 6.93 4.30
CA GLY C 151 47.62 6.17 5.50
C GLY C 151 46.11 6.04 5.66
N ALA C 152 45.39 6.30 4.58
CA ALA C 152 43.93 6.20 4.60
C ALA C 152 43.52 4.72 4.58
N PRO C 153 42.55 4.30 5.42
CA PRO C 153 42.17 2.88 5.34
C PRO C 153 41.24 2.56 4.18
N TYR C 154 40.54 3.57 3.67
CA TYR C 154 39.50 3.35 2.62
C TYR C 154 39.80 4.12 1.36
N ILE C 155 39.47 3.53 0.23
CA ILE C 155 39.33 4.34 -0.93
C ILE C 155 37.92 4.18 -1.44
N GLU C 156 37.45 5.18 -2.21
CA GLU C 156 36.22 5.05 -2.95
C GLU C 156 36.53 5.18 -4.44
N ILE C 157 36.43 4.08 -5.17
CA ILE C 157 36.65 4.15 -6.62
C ILE C 157 35.56 4.96 -7.44
N HIS C 158 35.97 5.95 -8.23
CA HIS C 158 35.06 6.68 -9.13
C HIS C 158 34.47 5.83 -10.24
N THR C 159 33.21 5.46 -10.12
CA THR C 159 32.50 4.69 -11.16
C THR C 159 31.89 5.54 -12.28
N GLY C 160 32.21 6.84 -12.36
CA GLY C 160 31.56 7.80 -13.29
C GLY C 160 31.82 7.52 -14.75
N ALA C 161 33.07 7.12 -15.03
CA ALA C 161 33.43 6.71 -16.37
C ALA C 161 32.73 5.37 -16.72
N TYR C 162 32.62 4.44 -15.76
CA TYR C 162 31.81 3.25 -16.04
C TYR C 162 30.35 3.62 -16.27
N ALA C 163 29.86 4.55 -15.45
CA ALA C 163 28.46 4.95 -15.52
C ALA C 163 28.09 5.49 -16.92
N ASP C 164 28.95 6.32 -17.52
CA ASP C 164 28.65 6.97 -18.81
C ASP C 164 28.93 6.11 -20.01
N ALA C 165 29.63 4.98 -19.81
CA ALA C 165 30.03 4.15 -20.93
C ALA C 165 28.82 3.97 -21.86
N SER C 166 28.92 4.60 -23.05
CA SER C 166 27.90 4.59 -24.14
C SER C 166 27.84 3.24 -24.84
N THR C 167 29.01 2.80 -25.27
CA THR C 167 29.17 1.60 -26.06
C THR C 167 29.31 0.45 -25.11
N VAL C 168 29.29 -0.78 -25.62
CA VAL C 168 29.61 -1.95 -24.80
C VAL C 168 31.14 -2.04 -24.58
N LEU C 169 31.91 -2.05 -25.66
CA LEU C 169 33.38 -2.07 -25.57
C LEU C 169 33.85 -1.16 -24.42
N GLU C 170 33.36 0.08 -24.46
CA GLU C 170 33.56 1.09 -23.46
C GLU C 170 33.22 0.63 -22.02
N ARG C 171 32.09 -0.07 -21.83
CA ARG C 171 31.61 -0.44 -20.50
C ARG C 171 32.42 -1.54 -19.88
N GLN C 172 32.69 -2.57 -20.67
CA GLN C 172 33.53 -3.68 -20.22
C GLN C 172 34.96 -3.23 -19.95
N ALA C 173 35.42 -2.22 -20.67
CA ALA C 173 36.73 -1.62 -20.43
C ALA C 173 36.78 -0.90 -19.09
N GLU C 174 35.86 0.04 -18.87
CA GLU C 174 35.83 0.87 -17.65
C GLU C 174 35.62 0.00 -16.43
N LEU C 175 34.84 -1.05 -16.63
CA LEU C 175 34.60 -2.08 -15.64
C LEU C 175 35.89 -2.82 -15.37
N MET C 176 36.55 -3.28 -16.44
CA MET C 176 37.82 -3.97 -16.32
C MET C 176 38.73 -3.19 -15.38
N ARG C 177 38.83 -1.90 -15.68
CA ARG C 177 39.62 -0.92 -14.98
C ARG C 177 39.23 -0.76 -13.50
N ILE C 178 37.92 -0.86 -13.22
CA ILE C 178 37.39 -0.82 -11.87
C ILE C 178 37.72 -2.14 -11.15
N ALA C 179 37.50 -3.26 -11.81
CA ALA C 179 37.76 -4.54 -11.19
C ALA C 179 39.21 -4.67 -10.76
N LYS C 180 40.15 -4.21 -11.61
CA LYS C 180 41.57 -4.37 -11.32
C LYS C 180 42.03 -3.48 -10.18
N ALA C 181 41.64 -2.21 -10.20
CA ALA C 181 41.91 -1.31 -9.08
C ALA C 181 41.48 -1.92 -7.72
N ALA C 182 40.32 -2.60 -7.73
CA ALA C 182 39.68 -3.16 -6.54
C ALA C 182 40.50 -4.23 -5.87
N THR C 183 40.97 -5.13 -6.69
CA THR C 183 41.71 -6.28 -6.29
C THR C 183 43.07 -5.85 -5.80
N TYR C 184 43.64 -4.87 -6.51
CA TYR C 184 44.96 -4.36 -6.17
C TYR C 184 44.78 -3.58 -4.86
N ALA C 185 43.94 -2.54 -4.82
CA ALA C 185 43.66 -1.82 -3.56
C ALA C 185 43.49 -2.69 -2.29
N ALA C 186 42.64 -3.70 -2.39
CA ALA C 186 42.42 -4.66 -1.32
C ALA C 186 43.72 -5.34 -1.00
N GLY C 187 44.47 -5.76 -2.00
CA GLY C 187 45.79 -6.40 -1.79
C GLY C 187 46.82 -5.57 -1.02
N LYS C 188 46.62 -4.26 -1.02
CA LYS C 188 47.47 -3.36 -0.29
C LYS C 188 46.87 -3.11 1.12
N GLY C 189 45.74 -3.77 1.39
CA GLY C 189 45.07 -3.70 2.68
C GLY C 189 44.06 -2.57 2.85
N LEU C 190 43.60 -1.98 1.74
CA LEU C 190 42.56 -0.96 1.80
C LEU C 190 41.26 -1.67 1.73
N LYS C 191 40.30 -1.12 2.48
CA LYS C 191 38.91 -1.32 2.16
C LYS C 191 38.45 -0.53 0.94
N VAL C 192 37.55 -1.13 0.17
CA VAL C 192 37.19 -0.61 -1.11
C VAL C 192 35.68 -0.30 -1.22
N ASN C 193 35.39 0.97 -1.45
CA ASN C 193 34.08 1.43 -1.79
C ASN C 193 34.08 1.95 -3.24
N ALA C 194 32.92 2.35 -3.71
CA ALA C 194 32.73 2.79 -5.06
C ALA C 194 31.43 3.56 -5.15
N GLY C 195 31.38 4.45 -6.12
CA GLY C 195 30.28 5.34 -6.20
C GLY C 195 30.51 6.37 -7.26
N HIS C 196 29.41 7.00 -7.64
CA HIS C 196 29.26 7.97 -8.66
C HIS C 196 28.64 7.37 -9.87
N GLY C 197 27.40 7.80 -10.08
CA GLY C 197 26.67 7.53 -11.30
C GLY C 197 25.98 6.18 -11.36
N LEU C 198 26.06 5.40 -10.29
CA LEU C 198 25.32 4.15 -10.25
C LEU C 198 23.77 4.32 -10.13
N THR C 199 23.09 3.42 -10.84
CA THR C 199 21.67 3.44 -11.11
C THR C 199 21.11 2.02 -10.91
N TYR C 200 19.78 1.88 -10.86
CA TYR C 200 19.20 0.55 -10.76
C TYR C 200 19.57 -0.26 -11.99
N HIS C 201 20.13 0.34 -13.03
CA HIS C 201 20.33 -0.47 -14.25
C HIS C 201 21.75 -0.86 -14.53
N ASN C 202 22.67 -0.28 -13.76
CA ASN C 202 24.09 -0.62 -13.86
C ASN C 202 24.78 -0.94 -12.52
N VAL C 203 24.07 -1.07 -11.41
CA VAL C 203 24.72 -1.41 -10.12
C VAL C 203 25.32 -2.78 -10.10
N GLN C 204 24.56 -3.72 -10.64
CA GLN C 204 24.80 -5.13 -10.37
C GLN C 204 26.28 -5.60 -10.66
N PRO C 205 26.86 -5.33 -11.87
CA PRO C 205 28.29 -5.65 -12.00
C PRO C 205 29.26 -4.86 -11.12
N ILE C 206 28.83 -3.77 -10.51
CA ILE C 206 29.71 -3.20 -9.52
C ILE C 206 29.59 -3.82 -8.14
N ALA C 207 28.34 -4.09 -7.74
CA ALA C 207 28.03 -4.77 -6.49
C ALA C 207 28.71 -6.13 -6.35
N ALA C 208 28.79 -6.91 -7.41
CA ALA C 208 29.23 -8.31 -7.29
C ALA C 208 30.73 -8.50 -7.31
N LEU C 209 31.44 -7.39 -7.39
CA LEU C 209 32.89 -7.38 -7.24
C LEU C 209 33.23 -7.67 -5.81
N PRO C 210 33.95 -8.79 -5.60
CA PRO C 210 34.10 -9.38 -4.29
C PRO C 210 34.80 -8.46 -3.32
N GLU C 211 35.53 -7.47 -3.79
CA GLU C 211 36.32 -6.63 -2.85
C GLU C 211 35.49 -5.44 -2.28
N MET C 212 34.32 -5.14 -2.89
CA MET C 212 33.56 -3.93 -2.58
C MET C 212 32.97 -4.01 -1.19
N HIS C 213 33.11 -2.95 -0.40
CA HIS C 213 32.62 -2.92 0.97
C HIS C 213 31.29 -2.15 1.07
N GLU C 214 31.22 -0.96 0.46
CA GLU C 214 30.07 -0.09 0.57
C GLU C 214 29.84 0.59 -0.77
N LEU C 215 28.61 0.63 -1.27
CA LEU C 215 28.30 1.53 -2.41
C LEU C 215 27.67 2.83 -1.97
N ASN C 216 28.23 3.94 -2.43
CA ASN C 216 27.64 5.23 -2.17
C ASN C 216 26.89 5.69 -3.40
N ILE C 217 25.55 5.75 -3.26
CA ILE C 217 24.64 6.11 -4.37
C ILE C 217 23.73 7.26 -3.92
N GLY C 218 23.56 8.25 -4.79
CA GLY C 218 22.81 9.46 -4.46
C GLY C 218 21.75 9.76 -5.50
N HIS C 219 22.20 10.37 -6.59
CA HIS C 219 21.37 11.01 -7.59
C HIS C 219 20.31 10.04 -8.11
N ALA C 220 20.68 8.78 -8.35
CA ALA C 220 19.75 7.85 -8.97
C ALA C 220 18.73 7.43 -7.98
N ILE C 221 19.09 7.41 -6.73
CA ILE C 221 18.07 7.09 -5.70
C ILE C 221 17.11 8.24 -5.48
N ILE C 222 17.61 9.46 -5.35
CA ILE C 222 16.74 10.63 -5.32
C ILE C 222 15.86 10.72 -6.58
N GLY C 223 16.44 10.37 -7.75
CA GLY C 223 15.74 10.53 -9.00
C GLY C 223 14.51 9.67 -9.13
N GLN C 224 14.63 8.43 -8.64
CA GLN C 224 13.53 7.49 -8.54
C GLN C 224 12.54 7.91 -7.44
N ALA C 225 13.08 8.42 -6.33
CA ALA C 225 12.27 8.93 -5.20
C ALA C 225 11.26 10.05 -5.50
N VAL C 226 11.65 11.08 -6.23
CA VAL C 226 10.59 12.03 -6.63
C VAL C 226 9.39 11.32 -7.24
N MET C 227 9.65 10.26 -8.01
CA MET C 227 8.56 9.53 -8.63
C MET C 227 7.83 8.69 -7.60
N THR C 228 8.54 7.81 -6.93
CA THR C 228 7.80 6.77 -6.27
C THR C 228 8.02 6.68 -4.78
N GLY C 229 8.83 7.56 -4.21
CA GLY C 229 9.03 7.50 -2.79
C GLY C 229 10.42 7.04 -2.41
N LEU C 230 10.99 7.79 -1.47
CA LEU C 230 12.34 7.52 -0.97
C LEU C 230 12.46 6.11 -0.36
N ALA C 231 11.44 5.62 0.34
CA ALA C 231 11.50 4.30 0.97
C ALA C 231 11.70 3.20 -0.02
N ALA C 232 10.81 3.14 -0.99
CA ALA C 232 10.84 2.15 -2.07
C ALA C 232 12.13 2.30 -2.87
N ALA C 233 12.56 3.53 -3.10
CA ALA C 233 13.84 3.72 -3.82
C ALA C 233 15.09 3.17 -3.10
N VAL C 234 15.15 3.39 -1.80
CA VAL C 234 16.26 2.82 -1.04
C VAL C 234 16.12 1.30 -0.98
N THR C 235 14.89 0.85 -0.77
CA THR C 235 14.68 -0.63 -0.60
C THR C 235 15.04 -1.39 -1.87
N ASP C 236 14.50 -0.95 -3.01
CA ASP C 236 14.82 -1.52 -4.30
C ASP C 236 16.32 -1.44 -4.58
N MET C 237 16.99 -0.38 -4.17
CA MET C 237 18.41 -0.37 -4.48
C MET C 237 19.08 -1.47 -3.66
N LYS C 238 18.73 -1.54 -2.35
CA LYS C 238 19.29 -2.55 -1.44
C LYS C 238 19.10 -3.99 -1.96
N VAL C 239 17.88 -4.27 -2.42
CA VAL C 239 17.55 -5.54 -3.05
C VAL C 239 18.42 -5.83 -4.31
N LEU C 240 18.51 -4.89 -5.23
CA LEU C 240 19.43 -5.12 -6.36
C LEU C 240 20.84 -5.54 -5.88
N MET C 241 21.34 -4.90 -4.84
CA MET C 241 22.73 -5.11 -4.43
C MET C 241 22.99 -6.48 -3.80
N ARG C 242 21.96 -7.03 -3.16
CA ARG C 242 22.00 -8.32 -2.54
C ARG C 242 21.93 -9.41 -3.58
N GLU C 243 20.97 -9.28 -4.50
CA GLU C 243 20.76 -10.22 -5.58
C GLU C 243 22.01 -10.36 -6.45
N ALA C 244 22.81 -9.30 -6.47
CA ALA C 244 24.04 -9.26 -7.22
C ALA C 244 25.03 -10.28 -6.65
N ARG C 245 24.98 -10.54 -5.34
CA ARG C 245 25.90 -11.46 -4.68
C ARG C 245 25.37 -12.87 -4.40
N ARG C 246 24.17 -13.21 -4.87
CA ARG C 246 23.51 -14.50 -4.52
C ARG C 246 24.24 -15.75 -5.01
N ALA D 5 -17.94 27.27 -8.03
CA ALA D 5 -17.19 26.51 -9.10
C ALA D 5 -15.84 25.97 -8.59
N ASP D 6 -15.30 25.01 -9.34
CA ASP D 6 -14.18 24.21 -8.82
C ASP D 6 -12.81 24.83 -9.07
N LEU D 7 -11.99 24.75 -8.03
CA LEU D 7 -10.60 25.20 -8.06
C LEU D 7 -9.71 24.17 -8.74
N LEU D 8 -8.96 24.63 -9.75
CA LEU D 8 -8.02 23.80 -10.49
C LEU D 8 -6.60 23.78 -9.93
N LEU D 9 -5.91 22.66 -10.10
CA LEU D 9 -4.50 22.60 -9.72
C LEU D 9 -3.55 22.45 -10.91
N GLY D 10 -2.64 23.43 -11.04
CA GLY D 10 -1.50 23.43 -11.97
C GLY D 10 -0.27 23.00 -11.19
N VAL D 11 0.28 21.84 -11.59
CA VAL D 11 1.53 21.30 -11.00
C VAL D 11 2.71 21.75 -11.83
N ASN D 12 3.58 22.59 -11.24
CA ASN D 12 4.76 23.01 -11.94
C ASN D 12 5.81 21.91 -11.66
N ILE D 13 6.31 21.33 -12.74
CA ILE D 13 7.21 20.18 -12.72
C ILE D 13 8.68 20.57 -13.06
N ASP D 14 9.02 21.86 -12.99
CA ASP D 14 10.40 22.35 -13.12
C ASP D 14 11.46 21.66 -12.23
N HIS D 15 11.12 21.54 -10.95
CA HIS D 15 12.07 20.99 -10.00
C HIS D 15 12.44 19.53 -10.20
N ILE D 16 11.73 18.83 -11.08
CA ILE D 16 12.17 17.51 -11.55
C ILE D 16 13.41 17.65 -12.45
N ALA D 17 13.34 18.51 -13.46
CA ALA D 17 14.51 18.83 -14.25
C ALA D 17 15.69 19.37 -13.43
N THR D 18 15.40 20.09 -12.34
CA THR D 18 16.48 20.62 -11.50
C THR D 18 17.41 19.50 -11.07
N LEU D 19 16.80 18.46 -10.50
CA LEU D 19 17.46 17.21 -10.16
C LEU D 19 18.19 16.64 -11.34
N ARG D 20 17.55 16.57 -12.50
CA ARG D 20 18.18 15.89 -13.64
C ARG D 20 19.36 16.71 -14.09
N ASN D 21 19.15 18.02 -14.19
CA ASN D 21 20.15 18.94 -14.75
C ASN D 21 21.39 19.01 -13.89
N ALA D 22 21.22 18.82 -12.60
CA ALA D 22 22.37 18.76 -11.68
C ALA D 22 23.48 17.87 -12.23
N ARG D 23 23.13 16.79 -12.92
CA ARG D 23 24.09 15.93 -13.67
C ARG D 23 23.68 15.91 -15.13
N GLY D 24 24.35 15.26 -16.03
CA GLY D 24 23.72 15.41 -17.36
C GLY D 24 22.74 14.30 -17.73
N THR D 25 22.06 13.75 -16.74
CA THR D 25 21.46 12.43 -16.87
C THR D 25 20.13 12.53 -17.59
N ILE D 26 19.65 11.36 -18.06
CA ILE D 26 18.32 11.33 -18.70
C ILE D 26 17.16 11.33 -17.69
N TYR D 27 17.40 10.83 -16.48
CA TYR D 27 16.45 10.81 -15.30
C TYR D 27 16.81 11.85 -14.28
N PRO D 28 15.85 12.22 -13.45
CA PRO D 28 14.43 11.91 -13.52
C PRO D 28 13.79 12.77 -14.61
N ASP D 29 12.68 12.31 -15.19
CA ASP D 29 12.20 12.89 -16.44
C ASP D 29 10.87 13.59 -16.28
N PRO D 30 10.86 14.91 -16.42
CA PRO D 30 9.66 15.75 -16.30
C PRO D 30 8.47 15.09 -16.97
N VAL D 31 8.73 14.39 -18.08
CA VAL D 31 7.65 13.77 -18.88
C VAL D 31 6.87 12.80 -17.99
N GLN D 32 7.63 11.99 -17.22
CA GLN D 32 7.05 10.99 -16.32
C GLN D 32 6.25 11.68 -15.21
N ALA D 33 6.81 12.76 -14.73
CA ALA D 33 6.18 13.46 -13.61
C ALA D 33 4.81 14.00 -14.02
N ALA D 34 4.68 14.46 -15.26
CA ALA D 34 3.39 14.97 -15.75
C ALA D 34 2.30 13.86 -15.84
N PHE D 35 2.61 12.73 -16.46
CA PHE D 35 1.77 11.51 -16.30
C PHE D 35 1.32 11.25 -14.83
N ILE D 36 2.28 11.19 -13.91
CA ILE D 36 1.93 10.92 -12.52
C ILE D 36 1.00 12.02 -11.91
N ALA D 37 1.42 13.27 -12.07
CA ALA D 37 0.70 14.45 -11.58
C ALA D 37 -0.74 14.51 -12.13
N GLU D 38 -0.85 14.30 -13.46
CA GLU D 38 -2.13 14.24 -14.15
C GLU D 38 -3.10 13.21 -13.62
N GLN D 39 -2.64 11.98 -13.50
CA GLN D 39 -3.46 10.92 -12.95
C GLN D 39 -3.77 10.94 -11.45
N ALA D 40 -3.10 11.80 -10.71
CA ALA D 40 -3.33 11.91 -9.27
C ALA D 40 -4.21 13.12 -9.01
N GLY D 41 -4.81 13.65 -10.08
CA GLY D 41 -5.72 14.81 -9.97
C GLY D 41 -5.23 16.19 -10.39
N ALA D 42 -4.05 16.35 -11.01
CA ALA D 42 -3.72 17.67 -11.55
C ALA D 42 -4.59 18.01 -12.76
N ASP D 43 -4.95 19.28 -12.82
CA ASP D 43 -5.79 19.86 -13.87
C ASP D 43 -5.04 20.51 -15.02
N GLY D 44 -3.73 20.67 -14.81
CA GLY D 44 -2.79 21.27 -15.72
C GLY D 44 -1.36 20.91 -15.31
N ILE D 45 -0.46 20.97 -16.29
CA ILE D 45 0.97 20.79 -16.12
C ILE D 45 1.67 22.07 -16.65
N THR D 46 2.49 22.65 -15.78
CA THR D 46 3.12 23.92 -16.02
C THR D 46 4.58 23.68 -16.16
N VAL D 47 5.21 24.33 -17.12
CA VAL D 47 6.67 24.33 -17.19
C VAL D 47 7.11 25.74 -17.47
N HIS D 48 8.20 26.13 -16.86
CA HIS D 48 8.86 27.34 -17.22
C HIS D 48 10.06 27.06 -18.16
N LEU D 49 9.93 27.29 -19.46
CA LEU D 49 11.15 27.26 -20.34
C LEU D 49 12.03 28.53 -20.18
N ARG D 50 13.05 28.50 -19.32
CA ARG D 50 13.96 29.62 -19.20
C ARG D 50 14.96 29.69 -20.37
N GLU D 51 15.50 30.87 -20.58
CA GLU D 51 16.39 31.15 -21.71
C GLU D 51 17.73 30.43 -21.52
N ASP D 52 18.18 30.40 -20.29
CA ASP D 52 19.33 29.56 -19.93
C ASP D 52 19.04 28.05 -19.92
N ARG D 53 17.76 27.64 -19.97
CA ARG D 53 17.43 26.21 -19.96
C ARG D 53 18.04 25.57 -18.70
N ARG D 54 18.01 26.31 -17.59
CA ARG D 54 18.58 25.85 -16.32
C ARG D 54 17.90 24.56 -15.84
N HIS D 55 16.62 24.39 -16.18
CA HIS D 55 16.00 23.13 -15.83
C HIS D 55 15.16 22.50 -16.98
N ILE D 56 13.95 23.02 -17.21
CA ILE D 56 13.14 22.61 -18.39
C ILE D 56 13.90 23.02 -19.66
N THR D 57 13.93 22.12 -20.63
CA THR D 57 14.70 22.31 -21.85
C THR D 57 13.72 22.23 -23.04
N ASP D 58 14.21 22.61 -24.22
CA ASP D 58 13.47 22.46 -25.49
C ASP D 58 12.98 21.02 -25.73
N ARG D 59 13.85 20.03 -25.55
CA ARG D 59 13.45 18.63 -25.55
C ARG D 59 12.18 18.34 -24.68
N ASP D 60 12.19 18.76 -23.43
CA ASP D 60 11.04 18.55 -22.52
C ASP D 60 9.74 19.09 -23.08
N VAL D 61 9.80 20.38 -23.40
CA VAL D 61 8.63 21.06 -23.88
C VAL D 61 8.15 20.36 -25.17
N ARG D 62 9.03 20.08 -26.12
CA ARG D 62 8.61 19.36 -27.35
C ARG D 62 7.93 18.02 -27.01
N ILE D 63 8.45 17.31 -26.02
CA ILE D 63 7.78 16.09 -25.66
C ILE D 63 6.47 16.41 -24.95
N LEU D 64 6.50 17.27 -23.93
CA LEU D 64 5.31 17.47 -23.09
C LEU D 64 4.10 17.87 -23.96
N ARG D 65 4.34 18.66 -24.98
CA ARG D 65 3.28 19.07 -25.84
C ARG D 65 2.56 17.85 -26.39
N GLN D 66 3.26 16.72 -26.53
CA GLN D 66 2.64 15.56 -27.14
C GLN D 66 2.06 14.52 -26.19
N THR D 67 2.48 14.59 -24.93
CA THR D 67 2.15 13.54 -23.97
C THR D 67 1.25 14.12 -22.88
N ILE D 68 1.08 15.44 -22.82
CA ILE D 68 0.25 16.00 -21.74
C ILE D 68 -1.22 15.65 -22.00
N GLN D 69 -1.95 15.06 -21.02
CA GLN D 69 -3.37 14.69 -21.25
C GLN D 69 -4.40 15.72 -20.79
N THR D 70 -3.95 16.71 -20.00
CA THR D 70 -4.86 17.73 -19.50
C THR D 70 -4.64 18.96 -20.32
N ARG D 71 -3.89 19.90 -19.81
CA ARG D 71 -3.40 20.92 -20.70
C ARG D 71 -2.17 21.61 -20.20
N MET D 72 -1.39 22.09 -21.15
CA MET D 72 -0.07 22.60 -20.89
C MET D 72 -0.13 24.10 -20.58
N ASN D 73 0.55 24.53 -19.52
CA ASN D 73 0.79 25.95 -19.29
C ASN D 73 2.29 26.26 -19.41
N LEU D 74 2.65 27.05 -20.41
CA LEU D 74 4.03 27.33 -20.68
C LEU D 74 4.39 28.68 -20.06
N GLU D 75 5.25 28.68 -19.03
CA GLU D 75 5.79 29.91 -18.45
C GLU D 75 7.02 30.32 -19.21
N MET D 76 7.18 31.63 -19.44
CA MET D 76 8.28 32.17 -20.24
C MET D 76 8.46 33.66 -20.06
N ALA D 77 9.67 34.11 -20.36
CA ALA D 77 9.96 35.53 -20.45
C ALA D 77 9.40 36.13 -21.75
N VAL D 78 9.28 37.45 -21.82
CA VAL D 78 8.77 38.15 -22.99
C VAL D 78 9.98 38.50 -23.87
N THR D 79 10.27 37.59 -24.81
CA THR D 79 11.33 37.77 -25.82
C THR D 79 10.86 37.09 -27.13
N ASP D 80 11.28 37.66 -28.24
CA ASP D 80 10.97 37.10 -29.54
C ASP D 80 11.23 35.60 -29.61
N GLU D 81 12.39 35.15 -29.16
CA GLU D 81 12.73 33.74 -29.13
C GLU D 81 11.59 32.94 -28.56
N MET D 82 11.07 33.40 -27.43
CA MET D 82 10.09 32.66 -26.68
C MET D 82 8.74 32.84 -27.30
N VAL D 83 8.44 34.09 -27.64
CA VAL D 83 7.13 34.33 -28.21
C VAL D 83 6.93 33.42 -29.44
N ASP D 84 7.99 33.22 -30.25
CA ASP D 84 7.98 32.32 -31.43
C ASP D 84 7.82 30.83 -31.10
N ILE D 85 8.56 30.39 -30.06
CA ILE D 85 8.52 29.03 -29.54
C ILE D 85 7.08 28.73 -29.20
N ALA D 86 6.49 29.61 -28.39
CA ALA D 86 5.14 29.40 -27.91
C ALA D 86 4.15 29.31 -29.07
N CYS D 87 4.29 30.15 -30.09
CA CYS D 87 3.37 30.15 -31.24
C CYS D 87 3.52 28.94 -32.10
N ASP D 88 4.67 28.26 -31.98
CA ASP D 88 4.87 27.00 -32.64
C ASP D 88 4.20 25.90 -31.83
N ILE D 89 4.59 25.80 -30.56
CA ILE D 89 4.08 24.81 -29.63
C ILE D 89 2.57 24.98 -29.29
N LYS D 90 2.10 26.23 -29.21
CA LYS D 90 0.68 26.49 -28.98
C LYS D 90 0.19 25.69 -27.77
N PRO D 91 0.73 25.99 -26.59
CA PRO D 91 0.09 25.41 -25.43
C PRO D 91 -1.24 26.11 -25.16
N HIS D 92 -2.13 25.46 -24.43
CA HIS D 92 -3.39 26.05 -23.99
C HIS D 92 -3.16 27.39 -23.24
N PHE D 93 -2.11 27.48 -22.43
CA PHE D 93 -1.80 28.68 -21.68
C PHE D 93 -0.33 29.05 -21.75
N CYS D 94 -0.09 30.35 -21.71
CA CYS D 94 1.21 30.92 -21.44
C CYS D 94 1.10 31.73 -20.21
N CYS D 95 2.06 31.60 -19.30
CA CYS D 95 2.16 32.56 -18.25
C CYS D 95 3.42 33.37 -18.50
N LEU D 96 3.28 34.71 -18.48
CA LEU D 96 4.44 35.61 -18.70
C LEU D 96 5.02 36.03 -17.36
N VAL D 97 6.34 35.86 -17.25
CA VAL D 97 7.08 35.95 -16.00
C VAL D 97 8.43 36.63 -16.24
N PRO D 98 9.07 37.12 -15.17
CA PRO D 98 10.36 37.78 -15.44
C PRO D 98 11.58 36.88 -15.21
N GLU D 99 12.65 37.17 -15.93
CA GLU D 99 13.90 36.43 -15.77
C GLU D 99 14.99 37.39 -15.33
N LYS D 100 15.39 38.31 -16.23
CA LYS D 100 16.36 39.36 -15.92
C LYS D 100 15.81 40.37 -14.91
N ARG D 101 16.61 40.68 -13.87
CA ARG D 101 16.22 41.62 -12.76
C ARG D 101 15.52 42.94 -13.23
N GLN D 102 15.90 43.45 -14.40
CA GLN D 102 15.25 44.62 -15.00
C GLN D 102 13.73 44.48 -15.15
N GLU D 103 13.28 43.29 -15.58
CA GLU D 103 11.83 43.03 -15.80
C GLU D 103 11.09 42.59 -14.53
N VAL D 104 11.82 42.37 -13.43
CA VAL D 104 11.21 42.05 -12.15
C VAL D 104 10.94 43.31 -11.38
N THR D 105 9.80 43.44 -10.69
CA THR D 105 9.63 44.49 -9.67
C THR D 105 10.45 44.11 -8.40
N THR D 106 10.49 44.97 -7.38
CA THR D 106 11.28 44.70 -6.15
C THR D 106 10.59 43.63 -5.30
N GLU D 107 9.29 43.48 -5.52
CA GLU D 107 8.54 42.42 -4.85
C GLU D 107 8.70 41.04 -5.54
N GLY D 108 8.72 41.05 -6.87
CA GLY D 108 9.02 39.87 -7.64
C GLY D 108 8.14 39.58 -8.83
N GLY D 109 6.99 40.24 -8.90
CA GLY D 109 6.11 40.14 -10.06
C GLY D 109 6.74 40.70 -11.33
N LEU D 110 6.17 40.36 -12.49
CA LEU D 110 6.57 40.99 -13.74
C LEU D 110 6.13 42.43 -13.70
N ASP D 111 7.02 43.34 -14.11
CA ASP D 111 6.70 44.77 -14.12
C ASP D 111 6.00 45.13 -15.40
N VAL D 112 4.69 44.83 -15.43
CA VAL D 112 3.83 45.12 -16.57
C VAL D 112 3.64 46.62 -16.82
N ALA D 113 3.23 47.34 -15.78
CA ALA D 113 3.00 48.79 -15.91
C ALA D 113 4.22 49.61 -16.35
N GLY D 114 5.42 49.12 -16.06
CA GLY D 114 6.64 49.72 -16.58
C GLY D 114 7.01 49.34 -18.02
N GLN D 115 6.34 48.36 -18.61
CA GLN D 115 6.65 47.96 -20.01
C GLN D 115 5.37 47.68 -20.78
N VAL D 116 4.33 48.46 -20.52
CA VAL D 116 3.00 48.19 -21.08
C VAL D 116 3.01 47.79 -22.58
N ASP D 117 3.66 48.62 -23.40
CA ASP D 117 3.63 48.40 -24.82
C ASP D 117 4.19 47.03 -25.24
N LYS D 118 5.39 46.70 -24.76
CA LYS D 118 6.00 45.40 -25.09
C LYS D 118 5.08 44.22 -24.70
N MET D 119 4.44 44.33 -23.53
CA MET D 119 3.50 43.33 -23.02
C MET D 119 2.32 43.08 -23.97
N THR D 120 1.86 44.19 -24.55
CA THR D 120 0.72 44.27 -25.43
C THR D 120 0.97 43.53 -26.72
N LEU D 121 2.12 43.77 -27.34
CA LEU D 121 2.46 43.07 -28.59
C LEU D 121 2.64 41.57 -28.33
N ALA D 122 3.26 41.27 -27.19
CA ALA D 122 3.46 39.90 -26.76
C ALA D 122 2.13 39.17 -26.52
N VAL D 123 1.23 39.74 -25.71
CA VAL D 123 -0.12 39.15 -25.55
C VAL D 123 -0.83 38.93 -26.93
N GLY D 124 -0.73 39.93 -27.80
CA GLY D 124 -1.47 39.94 -29.06
C GLY D 124 -1.05 38.84 -30.01
N ARG D 125 0.25 38.64 -30.13
CA ARG D 125 0.82 37.57 -30.96
C ARG D 125 0.35 36.18 -30.48
N LEU D 126 0.40 35.98 -29.16
CA LEU D 126 0.09 34.72 -28.49
C LEU D 126 -1.38 34.40 -28.54
N ALA D 127 -2.25 35.38 -28.28
CA ALA D 127 -3.70 35.21 -28.57
C ALA D 127 -4.06 34.96 -30.05
N ASP D 128 -3.34 35.56 -30.98
CA ASP D 128 -3.65 35.34 -32.39
C ASP D 128 -3.56 33.88 -32.77
N VAL D 129 -2.90 33.10 -31.94
CA VAL D 129 -2.69 31.72 -32.27
C VAL D 129 -3.46 30.84 -31.28
N GLY D 130 -4.41 31.45 -30.60
CA GLY D 130 -5.27 30.70 -29.71
C GLY D 130 -4.77 30.44 -28.31
N ILE D 131 -3.55 30.86 -27.97
CA ILE D 131 -3.04 30.67 -26.59
C ILE D 131 -3.69 31.65 -25.63
N LEU D 132 -4.17 31.16 -24.48
CA LEU D 132 -4.62 31.99 -23.38
C LEU D 132 -3.45 32.42 -22.48
N VAL D 133 -3.34 33.75 -22.30
CA VAL D 133 -2.18 34.39 -21.73
C VAL D 133 -2.46 34.91 -20.34
N SER D 134 -1.53 34.64 -19.44
CA SER D 134 -1.55 35.11 -18.11
C SER D 134 -0.28 35.87 -17.74
N LEU D 135 -0.42 36.95 -17.00
CA LEU D 135 0.73 37.70 -16.55
C LEU D 135 0.96 37.45 -15.07
N PHE D 136 2.19 37.08 -14.70
CA PHE D 136 2.51 36.81 -13.31
C PHE D 136 2.91 38.12 -12.68
N ILE D 137 2.08 38.57 -11.75
CA ILE D 137 2.17 39.92 -11.22
C ILE D 137 1.90 39.99 -9.72
N ASP D 138 2.42 41.06 -9.11
CA ASP D 138 2.15 41.38 -7.72
C ASP D 138 0.69 41.66 -7.49
N ALA D 139 0.29 41.48 -6.23
CA ALA D 139 -1.02 41.88 -5.72
C ALA D 139 -0.99 43.42 -5.59
N ASP D 140 -1.00 44.04 -6.76
CA ASP D 140 -0.92 45.46 -6.87
C ASP D 140 -1.94 45.97 -7.92
N PHE D 141 -2.79 46.94 -7.50
CA PHE D 141 -3.89 47.47 -8.34
C PHE D 141 -3.40 48.03 -9.66
N ARG D 142 -2.30 48.78 -9.64
N ARG D 142 -2.31 48.80 -9.61
CA ARG D 142 -1.70 49.38 -10.85
CA ARG D 142 -1.59 49.40 -10.75
C ARG D 142 -1.05 48.40 -11.85
C ARG D 142 -1.09 48.39 -11.82
N GLN D 143 -0.57 47.25 -11.37
CA GLN D 143 -0.12 46.21 -12.28
C GLN D 143 -1.32 45.41 -12.75
N ILE D 144 -2.37 45.31 -11.93
CA ILE D 144 -3.68 44.79 -12.40
C ILE D 144 -4.23 45.63 -13.58
N ASP D 145 -4.02 46.96 -13.51
CA ASP D 145 -4.45 47.96 -14.53
C ASP D 145 -3.70 47.80 -15.87
N ALA D 146 -2.39 47.60 -15.73
CA ALA D 146 -1.51 47.35 -16.86
C ALA D 146 -1.85 46.00 -17.53
N ALA D 147 -1.95 44.93 -16.75
CA ALA D 147 -2.38 43.66 -17.29
C ALA D 147 -3.60 43.80 -18.17
N VAL D 148 -4.58 44.62 -17.77
CA VAL D 148 -5.76 44.85 -18.63
C VAL D 148 -5.46 45.69 -19.86
N ALA D 149 -4.70 46.78 -19.66
CA ALA D 149 -4.18 47.53 -20.80
C ALA D 149 -3.48 46.61 -21.81
N ALA D 150 -2.67 45.64 -21.35
CA ALA D 150 -1.98 44.72 -22.29
C ALA D 150 -2.92 43.69 -22.94
N GLY D 151 -4.17 43.62 -22.48
CA GLY D 151 -5.12 42.68 -23.07
C GLY D 151 -5.02 41.17 -22.71
N ALA D 152 -4.28 40.82 -21.67
CA ALA D 152 -4.26 39.45 -21.13
C ALA D 152 -5.56 39.14 -20.36
N PRO D 153 -6.19 37.96 -20.59
CA PRO D 153 -7.39 37.57 -19.84
C PRO D 153 -7.15 36.97 -18.42
N TYR D 154 -5.90 36.63 -18.12
CA TYR D 154 -5.51 36.06 -16.84
C TYR D 154 -4.30 36.82 -16.30
N ILE D 155 -4.32 37.02 -14.98
CA ILE D 155 -3.14 37.31 -14.21
C ILE D 155 -2.89 36.22 -13.18
N GLU D 156 -1.66 36.14 -12.67
CA GLU D 156 -1.38 35.20 -11.61
C GLU D 156 -0.75 35.99 -10.49
N ILE D 157 -1.44 36.01 -9.36
CA ILE D 157 -0.94 36.74 -8.24
C ILE D 157 0.25 36.02 -7.64
N HIS D 158 1.30 36.79 -7.34
CA HIS D 158 2.49 36.35 -6.66
C HIS D 158 2.12 36.15 -5.19
N THR D 159 2.08 34.88 -4.76
CA THR D 159 1.73 34.55 -3.39
C THR D 159 2.96 34.46 -2.48
N GLY D 160 4.08 34.98 -2.97
CA GLY D 160 5.37 34.93 -2.31
C GLY D 160 5.41 35.57 -0.94
N ALA D 161 5.06 36.84 -0.88
CA ALA D 161 5.17 37.60 0.37
C ALA D 161 4.21 37.06 1.43
N TYR D 162 3.05 36.60 1.00
CA TYR D 162 2.13 35.86 1.88
C TYR D 162 2.76 34.57 2.37
N ALA D 163 3.37 33.81 1.47
CA ALA D 163 4.08 32.58 1.84
C ALA D 163 5.23 32.90 2.82
N ASP D 164 5.80 34.11 2.73
CA ASP D 164 7.06 34.39 3.41
C ASP D 164 6.89 35.14 4.71
N ALA D 165 5.67 35.59 4.98
CA ALA D 165 5.39 36.25 6.23
C ALA D 165 5.86 35.40 7.42
N SER D 166 6.40 36.08 8.42
CA SER D 166 6.92 35.46 9.63
C SER D 166 5.93 35.56 10.78
N THR D 167 5.28 36.72 10.94
CA THR D 167 4.36 36.94 12.06
C THR D 167 2.93 36.71 11.61
N VAL D 168 2.02 36.56 12.58
CA VAL D 168 0.58 36.43 12.31
C VAL D 168 -0.01 37.71 11.69
N LEU D 169 0.31 38.88 12.29
CA LEU D 169 -0.20 40.18 11.83
C LEU D 169 0.17 40.46 10.36
N GLU D 170 1.41 40.12 9.97
CA GLU D 170 1.83 40.15 8.56
C GLU D 170 1.00 39.24 7.64
N ARG D 171 1.05 37.91 7.86
CA ARG D 171 0.31 36.90 7.05
C ARG D 171 -1.11 37.33 6.65
N GLN D 172 -1.94 37.74 7.61
N GLN D 172 -1.88 37.73 7.65
CA GLN D 172 -3.30 38.16 7.29
CA GLN D 172 -3.24 38.23 7.53
C GLN D 172 -3.33 39.58 6.68
C GLN D 172 -3.28 39.52 6.71
N ALA D 173 -2.25 40.35 6.87
CA ALA D 173 -2.11 41.61 6.13
C ALA D 173 -1.83 41.27 4.65
N GLU D 174 -0.89 40.33 4.44
CA GLU D 174 -0.53 39.86 3.11
C GLU D 174 -1.71 39.18 2.42
N LEU D 175 -2.52 38.49 3.22
CA LEU D 175 -3.66 37.73 2.74
C LEU D 175 -4.78 38.65 2.27
N MET D 176 -4.96 39.79 2.92
CA MET D 176 -5.96 40.79 2.50
C MET D 176 -5.52 41.46 1.19
N ARG D 177 -4.22 41.75 1.08
CA ARG D 177 -3.63 42.35 -0.14
C ARG D 177 -3.96 41.48 -1.40
N ILE D 178 -3.93 40.14 -1.23
CA ILE D 178 -4.25 39.17 -2.28
C ILE D 178 -5.74 39.10 -2.61
N ALA D 179 -6.56 39.14 -1.57
CA ALA D 179 -8.00 38.98 -1.69
C ALA D 179 -8.66 40.22 -2.30
N LYS D 180 -8.19 41.40 -1.87
CA LYS D 180 -8.61 42.66 -2.44
C LYS D 180 -8.14 42.71 -3.87
N ALA D 181 -6.89 42.31 -4.12
CA ALA D 181 -6.38 42.35 -5.48
C ALA D 181 -7.17 41.42 -6.39
N ALA D 182 -7.59 40.28 -5.85
CA ALA D 182 -8.49 39.31 -6.50
C ALA D 182 -9.83 39.89 -7.02
N THR D 183 -10.59 40.52 -6.13
CA THR D 183 -11.95 41.02 -6.44
C THR D 183 -11.88 42.10 -7.51
N TYR D 184 -10.90 42.98 -7.36
CA TYR D 184 -10.56 44.01 -8.35
C TYR D 184 -10.29 43.39 -9.76
N ALA D 185 -9.37 42.45 -9.83
CA ALA D 185 -9.13 41.80 -11.12
C ALA D 185 -10.37 41.11 -11.64
N ALA D 186 -11.06 40.42 -10.78
CA ALA D 186 -12.28 39.78 -11.21
C ALA D 186 -13.29 40.85 -11.65
N GLY D 187 -13.46 41.91 -10.85
CA GLY D 187 -14.41 43.01 -11.11
C GLY D 187 -14.05 43.77 -12.38
N LYS D 188 -12.84 43.56 -12.90
CA LYS D 188 -12.44 44.15 -14.16
C LYS D 188 -12.40 43.10 -15.32
N GLY D 189 -13.03 41.95 -15.10
CA GLY D 189 -13.17 40.90 -16.12
C GLY D 189 -12.12 39.79 -16.18
N LEU D 190 -10.93 40.03 -15.58
CA LEU D 190 -9.80 39.06 -15.53
C LEU D 190 -10.18 37.75 -14.82
N LYS D 191 -9.64 36.64 -15.28
CA LYS D 191 -9.62 35.46 -14.42
C LYS D 191 -8.39 35.58 -13.52
N VAL D 192 -8.50 35.17 -12.25
CA VAL D 192 -7.32 35.19 -11.40
C VAL D 192 -6.84 33.79 -10.95
N ASN D 193 -5.52 33.63 -11.06
CA ASN D 193 -4.77 32.52 -10.49
C ASN D 193 -3.83 33.07 -9.39
N ALA D 194 -3.26 32.18 -8.60
CA ALA D 194 -2.23 32.59 -7.70
C ALA D 194 -1.20 31.49 -7.69
N GLY D 195 0.03 31.82 -7.29
CA GLY D 195 1.07 30.84 -7.22
C GLY D 195 2.34 31.44 -6.67
N HIS D 196 3.23 30.54 -6.27
CA HIS D 196 4.56 30.83 -5.75
C HIS D 196 4.59 30.79 -4.25
N GLY D 197 5.13 29.69 -3.75
CA GLY D 197 5.39 29.54 -2.33
C GLY D 197 4.34 28.79 -1.58
N LEU D 198 3.29 28.34 -2.26
CA LEU D 198 2.20 27.68 -1.53
C LEU D 198 2.62 26.30 -1.10
N THR D 199 2.11 25.88 0.06
CA THR D 199 2.52 24.63 0.68
C THR D 199 1.30 23.91 1.20
N TYR D 200 1.47 22.65 1.63
CA TYR D 200 0.43 21.96 2.34
C TYR D 200 -0.09 22.73 3.59
N HIS D 201 0.60 23.76 4.05
CA HIS D 201 0.14 24.38 5.31
C HIS D 201 -0.27 25.80 5.17
N ASN D 202 -0.23 26.32 3.95
CA ASN D 202 -0.66 27.68 3.72
C ASN D 202 -1.65 27.85 2.57
N VAL D 203 -2.04 26.74 1.97
CA VAL D 203 -2.75 26.81 0.66
C VAL D 203 -4.22 27.19 0.86
N GLN D 204 -4.78 26.80 2.01
CA GLN D 204 -6.23 26.85 2.26
C GLN D 204 -6.88 28.26 2.26
N PRO D 205 -6.27 29.26 2.95
CA PRO D 205 -6.85 30.59 2.75
C PRO D 205 -6.77 31.12 1.32
N ILE D 206 -5.74 30.69 0.59
CA ILE D 206 -5.61 31.15 -0.78
C ILE D 206 -6.64 30.41 -1.65
N ALA D 207 -6.77 29.11 -1.41
CA ALA D 207 -7.78 28.34 -2.09
C ALA D 207 -9.23 28.81 -1.75
N ALA D 208 -9.42 29.42 -0.57
CA ALA D 208 -10.74 29.90 -0.06
C ALA D 208 -11.28 31.17 -0.76
N LEU D 209 -10.38 31.98 -1.33
CA LEU D 209 -10.76 33.13 -2.16
C LEU D 209 -11.63 32.66 -3.34
N PRO D 210 -12.90 33.12 -3.44
CA PRO D 210 -13.79 32.59 -4.50
C PRO D 210 -13.38 32.92 -5.97
N GLU D 211 -12.63 34.01 -6.18
CA GLU D 211 -12.20 34.46 -7.52
C GLU D 211 -11.07 33.65 -8.12
N MET D 212 -10.37 32.87 -7.27
CA MET D 212 -9.29 31.99 -7.71
C MET D 212 -9.75 30.97 -8.74
N HIS D 213 -9.01 30.86 -9.85
CA HIS D 213 -9.37 29.89 -10.91
C HIS D 213 -8.49 28.65 -10.90
N GLU D 214 -7.19 28.86 -11.02
CA GLU D 214 -6.22 27.79 -10.93
C GLU D 214 -5.16 28.20 -9.93
N LEU D 215 -4.81 27.28 -9.05
CA LEU D 215 -3.58 27.45 -8.29
C LEU D 215 -2.38 26.65 -8.90
N ASN D 216 -1.26 27.36 -9.05
CA ASN D 216 -0.11 26.85 -9.71
C ASN D 216 1.02 26.64 -8.68
N ILE D 217 1.26 25.37 -8.32
CA ILE D 217 2.19 25.01 -7.25
C ILE D 217 3.22 24.03 -7.76
N GLY D 218 4.49 24.23 -7.39
CA GLY D 218 5.51 23.27 -7.77
C GLY D 218 6.38 22.78 -6.64
N HIS D 219 7.21 23.71 -6.18
CA HIS D 219 8.25 23.46 -5.23
C HIS D 219 7.86 22.61 -4.00
N ALA D 220 6.79 23.02 -3.29
CA ALA D 220 6.30 22.26 -2.15
C ALA D 220 5.81 20.87 -2.53
N ILE D 221 5.17 20.75 -3.69
CA ILE D 221 4.77 19.43 -4.22
C ILE D 221 6.00 18.54 -4.50
N ILE D 222 7.04 19.08 -5.16
CA ILE D 222 8.22 18.22 -5.43
C ILE D 222 8.97 17.87 -4.14
N GLY D 223 9.12 18.82 -3.25
CA GLY D 223 9.64 18.60 -1.89
C GLY D 223 8.90 17.51 -1.14
N GLN D 224 7.57 17.47 -1.23
CA GLN D 224 6.85 16.39 -0.60
C GLN D 224 7.08 15.07 -1.36
N ALA D 225 7.08 15.12 -2.72
CA ALA D 225 7.28 13.93 -3.55
C ALA D 225 8.57 13.16 -3.30
N VAL D 226 9.72 13.85 -3.21
CA VAL D 226 10.99 13.09 -2.91
C VAL D 226 10.88 12.20 -1.70
N MET D 227 10.12 12.61 -0.66
CA MET D 227 9.84 11.72 0.50
C MET D 227 8.76 10.67 0.23
N THR D 228 7.54 11.13 -0.14
CA THR D 228 6.35 10.30 -0.20
C THR D 228 5.95 9.81 -1.61
N GLY D 229 6.53 10.38 -2.65
CA GLY D 229 6.15 10.01 -4.01
C GLY D 229 5.23 11.05 -4.59
N LEU D 230 5.34 11.28 -5.90
CA LEU D 230 4.54 12.32 -6.58
C LEU D 230 3.01 12.06 -6.55
N ALA D 231 2.57 10.83 -6.71
CA ALA D 231 1.13 10.55 -6.67
C ALA D 231 0.53 11.10 -5.36
N ALA D 232 1.08 10.66 -4.23
CA ALA D 232 0.53 11.09 -2.96
C ALA D 232 0.69 12.60 -2.81
N ALA D 233 1.75 13.17 -3.34
CA ALA D 233 1.94 14.56 -3.04
C ALA D 233 0.94 15.42 -3.79
N VAL D 234 0.49 14.98 -4.96
CA VAL D 234 -0.48 15.74 -5.72
C VAL D 234 -1.91 15.50 -5.18
N THR D 235 -2.24 14.23 -4.96
CA THR D 235 -3.49 13.91 -4.26
C THR D 235 -3.70 14.76 -3.00
N ASP D 236 -2.73 14.75 -2.07
CA ASP D 236 -2.85 15.44 -0.79
C ASP D 236 -3.13 16.89 -1.04
N MET D 237 -2.49 17.46 -2.05
CA MET D 237 -2.65 18.90 -2.23
C MET D 237 -4.06 19.20 -2.74
N LYS D 238 -4.51 18.39 -3.70
CA LYS D 238 -5.84 18.50 -4.30
C LYS D 238 -6.97 18.42 -3.24
N VAL D 239 -6.78 17.49 -2.30
CA VAL D 239 -7.62 17.30 -1.12
C VAL D 239 -7.66 18.60 -0.28
N LEU D 240 -6.50 19.18 0.06
CA LEU D 240 -6.48 20.49 0.74
C LEU D 240 -7.29 21.56 -0.02
N MET D 241 -7.17 21.55 -1.34
CA MET D 241 -7.86 22.51 -2.18
C MET D 241 -9.39 22.36 -2.15
N ARG D 242 -9.90 21.14 -2.36
CA ARG D 242 -11.34 20.88 -2.29
C ARG D 242 -11.89 21.25 -0.90
N GLU D 243 -11.14 20.86 0.13
CA GLU D 243 -11.52 21.15 1.51
C GLU D 243 -11.55 22.65 1.84
N ALA D 244 -10.71 23.45 1.20
CA ALA D 244 -10.68 24.84 1.55
C ALA D 244 -11.93 25.51 1.04
N ARG D 245 -12.56 24.87 0.07
CA ARG D 245 -13.70 25.42 -0.63
C ARG D 245 -15.00 25.04 0.06
N ARG D 246 -15.03 23.83 0.65
CA ARG D 246 -16.19 23.24 1.34
C ARG D 246 -16.57 23.91 2.67
N ASP E 6 -11.85 26.10 9.37
CA ASP E 6 -11.11 24.79 9.38
C ASP E 6 -10.54 24.37 10.75
N LEU E 7 -10.63 23.06 11.01
CA LEU E 7 -10.29 22.51 12.29
C LEU E 7 -8.90 21.93 12.22
N LEU E 8 -8.02 22.50 13.02
CA LEU E 8 -6.64 22.08 13.07
C LEU E 8 -6.41 20.95 14.03
N LEU E 9 -5.48 20.09 13.69
CA LEU E 9 -5.05 18.98 14.55
C LEU E 9 -3.59 19.18 15.00
N GLY E 10 -3.37 19.36 16.31
CA GLY E 10 -2.02 19.36 16.93
C GLY E 10 -1.72 17.91 17.34
N VAL E 11 -0.56 17.37 16.98
CA VAL E 11 -0.23 16.03 17.42
C VAL E 11 0.80 16.12 18.53
N ASN E 12 0.49 15.59 19.72
CA ASN E 12 1.42 15.64 20.82
C ASN E 12 2.29 14.41 20.69
N ILE E 13 3.60 14.59 20.60
CA ILE E 13 4.46 13.45 20.35
C ILE E 13 5.21 13.00 21.60
N ASP E 14 4.74 13.37 22.79
CA ASP E 14 5.50 12.99 23.99
C ASP E 14 5.71 11.44 24.05
N HIS E 15 4.66 10.66 23.80
CA HIS E 15 4.80 9.23 24.04
C HIS E 15 5.73 8.54 23.08
N ILE E 16 6.11 9.24 22.00
CA ILE E 16 7.23 8.77 21.17
C ILE E 16 8.45 8.69 22.05
N ALA E 17 8.80 9.83 22.65
CA ALA E 17 9.89 9.88 23.67
C ALA E 17 9.72 8.92 24.85
N THR E 18 8.49 8.49 25.16
CA THR E 18 8.30 7.57 26.31
C THR E 18 8.88 6.22 26.01
N LEU E 19 8.55 5.75 24.81
CA LEU E 19 9.11 4.54 24.30
C LEU E 19 10.63 4.59 24.26
N ARG E 20 11.24 5.71 23.92
CA ARG E 20 12.70 5.76 23.77
C ARG E 20 13.44 5.77 25.12
N ASN E 21 12.91 6.55 26.07
CA ASN E 21 13.53 6.81 27.36
C ASN E 21 13.42 5.62 28.25
N ALA E 22 12.69 4.60 27.80
CA ALA E 22 12.64 3.38 28.61
C ALA E 22 14.01 2.77 28.64
N ARG E 23 14.75 2.98 27.54
CA ARG E 23 16.14 2.48 27.29
C ARG E 23 17.17 3.57 26.98
N GLY E 24 18.43 3.25 26.96
CA GLY E 24 19.38 4.34 26.59
C GLY E 24 19.26 5.00 25.20
N THR E 25 18.34 4.55 24.36
CA THR E 25 18.57 4.62 22.91
C THR E 25 18.24 5.98 22.26
N ILE E 26 18.62 6.11 21.00
CA ILE E 26 18.37 7.33 20.22
C ILE E 26 17.02 7.16 19.58
N TYR E 27 16.58 5.92 19.41
CA TYR E 27 15.28 5.65 18.76
C TYR E 27 14.22 5.14 19.77
N PRO E 28 12.93 5.36 19.46
CA PRO E 28 12.41 6.14 18.34
C PRO E 28 12.58 7.65 18.61
N ASP E 29 12.68 8.44 17.55
CA ASP E 29 13.07 9.84 17.74
C ASP E 29 11.91 10.80 17.43
N PRO E 30 11.46 11.59 18.44
CA PRO E 30 10.45 12.65 18.28
C PRO E 30 10.61 13.46 16.98
N VAL E 31 11.85 13.75 16.61
CA VAL E 31 12.08 14.50 15.37
C VAL E 31 11.57 13.75 14.15
N GLN E 32 11.75 12.43 14.14
CA GLN E 32 11.22 11.68 13.04
C GLN E 32 9.67 11.70 13.00
N ALA E 33 9.07 11.47 14.15
CA ALA E 33 7.63 11.55 14.36
C ALA E 33 7.02 12.87 13.84
N ALA E 34 7.63 14.02 14.13
CA ALA E 34 7.06 15.32 13.68
C ALA E 34 6.88 15.37 12.15
N PHE E 35 7.87 14.82 11.42
CA PHE E 35 7.82 14.83 9.97
C PHE E 35 6.66 14.00 9.47
N ILE E 36 6.68 12.71 9.78
CA ILE E 36 5.57 11.84 9.50
C ILE E 36 4.24 12.50 9.82
N ALA E 37 4.08 13.06 11.02
CA ALA E 37 2.76 13.63 11.40
C ALA E 37 2.35 14.87 10.56
N GLU E 38 3.33 15.73 10.20
CA GLU E 38 3.07 17.00 9.50
C GLU E 38 2.67 16.70 8.06
N GLN E 39 3.27 15.64 7.55
CA GLN E 39 3.04 15.20 6.21
C GLN E 39 1.84 14.29 6.12
N ALA E 40 1.38 13.79 7.25
CA ALA E 40 0.18 12.94 7.24
C ALA E 40 -1.05 13.67 7.65
N GLY E 41 -0.97 14.98 7.82
CA GLY E 41 -2.15 15.72 8.24
C GLY E 41 -2.06 16.73 9.39
N ALA E 42 -1.05 16.61 10.27
CA ALA E 42 -0.91 17.50 11.40
C ALA E 42 -0.71 19.00 11.03
N ASP E 43 -1.37 19.90 11.75
CA ASP E 43 -1.22 21.31 11.51
C ASP E 43 -0.26 21.91 12.55
N GLY E 44 -0.10 21.19 13.67
CA GLY E 44 0.84 21.54 14.75
C GLY E 44 1.46 20.28 15.37
N ILE E 45 2.62 20.46 16.00
CA ILE E 45 3.37 19.43 16.71
C ILE E 45 3.54 19.97 18.15
N THR E 46 2.94 19.28 19.14
CA THR E 46 3.03 19.63 20.53
C THR E 46 4.03 18.72 21.26
N VAL E 47 4.92 19.32 22.06
CA VAL E 47 5.75 18.55 23.01
C VAL E 47 5.54 19.18 24.37
N HIS E 48 5.49 18.39 25.42
CA HIS E 48 5.50 18.93 26.75
C HIS E 48 6.86 18.67 27.34
N LEU E 49 7.62 19.73 27.54
CA LEU E 49 8.89 19.61 28.25
C LEU E 49 8.57 19.72 29.75
N ARG E 50 8.65 18.57 30.44
CA ARG E 50 8.49 18.48 31.89
C ARG E 50 9.72 18.98 32.61
N GLU E 51 9.55 19.61 33.78
CA GLU E 51 10.70 19.97 34.61
C GLU E 51 11.58 18.75 34.83
N ASP E 52 10.97 17.57 34.86
CA ASP E 52 11.73 16.34 35.11
C ASP E 52 12.23 15.64 33.83
N ARG E 53 11.79 16.13 32.67
CA ARG E 53 12.18 15.57 31.37
C ARG E 53 11.90 14.09 31.35
N ARG E 54 10.80 13.68 31.93
CA ARG E 54 10.42 12.26 31.87
C ARG E 54 10.42 11.75 30.45
N HIS E 55 9.94 12.56 29.53
CA HIS E 55 9.87 12.12 28.16
C HIS E 55 10.65 13.03 27.19
N ILE E 56 10.01 14.08 26.66
CA ILE E 56 10.69 15.07 25.86
C ILE E 56 11.88 15.71 26.58
N THR E 57 13.00 15.91 25.87
CA THR E 57 14.20 16.36 26.54
C THR E 57 14.49 17.69 25.89
N ASP E 58 15.48 18.42 26.41
CA ASP E 58 15.88 19.70 25.84
C ASP E 58 16.43 19.47 24.47
N ARG E 59 17.07 18.33 24.31
CA ARG E 59 17.66 17.95 23.03
C ARG E 59 16.53 17.93 21.96
N ASP E 60 15.35 17.42 22.34
CA ASP E 60 14.21 17.25 21.44
C ASP E 60 13.63 18.61 21.09
N VAL E 61 13.33 19.37 22.13
CA VAL E 61 12.80 20.68 21.95
C VAL E 61 13.71 21.46 20.99
N ARG E 62 14.98 21.52 21.31
CA ARG E 62 15.91 22.32 20.55
C ARG E 62 16.16 21.87 19.09
N ILE E 63 16.13 20.55 18.81
CA ILE E 63 16.17 20.11 17.44
C ILE E 63 14.85 20.30 16.73
N LEU E 64 13.73 19.98 17.39
CA LEU E 64 12.39 20.17 16.81
C LEU E 64 12.12 21.61 16.37
N ARG E 65 12.60 22.58 17.14
CA ARG E 65 12.45 24.00 16.78
C ARG E 65 13.05 24.29 15.41
N GLN E 66 14.09 23.52 15.07
CA GLN E 66 14.75 23.75 13.81
C GLN E 66 14.24 22.85 12.71
N THR E 67 13.39 21.86 13.05
CA THR E 67 12.92 20.93 12.03
C THR E 67 11.41 20.99 11.70
N ILE E 68 10.60 21.41 12.67
CA ILE E 68 9.16 21.49 12.56
C ILE E 68 8.83 22.37 11.37
N GLN E 69 8.04 21.83 10.43
CA GLN E 69 7.72 22.61 9.23
C GLN E 69 6.38 23.38 9.36
N THR E 70 5.61 23.01 10.38
CA THR E 70 4.36 23.68 10.64
C THR E 70 4.56 24.72 11.76
N ARG E 71 4.19 24.36 12.99
N ARG E 71 4.15 24.36 12.97
CA ARG E 71 4.22 25.26 14.15
CA ARG E 71 4.17 25.22 14.16
C ARG E 71 4.45 24.44 15.39
C ARG E 71 4.47 24.40 15.38
N MET E 72 5.29 24.94 16.27
CA MET E 72 5.58 24.29 17.53
C MET E 72 4.62 24.73 18.65
N ASN E 73 3.95 23.78 19.28
CA ASN E 73 3.22 24.07 20.54
C ASN E 73 4.07 23.53 21.70
N LEU E 74 4.71 24.42 22.45
CA LEU E 74 5.49 23.98 23.62
C LEU E 74 4.67 23.98 24.92
N GLU E 75 4.39 22.78 25.43
CA GLU E 75 3.69 22.60 26.71
C GLU E 75 4.69 22.60 27.81
N MET E 76 4.38 23.37 28.85
CA MET E 76 5.34 23.70 29.89
C MET E 76 4.64 24.28 31.09
N ALA E 77 5.29 24.13 32.25
CA ALA E 77 4.78 24.67 33.52
C ALA E 77 5.14 26.13 33.67
N VAL E 78 4.41 26.86 34.49
CA VAL E 78 4.74 28.25 34.62
C VAL E 78 5.79 28.45 35.72
N THR E 79 7.05 28.30 35.34
CA THR E 79 8.22 28.50 36.21
C THR E 79 9.23 29.35 35.42
N ASP E 80 10.25 29.84 36.11
CA ASP E 80 11.21 30.78 35.55
C ASP E 80 12.14 30.14 34.53
N GLU E 81 12.54 28.91 34.83
CA GLU E 81 13.29 28.06 33.91
C GLU E 81 12.54 27.90 32.54
N MET E 82 11.25 27.57 32.58
CA MET E 82 10.50 27.34 31.34
C MET E 82 10.18 28.64 30.60
N VAL E 83 9.80 29.67 31.34
CA VAL E 83 9.62 30.96 30.73
C VAL E 83 10.91 31.34 29.99
N ASP E 84 12.07 31.07 30.59
CA ASP E 84 13.33 31.40 29.93
C ASP E 84 13.68 30.56 28.71
N ILE E 85 13.42 29.24 28.76
CA ILE E 85 13.67 28.38 27.60
C ILE E 85 12.74 28.86 26.47
N ALA E 86 11.47 29.09 26.80
CA ALA E 86 10.57 29.51 25.74
C ALA E 86 10.97 30.87 25.08
N CYS E 87 11.49 31.81 25.88
CA CYS E 87 11.94 33.08 25.31
C CYS E 87 13.15 32.91 24.39
N ASP E 88 13.95 31.88 24.63
CA ASP E 88 15.01 31.48 23.72
C ASP E 88 14.49 30.75 22.44
N ILE E 89 13.79 29.64 22.64
CA ILE E 89 13.15 28.84 21.60
C ILE E 89 12.22 29.69 20.69
N LYS E 90 11.37 30.50 21.28
CA LYS E 90 10.38 31.26 20.52
C LYS E 90 9.49 30.34 19.72
N PRO E 91 8.86 29.34 20.40
CA PRO E 91 7.89 28.50 19.73
C PRO E 91 6.69 29.33 19.39
N HIS E 92 5.99 28.95 18.32
N HIS E 92 5.96 28.91 18.37
CA HIS E 92 4.77 29.64 17.84
CA HIS E 92 4.83 29.66 17.84
C HIS E 92 3.76 29.80 18.97
C HIS E 92 3.63 29.73 18.84
N PHE E 93 3.49 28.68 19.65
CA PHE E 93 2.54 28.64 20.77
C PHE E 93 3.23 28.12 22.04
N CYS E 94 2.84 28.68 23.17
CA CYS E 94 3.07 28.07 24.47
C CYS E 94 1.74 27.64 25.02
N CYS E 95 1.70 26.44 25.59
CA CYS E 95 0.53 25.98 26.32
C CYS E 95 0.97 25.79 27.78
N LEU E 96 0.33 26.51 28.69
CA LEU E 96 0.71 26.51 30.08
C LEU E 96 -0.18 25.55 30.87
N VAL E 97 0.46 24.59 31.53
CA VAL E 97 -0.18 23.46 32.16
C VAL E 97 0.25 23.32 33.66
N PRO E 98 -0.51 22.56 34.48
CA PRO E 98 -0.09 22.31 35.84
C PRO E 98 0.90 21.17 35.87
N GLU E 99 1.96 21.32 36.64
CA GLU E 99 2.86 20.20 36.90
C GLU E 99 2.88 19.80 38.39
N LYS E 100 2.29 20.63 39.24
CA LYS E 100 2.24 20.39 40.68
C LYS E 100 0.78 20.60 41.15
N ARG E 101 0.38 19.93 42.25
CA ARG E 101 -1.03 19.88 42.72
C ARG E 101 -1.50 21.28 43.18
N GLN E 102 -0.51 22.09 43.53
CA GLN E 102 -0.63 23.54 43.78
C GLN E 102 -1.01 24.36 42.53
N GLU E 103 -0.56 23.95 41.36
CA GLU E 103 -0.95 24.62 40.10
C GLU E 103 -2.26 24.05 39.48
N VAL E 104 -2.76 22.94 40.02
CA VAL E 104 -3.86 22.15 39.40
C VAL E 104 -5.22 22.36 40.08
N THR E 105 -6.28 22.40 39.28
CA THR E 105 -7.63 22.22 39.85
C THR E 105 -8.01 20.73 40.05
N THR E 106 -9.06 20.54 40.83
CA THR E 106 -9.81 19.29 40.93
C THR E 106 -9.86 18.50 39.61
N GLU E 107 -10.21 19.18 38.52
CA GLU E 107 -10.48 18.50 37.24
C GLU E 107 -9.23 18.06 36.46
N GLY E 108 -8.16 18.86 36.56
CA GLY E 108 -6.91 18.68 35.78
C GLY E 108 -6.39 19.95 35.09
N GLY E 109 -7.26 20.96 35.01
CA GLY E 109 -6.90 22.26 34.43
C GLY E 109 -5.95 23.10 35.25
N LEU E 110 -5.31 24.04 34.57
CA LEU E 110 -4.48 25.03 35.25
C LEU E 110 -5.36 25.97 36.11
N ASP E 111 -4.97 26.19 37.36
CA ASP E 111 -5.75 27.12 38.15
C ASP E 111 -5.28 28.55 37.95
N VAL E 112 -5.87 29.25 36.99
CA VAL E 112 -5.51 30.61 36.61
C VAL E 112 -6.17 31.58 37.53
N ALA E 113 -7.45 31.35 37.76
CA ALA E 113 -8.18 32.17 38.68
C ALA E 113 -7.43 32.31 40.01
N GLY E 114 -6.91 31.20 40.54
CA GLY E 114 -6.23 31.25 41.83
C GLY E 114 -4.84 31.82 41.74
N GLN E 115 -4.35 31.98 40.52
CA GLN E 115 -2.99 32.46 40.34
C GLN E 115 -2.96 33.62 39.34
N VAL E 116 -3.95 34.51 39.40
CA VAL E 116 -4.15 35.56 38.38
C VAL E 116 -2.87 36.32 38.07
N ASP E 117 -2.16 36.75 39.13
CA ASP E 117 -1.07 37.72 38.94
C ASP E 117 0.19 37.08 38.39
N LYS E 118 0.54 35.86 38.84
CA LYS E 118 1.67 35.17 38.22
C LYS E 118 1.43 34.87 36.71
N MET E 119 0.23 34.40 36.38
CA MET E 119 -0.15 34.16 35.00
C MET E 119 -0.03 35.36 34.06
N THR E 120 -0.61 36.51 34.46
CA THR E 120 -0.51 37.78 33.71
C THR E 120 0.95 38.19 33.43
N LEU E 121 1.81 38.12 34.46
CA LEU E 121 3.24 38.37 34.30
C LEU E 121 3.81 37.43 33.26
N ALA E 122 3.56 36.14 33.47
CA ALA E 122 4.07 35.07 32.61
C ALA E 122 3.61 35.25 31.17
N VAL E 123 2.32 35.45 30.97
CA VAL E 123 1.71 35.61 29.67
C VAL E 123 2.31 36.84 29.02
N GLY E 124 2.20 37.98 29.71
CA GLY E 124 2.78 39.24 29.28
C GLY E 124 4.18 39.04 28.76
N ARG E 125 4.97 38.22 29.45
CA ARG E 125 6.36 37.99 29.06
C ARG E 125 6.59 37.16 27.81
N LEU E 126 5.83 36.09 27.64
CA LEU E 126 6.02 35.25 26.48
C LEU E 126 5.56 35.98 25.24
N ALA E 127 4.49 36.74 25.42
CA ALA E 127 3.85 37.50 24.36
C ALA E 127 4.81 38.55 23.87
N ASP E 128 5.62 39.10 24.76
CA ASP E 128 6.65 40.08 24.36
C ASP E 128 7.64 39.54 23.33
N VAL E 129 7.76 38.23 23.26
CA VAL E 129 8.72 37.65 22.35
C VAL E 129 8.01 37.10 21.13
N GLY E 130 6.71 37.38 21.03
CA GLY E 130 5.96 37.00 19.85
C GLY E 130 5.30 35.62 19.97
N ILE E 131 5.36 35.03 21.15
CA ILE E 131 4.71 33.77 21.34
C ILE E 131 3.21 33.96 21.58
N LEU E 132 2.35 33.16 20.94
CA LEU E 132 0.90 33.10 21.30
C LEU E 132 0.75 32.13 22.44
N VAL E 133 0.08 32.57 23.49
CA VAL E 133 0.02 31.82 24.76
C VAL E 133 -1.36 31.20 24.96
N SER E 134 -1.39 29.90 25.24
CA SER E 134 -2.65 29.20 25.57
C SER E 134 -2.60 28.64 26.98
N LEU E 135 -3.73 28.74 27.66
CA LEU E 135 -3.87 28.20 29.01
C LEU E 135 -4.81 27.00 28.95
N PHE E 136 -4.29 25.86 29.41
CA PHE E 136 -5.03 24.63 29.54
C PHE E 136 -5.89 24.78 30.79
N ILE E 137 -7.22 24.72 30.61
CA ILE E 137 -8.15 24.95 31.71
C ILE E 137 -9.43 24.11 31.65
N ASP E 138 -10.16 24.10 32.76
CA ASP E 138 -11.47 23.43 32.82
C ASP E 138 -12.53 24.20 32.04
N ALA E 139 -13.52 23.50 31.53
CA ALA E 139 -14.62 24.20 30.89
C ALA E 139 -15.37 25.01 31.97
N ASP E 140 -14.77 26.11 32.44
CA ASP E 140 -15.14 26.72 33.73
C ASP E 140 -15.06 28.25 33.69
N PHE E 141 -16.21 28.91 33.74
CA PHE E 141 -16.32 30.34 33.45
C PHE E 141 -15.45 31.19 34.34
N ARG E 142 -15.29 30.76 35.58
CA ARG E 142 -14.36 31.40 36.47
C ARG E 142 -12.97 31.53 35.85
N GLN E 143 -12.41 30.39 35.40
CA GLN E 143 -11.13 30.31 34.69
C GLN E 143 -11.09 31.07 33.36
N ILE E 144 -12.15 30.95 32.57
CA ILE E 144 -12.18 31.68 31.31
C ILE E 144 -12.02 33.17 31.58
N ASP E 145 -12.73 33.67 32.60
CA ASP E 145 -12.67 35.09 32.98
C ASP E 145 -11.27 35.47 33.39
N ALA E 146 -10.67 34.58 34.18
CA ALA E 146 -9.31 34.71 34.64
C ALA E 146 -8.25 34.66 33.49
N ALA E 147 -8.55 33.92 32.41
CA ALA E 147 -7.63 33.90 31.26
C ALA E 147 -7.69 35.23 30.48
N VAL E 148 -8.88 35.76 30.28
CA VAL E 148 -9.01 37.10 29.69
C VAL E 148 -8.29 38.13 30.57
N ALA E 149 -8.52 38.04 31.88
CA ALA E 149 -7.88 38.92 32.84
C ALA E 149 -6.35 38.79 32.72
N ALA E 150 -5.86 37.55 32.50
CA ALA E 150 -4.41 37.29 32.31
C ALA E 150 -3.83 37.78 30.98
N GLY E 151 -4.70 38.09 30.01
CA GLY E 151 -4.29 38.53 28.68
C GLY E 151 -3.81 37.47 27.68
N ALA E 152 -4.12 36.19 27.92
CA ALA E 152 -3.84 35.08 26.98
C ALA E 152 -4.81 35.11 25.83
N PRO E 153 -4.31 35.09 24.58
CA PRO E 153 -5.22 35.07 23.42
C PRO E 153 -5.94 33.71 23.17
N TYR E 154 -5.47 32.63 23.82
CA TYR E 154 -6.00 31.26 23.65
C TYR E 154 -6.31 30.58 24.96
N ILE E 155 -7.21 29.59 24.89
CA ILE E 155 -7.36 28.61 25.97
C ILE E 155 -7.46 27.24 25.37
N GLU E 156 -7.05 26.22 26.10
CA GLU E 156 -7.35 24.83 25.70
C GLU E 156 -8.22 24.20 26.79
N ILE E 157 -9.38 23.72 26.39
CA ILE E 157 -10.32 23.18 27.35
C ILE E 157 -9.99 21.71 27.60
N HIS E 158 -9.85 21.36 28.88
CA HIS E 158 -9.66 19.99 29.30
C HIS E 158 -10.86 19.08 28.91
N THR E 159 -10.55 18.03 28.17
CA THR E 159 -11.59 17.11 27.67
C THR E 159 -11.59 15.77 28.38
N GLY E 160 -10.69 15.61 29.36
CA GLY E 160 -10.53 14.36 30.10
C GLY E 160 -11.80 13.82 30.71
N ALA E 161 -12.61 14.69 31.32
CA ALA E 161 -13.82 14.26 31.97
C ALA E 161 -14.84 13.76 30.93
N TYR E 162 -15.04 14.52 29.84
CA TYR E 162 -15.80 14.06 28.69
C TYR E 162 -15.24 12.72 28.22
N ALA E 163 -13.92 12.64 28.07
CA ALA E 163 -13.35 11.37 27.64
C ALA E 163 -13.69 10.23 28.60
N ASP E 164 -13.70 10.49 29.89
CA ASP E 164 -13.80 9.41 30.91
C ASP E 164 -15.20 8.90 31.34
N ALA E 165 -16.25 9.56 30.85
CA ALA E 165 -17.63 9.17 31.18
C ALA E 165 -17.99 7.70 30.93
N SER E 166 -18.94 7.19 31.70
CA SER E 166 -19.41 5.85 31.48
C SER E 166 -20.80 5.91 30.87
N THR E 167 -21.62 6.80 31.40
CA THR E 167 -23.05 6.91 31.03
C THR E 167 -23.27 7.83 29.84
N VAL E 168 -24.27 7.50 29.02
CA VAL E 168 -24.71 8.39 27.93
C VAL E 168 -25.11 9.80 28.45
N LEU E 169 -25.77 9.84 29.61
CA LEU E 169 -26.23 11.08 30.27
C LEU E 169 -25.07 11.89 30.91
N GLU E 170 -23.98 11.21 31.26
CA GLU E 170 -22.80 11.91 31.74
C GLU E 170 -21.95 12.47 30.57
N ARG E 171 -21.71 11.65 29.55
CA ARG E 171 -21.03 12.13 28.34
C ARG E 171 -21.71 13.36 27.73
N GLN E 172 -23.04 13.32 27.66
CA GLN E 172 -23.78 14.44 27.13
C GLN E 172 -23.60 15.71 27.95
N ALA E 173 -23.47 15.56 29.28
CA ALA E 173 -23.38 16.71 30.20
C ALA E 173 -22.02 17.33 30.13
N GLU E 174 -21.00 16.47 30.15
CA GLU E 174 -19.62 16.90 29.95
C GLU E 174 -19.44 17.57 28.59
N LEU E 175 -20.03 16.99 27.53
CA LEU E 175 -20.09 17.65 26.22
C LEU E 175 -20.69 19.03 26.38
N MET E 176 -21.80 19.10 27.11
CA MET E 176 -22.53 20.34 27.26
C MET E 176 -21.71 21.50 27.82
N ARG E 177 -20.90 21.23 28.84
CA ARG E 177 -20.20 22.35 29.46
C ARG E 177 -18.96 22.73 28.66
N ILE E 178 -18.43 21.75 27.92
CA ILE E 178 -17.36 22.04 26.99
C ILE E 178 -17.87 23.01 25.94
N ALA E 179 -18.98 22.64 25.30
CA ALA E 179 -19.70 23.48 24.33
C ALA E 179 -20.15 24.86 24.85
N LYS E 180 -20.70 24.91 26.06
CA LYS E 180 -21.12 26.17 26.70
C LYS E 180 -19.92 27.09 27.09
N ALA E 181 -18.86 26.48 27.60
CA ALA E 181 -17.61 27.18 27.78
C ALA E 181 -16.98 27.56 26.42
N ALA E 182 -17.17 26.73 25.41
CA ALA E 182 -16.63 27.06 24.09
C ALA E 182 -17.32 28.31 23.52
N THR E 183 -18.66 28.40 23.59
CA THR E 183 -19.35 29.61 23.11
C THR E 183 -18.99 30.85 23.92
N TYR E 184 -18.91 30.68 25.24
CA TYR E 184 -18.61 31.78 26.17
C TYR E 184 -17.21 32.32 25.94
N ALA E 185 -16.25 31.41 25.74
CA ALA E 185 -14.87 31.80 25.52
C ALA E 185 -14.75 32.56 24.22
N ALA E 186 -15.42 32.07 23.18
CA ALA E 186 -15.38 32.72 21.88
C ALA E 186 -16.04 34.09 21.99
N GLY E 187 -17.06 34.18 22.83
CA GLY E 187 -17.78 35.43 23.04
C GLY E 187 -16.85 36.50 23.59
N LYS E 188 -15.90 36.08 24.41
CA LYS E 188 -15.03 36.93 25.22
C LYS E 188 -13.69 37.31 24.52
N GLY E 189 -13.57 36.99 23.23
CA GLY E 189 -12.38 37.33 22.45
C GLY E 189 -11.35 36.22 22.25
N LEU E 190 -11.49 35.11 22.99
CA LEU E 190 -10.54 33.98 23.00
C LEU E 190 -10.67 32.99 21.86
N LYS E 191 -9.53 32.57 21.33
CA LYS E 191 -9.50 31.47 20.37
C LYS E 191 -9.39 30.22 21.21
N VAL E 192 -10.12 29.17 20.81
CA VAL E 192 -10.41 28.05 21.72
C VAL E 192 -10.00 26.66 21.18
N ASN E 193 -9.08 26.00 21.90
CA ASN E 193 -8.61 24.66 21.59
C ASN E 193 -9.20 23.71 22.57
N ALA E 194 -8.90 22.43 22.41
CA ALA E 194 -9.45 21.38 23.28
C ALA E 194 -8.55 20.19 23.25
N GLY E 195 -8.38 19.54 24.41
CA GLY E 195 -7.37 18.45 24.51
C GLY E 195 -7.40 17.60 25.74
N HIS E 196 -6.89 16.38 25.60
CA HIS E 196 -6.71 15.35 26.64
C HIS E 196 -7.75 14.24 26.61
N GLY E 197 -7.23 13.02 26.42
CA GLY E 197 -8.03 11.82 26.44
C GLY E 197 -8.89 11.60 25.21
N LEU E 198 -8.64 12.31 24.11
CA LEU E 198 -9.41 12.10 22.87
C LEU E 198 -9.01 10.92 21.99
N THR E 199 -9.98 10.25 21.38
CA THR E 199 -9.67 9.00 20.72
C THR E 199 -10.32 8.92 19.35
N TYR E 200 -10.06 7.83 18.64
CA TYR E 200 -10.77 7.64 17.39
C TYR E 200 -12.27 7.42 17.57
N HIS E 201 -12.68 7.15 18.80
CA HIS E 201 -14.12 6.88 19.03
C HIS E 201 -14.88 7.96 19.70
N ASN E 202 -14.21 8.96 20.24
CA ASN E 202 -14.94 9.99 20.94
C ASN E 202 -14.68 11.42 20.42
N VAL E 203 -13.95 11.56 19.33
CA VAL E 203 -13.54 12.89 18.83
C VAL E 203 -14.65 13.68 18.16
N GLN E 204 -15.47 12.97 17.39
CA GLN E 204 -16.43 13.66 16.49
C GLN E 204 -17.21 14.78 17.21
N PRO E 205 -17.90 14.44 18.35
CA PRO E 205 -18.69 15.44 19.04
C PRO E 205 -17.87 16.64 19.43
N ILE E 206 -16.61 16.42 19.76
CA ILE E 206 -15.78 17.51 20.17
C ILE E 206 -15.43 18.34 18.94
N ALA E 207 -15.07 17.64 17.87
CA ALA E 207 -14.71 18.33 16.64
C ALA E 207 -15.89 19.08 16.04
N ALA E 208 -17.12 18.64 16.25
CA ALA E 208 -18.28 19.35 15.68
C ALA E 208 -18.54 20.72 16.34
N LEU E 209 -17.89 21.00 17.45
CA LEU E 209 -18.14 22.27 18.12
C LEU E 209 -17.56 23.34 17.24
N PRO E 210 -18.41 24.27 16.73
CA PRO E 210 -17.93 25.22 15.70
C PRO E 210 -16.91 26.19 16.25
N GLU E 211 -16.89 26.34 17.56
CA GLU E 211 -15.90 27.26 18.13
C GLU E 211 -14.49 26.67 18.18
N MET E 212 -14.35 25.35 18.09
CA MET E 212 -13.03 24.76 18.19
C MET E 212 -12.07 25.31 17.12
N HIS E 213 -10.85 25.57 17.56
CA HIS E 213 -9.85 26.07 16.67
C HIS E 213 -8.86 24.92 16.37
N GLU E 214 -8.42 24.22 17.43
CA GLU E 214 -7.44 23.14 17.32
C GLU E 214 -7.61 22.06 18.38
N LEU E 215 -7.56 20.80 17.96
CA LEU E 215 -7.60 19.75 18.95
C LEU E 215 -6.19 19.24 19.09
N ASN E 216 -5.71 19.12 20.32
CA ASN E 216 -4.39 18.55 20.58
C ASN E 216 -4.54 17.13 21.08
N ILE E 217 -3.97 16.18 20.36
CA ILE E 217 -4.22 14.76 20.66
C ILE E 217 -2.92 14.01 20.72
N GLY E 218 -2.74 13.14 21.69
CA GLY E 218 -1.43 12.51 21.75
C GLY E 218 -1.54 11.02 21.76
N HIS E 219 -1.94 10.50 22.91
CA HIS E 219 -1.80 9.09 23.24
C HIS E 219 -2.63 8.19 22.36
N ALA E 220 -3.85 8.60 22.03
CA ALA E 220 -4.64 7.72 21.18
C ALA E 220 -3.92 7.52 19.86
N ILE E 221 -3.16 8.55 19.43
CA ILE E 221 -2.56 8.52 18.09
C ILE E 221 -1.34 7.63 18.11
N ILE E 222 -0.54 7.80 19.18
CA ILE E 222 0.73 7.10 19.30
C ILE E 222 0.44 5.66 19.55
N GLY E 223 -0.53 5.41 20.43
CA GLY E 223 -1.07 4.07 20.64
C GLY E 223 -1.64 3.40 19.40
N GLN E 224 -2.32 4.14 18.54
CA GLN E 224 -2.67 3.51 17.29
C GLN E 224 -1.39 3.21 16.45
N ALA E 225 -0.48 4.18 16.38
CA ALA E 225 0.82 4.09 15.66
C ALA E 225 1.59 2.78 15.78
N VAL E 226 1.92 2.35 16.98
CA VAL E 226 2.67 1.09 17.05
C VAL E 226 2.03 -0.06 16.28
N MET E 227 0.70 -0.03 16.13
CA MET E 227 0.02 -1.16 15.56
C MET E 227 0.06 -1.06 14.03
N THR E 228 -0.35 0.11 13.51
CA THR E 228 -0.57 0.28 12.08
C THR E 228 0.28 1.41 11.41
N GLY E 229 0.94 2.27 12.16
CA GLY E 229 1.87 3.25 11.57
C GLY E 229 1.53 4.67 11.97
N LEU E 230 2.53 5.55 12.16
CA LEU E 230 2.22 6.91 12.57
C LEU E 230 1.35 7.67 11.54
N ALA E 231 1.71 7.57 10.25
CA ALA E 231 1.05 8.28 9.15
C ALA E 231 -0.42 7.86 8.99
N ALA E 232 -0.71 6.55 8.93
CA ALA E 232 -2.09 6.10 8.89
C ALA E 232 -2.83 6.66 10.10
N ALA E 233 -2.22 6.56 11.26
CA ALA E 233 -2.89 6.99 12.51
C ALA E 233 -3.28 8.45 12.50
N VAL E 234 -2.38 9.33 12.04
CA VAL E 234 -2.62 10.77 11.96
C VAL E 234 -3.66 11.14 10.89
N THR E 235 -3.58 10.50 9.72
CA THR E 235 -4.46 10.80 8.58
C THR E 235 -5.92 10.41 8.87
N ASP E 236 -6.10 9.23 9.45
CA ASP E 236 -7.38 8.80 9.92
C ASP E 236 -7.96 9.78 10.95
N MET E 237 -7.15 10.26 11.90
CA MET E 237 -7.68 11.20 12.90
C MET E 237 -8.17 12.44 12.18
N LYS E 238 -7.35 12.92 11.27
CA LYS E 238 -7.71 14.03 10.43
C LYS E 238 -9.01 13.84 9.57
N VAL E 239 -9.24 12.62 9.08
CA VAL E 239 -10.48 12.34 8.38
C VAL E 239 -11.61 12.48 9.39
N LEU E 240 -11.49 11.85 10.56
CA LEU E 240 -12.54 11.92 11.58
C LEU E 240 -12.91 13.34 11.93
N MET E 241 -11.92 14.24 11.98
CA MET E 241 -12.18 15.65 12.29
C MET E 241 -12.92 16.43 11.17
N ARG E 242 -12.44 16.28 9.95
N ARG E 242 -12.43 16.28 9.94
CA ARG E 242 -13.08 16.89 8.79
CA ARG E 242 -13.04 16.84 8.74
C ARG E 242 -14.52 16.44 8.80
C ARG E 242 -14.51 16.42 8.68
N GLU E 243 -14.74 15.13 8.90
CA GLU E 243 -16.08 14.54 8.81
C GLU E 243 -17.08 15.00 9.86
N ALA E 244 -16.61 15.24 11.07
CA ALA E 244 -17.43 15.78 12.16
C ALA E 244 -17.98 17.17 11.87
N ARG E 245 -17.47 17.80 10.83
CA ARG E 245 -17.78 19.21 10.53
C ARG E 245 -18.64 19.40 9.26
N ARG E 246 -19.44 18.40 8.93
CA ARG E 246 -20.51 18.55 7.96
C ARG E 246 -21.73 19.22 8.55
N ALA F 5 16.52 -26.64 10.93
CA ALA F 5 16.98 -25.32 11.48
C ALA F 5 17.14 -24.19 10.44
N ASP F 6 16.15 -23.28 10.47
CA ASP F 6 16.26 -21.87 10.07
C ASP F 6 16.18 -21.01 11.33
N LEU F 7 16.82 -19.86 11.30
CA LEU F 7 16.84 -19.00 12.47
C LEU F 7 15.44 -18.54 12.79
N LEU F 8 14.99 -18.71 14.04
CA LEU F 8 13.69 -18.21 14.43
C LEU F 8 13.82 -16.83 15.03
N LEU F 9 12.77 -16.05 14.90
CA LEU F 9 12.65 -14.77 15.56
C LEU F 9 11.57 -14.80 16.64
N GLY F 10 11.96 -14.44 17.87
CA GLY F 10 10.99 -14.31 18.95
C GLY F 10 10.86 -12.84 19.23
N VAL F 11 9.64 -12.33 19.14
CA VAL F 11 9.44 -10.90 19.24
C VAL F 11 9.02 -10.54 20.65
N ASN F 12 9.83 -9.74 21.34
CA ASN F 12 9.48 -9.34 22.69
C ASN F 12 8.48 -8.17 22.75
N ILE F 13 7.26 -8.42 23.19
CA ILE F 13 6.26 -7.34 23.11
C ILE F 13 6.14 -6.42 24.37
N ASP F 14 7.06 -6.54 25.31
CA ASP F 14 7.02 -5.77 26.56
C ASP F 14 6.74 -4.28 26.33
N HIS F 15 7.43 -3.69 25.36
CA HIS F 15 7.33 -2.22 25.24
C HIS F 15 6.02 -1.72 24.63
N ILE F 16 5.20 -2.64 24.12
CA ILE F 16 3.83 -2.29 23.80
C ILE F 16 3.18 -1.81 25.10
N ALA F 17 3.30 -2.62 26.17
CA ALA F 17 2.68 -2.30 27.47
C ALA F 17 3.32 -1.05 28.15
N THR F 18 4.62 -0.81 27.89
CA THR F 18 5.31 0.40 28.39
C THR F 18 4.47 1.62 27.99
N LEU F 19 4.16 1.65 26.71
CA LEU F 19 3.40 2.66 26.06
C LEU F 19 1.93 2.69 26.58
N ARG F 20 1.33 1.52 26.76
CA ARG F 20 0.03 1.44 27.46
C ARG F 20 -0.01 2.00 28.90
N ASN F 21 0.86 1.48 29.78
CA ASN F 21 1.02 1.88 31.23
C ASN F 21 1.50 3.30 31.41
N ALA F 22 2.02 3.91 30.35
CA ALA F 22 2.11 5.37 30.27
C ALA F 22 0.83 6.12 30.75
N ARG F 23 -0.34 5.56 30.44
CA ARG F 23 -1.66 6.19 30.68
C ARG F 23 -2.61 5.40 31.55
N GLY F 24 -2.49 4.08 31.53
CA GLY F 24 -3.46 3.21 32.21
C GLY F 24 -4.71 2.99 31.36
N THR F 25 -4.56 3.26 30.06
CA THR F 25 -5.60 2.95 29.09
C THR F 25 -5.58 1.47 28.70
N ILE F 26 -6.59 1.06 27.94
CA ILE F 26 -6.62 -0.31 27.48
C ILE F 26 -5.62 -0.54 26.34
N TYR F 27 -5.38 0.51 25.53
CA TYR F 27 -4.48 0.45 24.37
C TYR F 27 -3.19 1.18 24.69
N PRO F 28 -2.15 0.88 23.92
CA PRO F 28 -2.16 -0.22 22.96
C PRO F 28 -2.07 -1.52 23.71
N ASP F 29 -2.73 -2.55 23.19
CA ASP F 29 -2.86 -3.86 23.87
C ASP F 29 -1.88 -4.92 23.29
N PRO F 30 -0.99 -5.47 24.13
CA PRO F 30 -0.01 -6.52 23.74
C PRO F 30 -0.68 -7.71 23.04
N VAL F 31 -1.89 -8.01 23.47
CA VAL F 31 -2.62 -9.08 22.84
C VAL F 31 -2.82 -8.84 21.32
N GLN F 32 -3.11 -7.59 20.91
CA GLN F 32 -3.15 -7.24 19.51
C GLN F 32 -1.76 -7.34 18.80
N ALA F 33 -0.75 -6.82 19.46
CA ALA F 33 0.57 -6.83 18.90
C ALA F 33 0.98 -8.25 18.63
N ALA F 34 0.53 -9.20 19.47
CA ALA F 34 0.98 -10.58 19.28
C ALA F 34 0.47 -11.14 17.95
N PHE F 35 -0.76 -10.84 17.56
CA PHE F 35 -1.28 -11.29 16.26
C PHE F 35 -0.51 -10.67 15.07
N ILE F 36 -0.43 -9.35 15.07
CA ILE F 36 0.30 -8.61 14.08
C ILE F 36 1.69 -9.21 13.89
N ALA F 37 2.38 -9.41 15.01
CA ALA F 37 3.75 -9.88 14.96
C ALA F 37 3.80 -11.30 14.40
N GLU F 38 2.91 -12.18 14.89
CA GLU F 38 2.89 -13.55 14.44
C GLU F 38 2.56 -13.64 12.98
N GLN F 39 1.80 -12.70 12.44
CA GLN F 39 1.39 -12.85 11.07
C GLN F 39 2.36 -12.17 10.11
N ALA F 40 3.32 -11.41 10.65
CA ALA F 40 4.33 -10.74 9.81
C ALA F 40 5.65 -11.52 9.76
N GLY F 41 5.65 -12.78 10.23
CA GLY F 41 6.88 -13.54 10.22
C GLY F 41 7.50 -13.95 11.54
N ALA F 42 6.99 -13.48 12.70
CA ALA F 42 7.48 -13.93 14.03
C ALA F 42 7.26 -15.41 14.30
N ASP F 43 8.13 -16.02 15.08
CA ASP F 43 8.05 -17.46 15.31
C ASP F 43 7.70 -17.77 16.73
N GLY F 44 7.70 -16.76 17.57
CA GLY F 44 7.29 -16.94 18.96
C GLY F 44 7.08 -15.53 19.48
N ILE F 45 6.48 -15.41 20.67
CA ILE F 45 6.16 -14.19 21.31
C ILE F 45 6.75 -14.27 22.73
N THR F 46 7.60 -13.33 23.09
CA THR F 46 8.16 -13.33 24.42
C THR F 46 7.54 -12.24 25.26
N VAL F 47 7.38 -12.50 26.56
CA VAL F 47 6.91 -11.42 27.44
C VAL F 47 7.62 -11.57 28.75
N HIS F 48 8.00 -10.45 29.35
CA HIS F 48 8.63 -10.49 30.66
C HIS F 48 7.67 -10.02 31.76
N LEU F 49 7.06 -10.99 32.46
CA LEU F 49 6.38 -10.68 33.72
C LEU F 49 7.40 -10.42 34.82
N ARG F 50 7.60 -9.14 35.13
CA ARG F 50 8.43 -8.73 36.25
C ARG F 50 7.66 -8.78 37.56
N GLU F 51 8.37 -9.05 38.66
CA GLU F 51 7.78 -8.99 40.00
C GLU F 51 6.92 -7.76 40.17
N ASP F 52 7.43 -6.60 39.72
CA ASP F 52 6.70 -5.32 39.86
C ASP F 52 5.61 -5.04 38.77
N ARG F 53 5.41 -5.99 37.84
CA ARG F 53 4.51 -5.81 36.68
C ARG F 53 4.60 -4.40 36.09
N ARG F 54 5.81 -3.92 35.85
CA ARG F 54 6.07 -2.61 35.24
C ARG F 54 5.37 -2.38 33.91
N HIS F 55 5.55 -3.32 32.97
CA HIS F 55 4.88 -3.25 31.68
C HIS F 55 3.78 -4.31 31.49
N ILE F 56 4.21 -5.51 31.10
CA ILE F 56 3.38 -6.67 31.03
C ILE F 56 2.82 -7.07 32.38
N THR F 57 1.51 -7.27 32.41
CA THR F 57 0.80 -7.63 33.65
C THR F 57 0.25 -9.09 33.63
N ASP F 58 -0.26 -9.56 34.75
CA ASP F 58 -0.85 -10.89 34.82
C ASP F 58 -2.01 -11.01 33.82
N ARG F 59 -2.80 -9.95 33.64
CA ARG F 59 -3.92 -10.00 32.72
C ARG F 59 -3.36 -10.25 31.34
N ASP F 60 -2.28 -9.55 31.02
CA ASP F 60 -1.65 -9.74 29.73
C ASP F 60 -1.25 -11.21 29.60
N VAL F 61 -0.63 -11.77 30.63
CA VAL F 61 -0.02 -13.07 30.45
C VAL F 61 -1.08 -14.16 30.27
N ARG F 62 -2.21 -13.96 30.93
CA ARG F 62 -3.20 -14.98 31.00
C ARG F 62 -4.02 -15.04 29.72
N ILE F 63 -4.19 -13.88 29.06
CA ILE F 63 -4.85 -13.84 27.72
C ILE F 63 -3.94 -14.34 26.61
N LEU F 64 -2.66 -13.99 26.68
CA LEU F 64 -1.69 -14.34 25.66
C LEU F 64 -1.54 -15.85 25.55
N ARG F 65 -1.57 -16.52 26.70
CA ARG F 65 -1.45 -18.00 26.69
C ARG F 65 -2.53 -18.65 25.83
N GLN F 66 -3.63 -17.93 25.62
CA GLN F 66 -4.83 -18.42 24.96
C GLN F 66 -4.96 -17.84 23.56
N THR F 67 -4.20 -16.77 23.28
CA THR F 67 -4.32 -16.13 21.97
C THR F 67 -3.13 -16.41 21.05
N ILE F 68 -1.96 -16.64 21.65
CA ILE F 68 -0.75 -16.89 20.90
C ILE F 68 -1.00 -18.06 19.95
N GLN F 69 -0.74 -17.86 18.65
CA GLN F 69 -0.86 -18.94 17.66
C GLN F 69 0.47 -19.64 17.35
N THR F 70 1.59 -19.05 17.76
CA THR F 70 2.88 -19.75 17.68
C THR F 70 3.29 -20.39 19.02
N ARG F 71 4.35 -19.91 19.65
CA ARG F 71 4.56 -20.34 21.00
C ARG F 71 5.00 -19.21 21.89
N MET F 72 4.59 -19.31 23.15
CA MET F 72 4.88 -18.33 24.19
C MET F 72 6.20 -18.61 24.91
N ASN F 73 6.99 -17.56 25.11
CA ASN F 73 8.20 -17.64 25.87
C ASN F 73 8.04 -16.66 27.03
N LEU F 74 7.79 -17.18 28.22
CA LEU F 74 7.61 -16.36 29.39
C LEU F 74 8.94 -16.14 30.05
N GLU F 75 9.32 -14.87 30.09
CA GLU F 75 10.53 -14.43 30.79
C GLU F 75 10.15 -14.03 32.19
N MET F 76 10.92 -14.52 33.15
CA MET F 76 10.58 -14.30 34.56
C MET F 76 11.83 -14.51 35.40
N ALA F 77 11.81 -13.91 36.60
CA ALA F 77 12.81 -14.11 37.65
C ALA F 77 12.60 -15.45 38.37
N VAL F 78 13.63 -15.90 39.10
CA VAL F 78 13.62 -17.22 39.70
C VAL F 78 13.21 -16.98 41.14
N THR F 79 11.90 -16.70 41.28
CA THR F 79 11.20 -16.65 42.57
C THR F 79 10.15 -17.76 42.55
N ASP F 80 9.96 -18.36 43.71
CA ASP F 80 8.88 -19.30 43.95
C ASP F 80 7.63 -18.93 43.18
N GLU F 81 7.12 -17.69 43.36
CA GLU F 81 5.81 -17.30 42.78
C GLU F 81 5.77 -17.29 41.25
N MET F 82 6.83 -16.82 40.60
CA MET F 82 6.92 -16.89 39.14
C MET F 82 6.89 -18.34 38.72
N VAL F 83 7.51 -19.20 39.52
CA VAL F 83 7.58 -20.58 39.17
C VAL F 83 6.19 -21.20 39.23
N ASP F 84 5.40 -20.82 40.22
CA ASP F 84 4.02 -21.32 40.25
C ASP F 84 3.21 -20.76 39.06
N ILE F 85 3.39 -19.48 38.73
CA ILE F 85 2.59 -18.89 37.67
C ILE F 85 2.89 -19.70 36.40
N ALA F 86 4.18 -19.97 36.18
CA ALA F 86 4.66 -20.73 35.02
C ALA F 86 4.13 -22.18 34.94
N CYS F 87 4.04 -22.87 36.07
CA CYS F 87 3.54 -24.25 36.08
C CYS F 87 2.04 -24.31 35.90
N ASP F 88 1.43 -23.15 35.91
CA ASP F 88 0.00 -23.06 35.80
C ASP F 88 -0.28 -22.70 34.36
N ILE F 89 0.23 -21.54 33.95
CA ILE F 89 0.15 -21.08 32.58
C ILE F 89 0.69 -22.13 31.58
N LYS F 90 1.81 -22.77 31.89
CA LYS F 90 2.43 -23.82 31.04
C LYS F 90 2.81 -23.27 29.67
N PRO F 91 3.68 -22.24 29.65
CA PRO F 91 4.08 -21.70 28.32
C PRO F 91 5.06 -22.67 27.65
N HIS F 92 5.16 -22.62 26.32
CA HIS F 92 6.03 -23.53 25.61
C HIS F 92 7.49 -23.33 26.12
N PHE F 93 7.91 -22.08 26.25
CA PHE F 93 9.26 -21.79 26.68
C PHE F 93 9.23 -20.95 27.96
N CYS F 94 10.25 -21.09 28.80
CA CYS F 94 10.51 -20.18 29.94
C CYS F 94 11.94 -19.64 29.84
N CYS F 95 12.09 -18.33 30.07
CA CYS F 95 13.41 -17.74 30.15
C CYS F 95 13.68 -17.12 31.51
N LEU F 96 14.69 -17.66 32.20
CA LEU F 96 15.04 -17.23 33.53
C LEU F 96 16.01 -16.07 33.47
N VAL F 97 15.58 -14.95 34.05
CA VAL F 97 16.33 -13.72 34.00
C VAL F 97 16.63 -13.17 35.40
N PRO F 98 17.71 -12.39 35.57
CA PRO F 98 17.92 -11.74 36.86
C PRO F 98 17.08 -10.45 37.00
N GLU F 99 16.49 -10.20 38.19
CA GLU F 99 15.77 -8.96 38.43
C GLU F 99 16.29 -8.18 39.65
N LYS F 100 17.00 -8.86 40.54
CA LYS F 100 17.60 -8.22 41.72
C LYS F 100 19.12 -8.16 41.63
N ARG F 101 19.73 -7.19 42.30
CA ARG F 101 21.19 -6.99 42.29
C ARG F 101 21.94 -8.28 42.52
N GLN F 102 21.50 -9.04 43.53
CA GLN F 102 22.10 -10.35 43.88
C GLN F 102 22.12 -11.34 42.69
N GLU F 103 21.12 -11.26 41.82
CA GLU F 103 20.93 -12.25 40.74
C GLU F 103 21.80 -12.05 39.50
N VAL F 104 22.15 -10.80 39.19
CA VAL F 104 23.03 -10.43 38.04
C VAL F 104 24.54 -10.71 38.22
N THR F 105 25.30 -10.45 37.17
CA THR F 105 26.76 -10.50 37.17
C THR F 105 27.12 -9.11 36.73
N THR F 106 28.40 -8.71 36.84
CA THR F 106 28.80 -7.38 36.30
C THR F 106 28.28 -7.13 34.87
N GLU F 107 28.30 -8.20 34.06
N GLU F 107 28.35 -8.13 33.98
CA GLU F 107 28.00 -8.16 32.61
CA GLU F 107 27.92 -7.90 32.60
C GLU F 107 26.49 -8.14 32.22
C GLU F 107 26.40 -7.68 32.48
N GLY F 108 25.62 -8.51 33.16
CA GLY F 108 24.15 -8.42 33.02
C GLY F 108 23.37 -9.72 32.98
N GLY F 109 24.04 -10.83 32.67
CA GLY F 109 23.33 -12.11 32.52
C GLY F 109 22.88 -12.57 33.87
N LEU F 110 22.06 -13.61 33.93
CA LEU F 110 21.74 -14.29 35.21
C LEU F 110 22.98 -14.95 35.80
N ASP F 111 23.06 -15.03 37.12
CA ASP F 111 24.24 -15.66 37.73
C ASP F 111 23.94 -17.12 38.10
N VAL F 112 23.91 -17.98 37.08
CA VAL F 112 23.60 -19.40 37.25
C VAL F 112 24.62 -20.18 38.06
N ALA F 113 25.88 -19.79 37.92
CA ALA F 113 27.03 -20.45 38.58
C ALA F 113 27.05 -20.40 40.12
N GLY F 114 26.60 -19.28 40.67
CA GLY F 114 26.60 -19.08 42.10
C GLY F 114 25.23 -19.21 42.72
N GLN F 115 24.32 -19.92 42.04
CA GLN F 115 23.03 -20.27 42.61
C GLN F 115 22.60 -21.62 42.05
N VAL F 116 23.58 -22.47 41.78
CA VAL F 116 23.34 -23.71 41.04
C VAL F 116 22.16 -24.45 41.60
N ASP F 117 22.11 -24.53 42.93
CA ASP F 117 21.11 -25.32 43.63
C ASP F 117 19.70 -24.78 43.41
N LYS F 118 19.51 -23.48 43.58
CA LYS F 118 18.22 -22.88 43.31
C LYS F 118 17.81 -23.10 41.84
N MET F 119 18.78 -22.95 40.94
CA MET F 119 18.55 -23.05 39.52
C MET F 119 18.14 -24.46 39.14
N THR F 120 18.78 -25.45 39.75
CA THR F 120 18.47 -26.84 39.44
C THR F 120 17.06 -27.20 39.89
N LEU F 121 16.63 -26.64 41.04
CA LEU F 121 15.28 -26.89 41.58
C LEU F 121 14.24 -26.27 40.67
N ALA F 122 14.52 -25.06 40.17
CA ALA F 122 13.62 -24.34 39.26
C ALA F 122 13.50 -25.02 37.90
N VAL F 123 14.63 -25.22 37.24
CA VAL F 123 14.61 -25.91 35.95
C VAL F 123 13.80 -27.21 36.05
N GLY F 124 14.16 -28.06 37.02
CA GLY F 124 13.44 -29.31 37.32
C GLY F 124 11.94 -29.09 37.46
N ARG F 125 11.57 -28.14 38.32
CA ARG F 125 10.17 -27.84 38.59
C ARG F 125 9.39 -27.51 37.30
N LEU F 126 10.05 -26.81 36.38
CA LEU F 126 9.43 -26.40 35.13
C LEU F 126 9.49 -27.48 34.02
N ALA F 127 10.59 -28.23 33.96
CA ALA F 127 10.68 -29.37 33.01
C ALA F 127 9.57 -30.41 33.30
N ASP F 128 9.35 -30.66 34.58
CA ASP F 128 8.34 -31.61 35.08
C ASP F 128 6.95 -31.34 34.48
N VAL F 129 6.70 -30.06 34.24
CA VAL F 129 5.45 -29.60 33.71
C VAL F 129 5.48 -29.61 32.17
N GLY F 130 6.64 -29.91 31.59
CA GLY F 130 6.81 -29.94 30.13
C GLY F 130 7.31 -28.62 29.53
N ILE F 131 7.73 -27.67 30.37
CA ILE F 131 8.19 -26.38 29.88
C ILE F 131 9.64 -26.52 29.49
N LEU F 132 10.01 -25.93 28.37
CA LEU F 132 11.40 -25.94 27.94
C LEU F 132 12.14 -24.69 28.49
N VAL F 133 13.10 -24.91 29.39
CA VAL F 133 13.74 -23.81 30.12
C VAL F 133 15.00 -23.27 29.45
N SER F 134 15.12 -21.94 29.44
CA SER F 134 16.31 -21.28 28.95
C SER F 134 16.86 -20.37 30.02
N LEU F 135 18.18 -20.23 30.03
CA LEU F 135 18.80 -19.37 30.99
C LEU F 135 19.53 -18.24 30.28
N PHE F 136 19.17 -17.01 30.62
CA PHE F 136 19.77 -15.85 30.03
C PHE F 136 21.07 -15.53 30.70
N ILE F 137 22.18 -15.71 29.99
CA ILE F 137 23.48 -15.67 30.65
C ILE F 137 24.52 -15.00 29.76
N ASP F 138 25.66 -14.67 30.35
CA ASP F 138 26.72 -14.02 29.63
C ASP F 138 27.41 -15.05 28.80
N ALA F 139 28.11 -14.63 27.74
CA ALA F 139 29.00 -15.50 26.96
C ALA F 139 30.25 -15.86 27.77
N ASP F 140 30.13 -16.90 28.61
CA ASP F 140 31.06 -17.19 29.73
C ASP F 140 30.98 -18.67 30.05
N PHE F 141 32.06 -19.38 29.85
CA PHE F 141 32.02 -20.84 29.88
C PHE F 141 31.62 -21.36 31.25
N ARG F 142 31.94 -20.60 32.29
CA ARG F 142 31.58 -20.91 33.66
C ARG F 142 30.08 -20.85 33.89
N GLN F 143 29.42 -19.88 33.26
CA GLN F 143 27.96 -19.83 33.32
C GLN F 143 27.37 -20.92 32.45
N ILE F 144 27.94 -21.13 31.26
CA ILE F 144 27.51 -22.20 30.38
C ILE F 144 27.57 -23.54 31.10
N ASP F 145 28.67 -23.79 31.81
CA ASP F 145 28.84 -25.01 32.61
C ASP F 145 27.76 -25.14 33.68
N ALA F 146 27.64 -24.09 34.49
CA ALA F 146 26.55 -24.06 35.46
C ALA F 146 25.16 -24.32 34.79
N ALA F 147 24.96 -23.85 33.57
CA ALA F 147 23.68 -24.07 32.93
C ALA F 147 23.43 -25.56 32.68
N VAL F 148 24.46 -26.29 32.24
CA VAL F 148 24.36 -27.75 32.08
C VAL F 148 24.16 -28.44 33.42
N ALA F 149 24.93 -28.03 34.41
CA ALA F 149 24.79 -28.60 35.74
C ALA F 149 23.35 -28.41 36.17
N ALA F 150 22.84 -27.22 35.90
CA ALA F 150 21.46 -26.90 36.27
C ALA F 150 20.40 -27.71 35.53
N GLY F 151 20.75 -28.38 34.43
CA GLY F 151 19.78 -29.18 33.61
C GLY F 151 18.97 -28.49 32.49
N ALA F 152 19.02 -27.15 32.39
CA ALA F 152 18.35 -26.41 31.29
C ALA F 152 18.76 -26.83 29.85
N PRO F 153 17.77 -27.14 28.98
CA PRO F 153 18.07 -27.42 27.56
C PRO F 153 18.60 -26.23 26.76
N TYR F 154 18.36 -25.04 27.25
CA TYR F 154 18.60 -23.87 26.44
C TYR F 154 19.30 -22.82 27.25
N ILE F 155 20.10 -22.03 26.52
CA ILE F 155 20.56 -20.73 27.00
C ILE F 155 20.28 -19.60 26.00
N GLU F 156 20.15 -18.37 26.50
CA GLU F 156 20.13 -17.24 25.59
C GLU F 156 21.32 -16.40 25.95
N ILE F 157 22.19 -16.14 25.00
CA ILE F 157 23.39 -15.35 25.26
C ILE F 157 23.16 -13.85 25.23
N HIS F 158 23.60 -13.18 26.27
CA HIS F 158 23.36 -11.76 26.40
C HIS F 158 24.23 -11.00 25.42
N THR F 159 23.59 -10.37 24.43
CA THR F 159 24.28 -9.67 23.37
C THR F 159 24.44 -8.14 23.63
N GLY F 160 24.23 -7.70 24.86
CA GLY F 160 24.30 -6.26 25.21
C GLY F 160 25.65 -5.60 24.98
N ALA F 161 26.72 -6.25 25.44
CA ALA F 161 28.07 -5.66 25.29
C ALA F 161 28.36 -5.56 23.82
N TYR F 162 28.00 -6.61 23.08
CA TYR F 162 28.07 -6.59 21.61
C TYR F 162 27.36 -5.34 21.09
N ALA F 163 26.06 -5.21 21.37
CA ALA F 163 25.28 -4.04 20.98
C ALA F 163 25.94 -2.70 21.35
N ASP F 164 26.38 -2.58 22.61
CA ASP F 164 26.87 -1.31 23.19
C ASP F 164 28.30 -0.93 22.81
N ALA F 165 28.96 -1.66 21.90
CA ALA F 165 30.39 -1.44 21.51
C ALA F 165 30.70 -0.26 20.55
N SER F 166 31.77 0.47 20.86
CA SER F 166 32.22 1.71 20.18
C SER F 166 33.21 1.57 18.98
N THR F 167 34.14 0.61 19.02
CA THR F 167 35.05 0.43 17.88
C THR F 167 34.59 -0.72 17.04
N VAL F 168 35.04 -0.79 15.80
CA VAL F 168 34.93 -2.03 15.01
C VAL F 168 35.69 -3.13 15.73
N LEU F 169 36.88 -2.79 16.24
CA LEU F 169 37.70 -3.63 17.10
C LEU F 169 36.94 -4.25 18.26
N GLU F 170 36.28 -3.40 19.05
CA GLU F 170 35.55 -3.87 20.23
C GLU F 170 34.29 -4.62 19.81
N ARG F 171 33.72 -4.21 18.69
CA ARG F 171 32.63 -4.91 18.05
C ARG F 171 33.12 -6.31 17.63
N GLN F 172 34.26 -6.37 16.96
CA GLN F 172 34.82 -7.66 16.60
C GLN F 172 35.10 -8.49 17.86
N ALA F 173 35.63 -7.86 18.92
CA ALA F 173 35.97 -8.62 20.16
C ALA F 173 34.74 -9.25 20.87
N GLU F 174 33.62 -8.56 20.86
CA GLU F 174 32.44 -9.04 21.54
C GLU F 174 31.71 -10.15 20.78
N LEU F 175 31.77 -10.07 19.45
CA LEU F 175 31.10 -11.04 18.58
C LEU F 175 31.80 -12.38 18.67
N MET F 176 33.12 -12.30 18.73
CA MET F 176 33.95 -13.50 18.96
C MET F 176 33.65 -14.18 20.29
N ARG F 177 33.45 -13.40 21.34
CA ARG F 177 33.17 -14.00 22.61
C ARG F 177 31.80 -14.71 22.48
N ILE F 178 30.85 -14.07 21.80
CA ILE F 178 29.55 -14.72 21.56
C ILE F 178 29.69 -15.99 20.75
N ALA F 179 30.61 -15.95 19.77
CA ALA F 179 30.78 -17.07 18.85
C ALA F 179 31.36 -18.30 19.53
N LYS F 180 32.58 -18.14 20.07
CA LYS F 180 33.19 -19.07 21.03
C LYS F 180 32.13 -19.66 21.96
N ALA F 181 31.44 -18.81 22.73
CA ALA F 181 30.50 -19.28 23.73
C ALA F 181 29.37 -20.10 23.13
N ALA F 182 28.93 -19.71 21.94
CA ALA F 182 27.81 -20.40 21.28
C ALA F 182 28.23 -21.80 20.81
N THR F 183 29.46 -21.88 20.32
CA THR F 183 30.03 -23.10 19.83
C THR F 183 30.25 -24.02 21.00
N TYR F 184 30.87 -23.51 22.04
CA TYR F 184 31.06 -24.31 23.24
C TYR F 184 29.71 -24.76 23.83
N ALA F 185 28.74 -23.84 23.94
CA ALA F 185 27.40 -24.22 24.36
C ALA F 185 26.87 -25.37 23.55
N ALA F 186 27.06 -25.32 22.22
CA ALA F 186 26.44 -26.26 21.31
C ALA F 186 27.07 -27.63 21.50
N GLY F 187 28.41 -27.66 21.61
CA GLY F 187 29.21 -28.84 21.94
C GLY F 187 28.82 -29.61 23.21
N LYS F 188 28.13 -28.96 24.15
CA LYS F 188 27.59 -29.62 25.38
C LYS F 188 26.13 -30.05 25.28
N GLY F 189 25.55 -30.10 24.08
CA GLY F 189 24.14 -30.46 23.89
C GLY F 189 23.08 -29.37 24.17
N LEU F 190 23.52 -28.19 24.62
CA LEU F 190 22.62 -27.04 24.79
C LEU F 190 22.16 -26.45 23.47
N LYS F 191 20.90 -26.07 23.38
CA LYS F 191 20.44 -25.26 22.26
C LYS F 191 20.66 -23.78 22.58
N VAL F 192 21.12 -23.00 21.60
CA VAL F 192 21.48 -21.58 21.90
C VAL F 192 20.73 -20.43 21.21
N ASN F 193 20.14 -19.58 22.05
CA ASN F 193 19.59 -18.35 21.57
C ASN F 193 20.47 -17.16 21.92
N ALA F 194 20.01 -15.99 21.48
CA ALA F 194 20.71 -14.75 21.84
C ALA F 194 19.72 -13.63 21.82
N GLY F 195 20.05 -12.56 22.48
CA GLY F 195 19.15 -11.48 22.56
C GLY F 195 19.70 -10.40 23.45
N HIS F 196 19.10 -9.22 23.26
CA HIS F 196 19.31 -8.00 24.02
C HIS F 196 20.13 -6.99 23.25
N GLY F 197 19.47 -5.90 22.83
CA GLY F 197 20.13 -4.77 22.18
C GLY F 197 20.26 -4.90 20.66
N LEU F 198 19.72 -5.98 20.10
CA LEU F 198 19.87 -6.25 18.69
C LEU F 198 18.99 -5.29 17.85
N THR F 199 19.54 -4.73 16.76
CA THR F 199 18.79 -3.74 16.01
C THR F 199 18.78 -4.18 14.60
N TYR F 200 18.03 -3.47 13.75
CA TYR F 200 18.09 -3.71 12.30
C TYR F 200 19.48 -3.52 11.71
N HIS F 201 20.44 -2.97 12.48
CA HIS F 201 21.74 -2.64 11.92
C HIS F 201 22.86 -3.46 12.49
N ASN F 202 22.60 -4.32 13.49
CA ASN F 202 23.68 -5.09 14.09
C ASN F 202 23.35 -6.58 14.24
N VAL F 203 22.20 -6.97 13.68
CA VAL F 203 21.63 -8.26 13.93
C VAL F 203 22.29 -9.28 13.05
N GLN F 204 22.72 -8.87 11.86
CA GLN F 204 23.20 -9.83 10.88
C GLN F 204 24.46 -10.68 11.31
N PRO F 205 25.52 -10.04 11.91
CA PRO F 205 26.63 -10.84 12.41
C PRO F 205 26.18 -11.83 13.46
N ILE F 206 25.22 -11.45 14.30
CA ILE F 206 24.70 -12.42 15.24
C ILE F 206 23.87 -13.58 14.53
N ALA F 207 23.07 -13.24 13.53
CA ALA F 207 22.20 -14.20 12.89
C ALA F 207 22.96 -15.19 12.04
N ALA F 208 24.16 -14.79 11.64
CA ALA F 208 25.00 -15.65 10.82
C ALA F 208 25.71 -16.72 11.63
N LEU F 209 25.67 -16.63 12.97
CA LEU F 209 26.30 -17.65 13.80
C LEU F 209 25.44 -18.96 13.74
N PRO F 210 26.04 -20.06 13.26
CA PRO F 210 25.29 -21.28 12.91
C PRO F 210 24.64 -21.96 14.08
N GLU F 211 25.14 -21.67 15.28
CA GLU F 211 24.63 -22.25 16.50
C GLU F 211 23.29 -21.68 16.85
N MET F 212 23.01 -20.48 16.35
CA MET F 212 21.89 -19.73 16.90
C MET F 212 20.55 -20.40 16.60
N HIS F 213 19.71 -20.60 17.61
CA HIS F 213 18.36 -21.16 17.40
C HIS F 213 17.32 -20.03 17.14
N GLU F 214 17.20 -19.17 18.14
CA GLU F 214 16.21 -18.11 18.14
C GLU F 214 16.88 -16.83 18.58
N LEU F 215 16.58 -15.73 17.88
CA LEU F 215 16.95 -14.40 18.35
C LEU F 215 15.76 -13.67 18.95
N ASN F 216 15.93 -13.22 20.19
CA ASN F 216 14.88 -12.56 20.93
C ASN F 216 15.00 -11.02 20.87
N ILE F 217 14.04 -10.37 20.23
CA ILE F 217 14.14 -8.95 20.01
C ILE F 217 12.90 -8.17 20.37
N GLY F 218 13.07 -7.09 21.15
CA GLY F 218 11.99 -6.27 21.65
C GLY F 218 12.10 -4.81 21.22
N HIS F 219 12.94 -4.07 21.94
CA HIS F 219 12.97 -2.63 21.81
C HIS F 219 13.05 -2.11 20.39
N ALA F 220 14.06 -2.58 19.63
CA ALA F 220 14.29 -2.14 18.24
C ALA F 220 13.05 -2.27 17.36
N ILE F 221 12.32 -3.37 17.56
CA ILE F 221 11.18 -3.67 16.73
C ILE F 221 10.02 -2.73 17.11
N ILE F 222 9.83 -2.56 18.44
CA ILE F 222 8.77 -1.72 18.96
C ILE F 222 9.02 -0.23 18.62
N GLY F 223 10.27 0.20 18.81
CA GLY F 223 10.77 1.46 18.29
C GLY F 223 10.55 1.70 16.79
N GLN F 224 10.81 0.70 15.95
CA GLN F 224 10.50 0.87 14.51
C GLN F 224 8.94 0.89 14.28
N ALA F 225 8.21 -0.01 14.94
CA ALA F 225 6.74 -0.09 14.82
C ALA F 225 6.06 1.24 15.02
N VAL F 226 6.51 2.08 15.96
CA VAL F 226 5.74 3.32 16.21
C VAL F 226 5.79 4.27 15.06
N MET F 227 6.78 4.06 14.18
CA MET F 227 6.95 4.85 12.98
C MET F 227 6.20 4.22 11.81
N THR F 228 6.52 2.96 11.50
CA THR F 228 6.06 2.36 10.25
C THR F 228 5.06 1.22 10.48
N GLY F 229 4.70 0.97 11.72
CA GLY F 229 3.74 -0.06 12.02
C GLY F 229 4.42 -1.32 12.42
N LEU F 230 3.73 -2.13 13.24
CA LEU F 230 4.36 -3.36 13.73
C LEU F 230 4.59 -4.52 12.71
N ALA F 231 3.65 -4.72 11.78
CA ALA F 231 3.85 -5.72 10.70
C ALA F 231 5.10 -5.34 9.93
N ALA F 232 5.15 -4.12 9.40
CA ALA F 232 6.36 -3.71 8.71
C ALA F 232 7.66 -3.98 9.51
N ALA F 233 7.65 -3.69 10.80
CA ALA F 233 8.84 -3.79 11.62
C ALA F 233 9.27 -5.27 11.84
N VAL F 234 8.29 -6.16 11.90
CA VAL F 234 8.60 -7.58 12.11
C VAL F 234 9.07 -8.20 10.79
N THR F 235 8.35 -7.91 9.71
CA THR F 235 8.76 -8.45 8.42
C THR F 235 10.20 -8.00 8.03
N ASP F 236 10.55 -6.73 8.18
CA ASP F 236 11.93 -6.32 7.89
C ASP F 236 12.99 -7.07 8.73
N MET F 237 12.77 -7.18 10.03
CA MET F 237 13.73 -7.87 10.86
C MET F 237 13.93 -9.31 10.32
N LYS F 238 12.84 -9.99 10.05
CA LYS F 238 12.87 -11.32 9.53
C LYS F 238 13.65 -11.34 8.23
N VAL F 239 13.29 -10.47 7.28
CA VAL F 239 14.12 -10.32 6.08
C VAL F 239 15.66 -10.33 6.38
N LEU F 240 16.13 -9.42 7.24
CA LEU F 240 17.60 -9.31 7.56
C LEU F 240 18.13 -10.64 8.14
N MET F 241 17.27 -11.36 8.84
CA MET F 241 17.72 -12.62 9.47
C MET F 241 17.93 -13.67 8.38
N ARG F 242 16.94 -13.87 7.51
CA ARG F 242 17.08 -14.73 6.35
C ARG F 242 18.36 -14.44 5.55
N GLU F 243 18.63 -13.16 5.28
CA GLU F 243 19.71 -12.75 4.40
C GLU F 243 21.06 -13.07 5.00
N ALA F 244 21.12 -12.94 6.33
CA ALA F 244 22.31 -13.14 7.06
C ALA F 244 22.73 -14.60 6.95
N ARG F 245 21.76 -15.49 6.72
CA ARG F 245 21.97 -16.92 6.74
C ARG F 245 22.10 -17.42 5.30
N ARG F 246 22.41 -16.52 4.39
CA ARG F 246 22.54 -16.94 3.01
C ARG F 246 23.97 -17.22 2.66
N ALA G 5 -27.61 12.91 15.28
CA ALA G 5 -26.12 12.80 15.21
C ALA G 5 -25.67 11.54 14.45
N ASP G 6 -24.72 10.80 15.02
CA ASP G 6 -23.96 9.81 14.25
C ASP G 6 -24.58 8.44 14.18
N LEU G 7 -24.54 7.87 12.97
CA LEU G 7 -24.89 6.49 12.79
C LEU G 7 -23.68 5.64 13.16
N LEU G 8 -23.86 4.70 14.08
CA LEU G 8 -22.79 3.86 14.58
C LEU G 8 -22.84 2.56 13.85
N LEU G 9 -21.69 1.88 13.76
CA LEU G 9 -21.66 0.59 13.10
C LEU G 9 -21.28 -0.48 14.05
N GLY G 10 -22.14 -1.45 14.19
CA GLY G 10 -21.85 -2.59 15.03
C GLY G 10 -21.47 -3.74 14.14
N VAL G 11 -20.30 -4.31 14.39
CA VAL G 11 -19.74 -5.33 13.52
C VAL G 11 -19.80 -6.73 14.11
N ASN G 12 -20.60 -7.60 13.52
CA ASN G 12 -20.80 -8.91 14.06
C ASN G 12 -19.68 -9.85 13.56
N ILE G 13 -18.93 -10.43 14.47
CA ILE G 13 -17.80 -11.24 14.02
C ILE G 13 -18.11 -12.75 14.15
N ASP G 14 -19.40 -13.12 14.21
CA ASP G 14 -19.71 -14.54 14.31
C ASP G 14 -19.04 -15.35 13.20
N HIS G 15 -19.01 -14.81 11.97
CA HIS G 15 -18.58 -15.63 10.85
C HIS G 15 -17.10 -15.88 10.80
N ILE G 16 -16.33 -15.05 11.51
CA ILE G 16 -14.95 -15.41 11.81
C ILE G 16 -14.94 -16.75 12.54
N ALA G 17 -15.79 -16.94 13.53
CA ALA G 17 -15.78 -18.22 14.23
C ALA G 17 -16.34 -19.39 13.38
N THR G 18 -17.30 -19.11 12.52
CA THR G 18 -17.80 -20.12 11.61
C THR G 18 -16.59 -20.68 10.91
N LEU G 19 -15.71 -19.77 10.53
CA LEU G 19 -14.57 -20.16 9.76
C LEU G 19 -13.59 -21.02 10.59
N ARG G 20 -13.49 -20.72 11.88
CA ARG G 20 -12.58 -21.39 12.79
C ARG G 20 -13.10 -22.75 13.20
N ASN G 21 -14.37 -22.78 13.59
CA ASN G 21 -15.00 -24.02 14.07
C ASN G 21 -14.99 -25.15 13.02
N ALA G 22 -15.11 -24.82 11.73
CA ALA G 22 -14.96 -25.83 10.65
C ALA G 22 -13.76 -26.79 10.79
N ARG G 23 -12.77 -26.40 11.58
CA ARG G 23 -11.66 -27.25 11.99
C ARG G 23 -11.52 -26.88 13.45
N GLY G 24 -10.85 -27.65 14.27
CA GLY G 24 -10.82 -27.21 15.65
C GLY G 24 -9.60 -26.37 15.87
N THR G 25 -9.33 -25.44 14.94
CA THR G 25 -8.12 -24.58 14.98
C THR G 25 -8.21 -23.36 15.91
N ILE G 26 -7.07 -22.76 16.19
CA ILE G 26 -7.07 -21.54 17.02
C ILE G 26 -7.43 -20.37 16.11
N TYR G 27 -7.07 -20.49 14.85
CA TYR G 27 -7.19 -19.41 13.87
C TYR G 27 -8.31 -19.79 12.91
N PRO G 28 -9.04 -18.79 12.40
CA PRO G 28 -8.86 -17.40 12.77
C PRO G 28 -9.60 -17.08 14.07
N ASP G 29 -9.05 -16.17 14.86
CA ASP G 29 -9.50 -15.90 16.19
C ASP G 29 -10.36 -14.66 16.18
N PRO G 30 -11.61 -14.77 16.67
CA PRO G 30 -12.44 -13.55 16.64
C PRO G 30 -11.82 -12.40 17.38
N VAL G 31 -10.97 -12.70 18.38
CA VAL G 31 -10.37 -11.67 19.23
C VAL G 31 -9.49 -10.74 18.39
N GLN G 32 -8.74 -11.31 17.46
CA GLN G 32 -7.93 -10.52 16.54
C GLN G 32 -8.85 -9.66 15.71
N ALA G 33 -9.93 -10.21 15.18
CA ALA G 33 -10.88 -9.49 14.32
C ALA G 33 -11.57 -8.28 14.99
N ALA G 34 -11.86 -8.38 16.29
CA ALA G 34 -12.40 -7.25 16.99
C ALA G 34 -11.41 -6.12 16.98
N PHE G 35 -10.12 -6.41 17.09
CA PHE G 35 -9.11 -5.33 17.03
C PHE G 35 -9.16 -4.60 15.67
N ILE G 36 -9.17 -5.36 14.58
CA ILE G 36 -9.08 -4.82 13.24
C ILE G 36 -10.29 -3.95 12.89
N ALA G 37 -11.48 -4.42 13.20
CA ALA G 37 -12.71 -3.71 12.95
C ALA G 37 -12.88 -2.46 13.81
N GLU G 38 -12.57 -2.52 15.10
CA GLU G 38 -12.54 -1.31 15.97
C GLU G 38 -11.59 -0.23 15.47
N GLN G 39 -10.42 -0.65 14.99
CA GLN G 39 -9.49 0.33 14.49
C GLN G 39 -9.70 0.71 13.03
N ALA G 40 -10.69 0.15 12.39
CA ALA G 40 -10.99 0.49 10.98
C ALA G 40 -12.29 1.25 11.06
N GLY G 41 -12.71 1.53 12.30
CA GLY G 41 -13.93 2.30 12.57
C GLY G 41 -15.23 1.62 12.95
N ALA G 42 -15.20 0.44 13.55
CA ALA G 42 -16.39 -0.13 14.16
C ALA G 42 -16.55 0.59 15.48
N ASP G 43 -17.79 0.89 15.83
CA ASP G 43 -18.11 1.60 17.08
C ASP G 43 -18.47 0.65 18.20
N GLY G 44 -18.71 -0.62 17.85
CA GLY G 44 -18.83 -1.72 18.80
C GLY G 44 -18.64 -3.04 18.08
N ILE G 45 -18.52 -4.11 18.86
CA ILE G 45 -18.35 -5.48 18.38
C ILE G 45 -19.50 -6.34 18.82
N THR G 46 -20.18 -6.98 17.90
CA THR G 46 -21.25 -7.90 18.26
C THR G 46 -20.78 -9.34 18.17
N VAL G 47 -21.33 -10.18 19.02
CA VAL G 47 -20.95 -11.57 19.11
C VAL G 47 -22.25 -12.24 19.58
N HIS G 48 -22.59 -13.39 19.00
CA HIS G 48 -23.83 -14.09 19.39
C HIS G 48 -23.43 -15.41 20.05
N LEU G 49 -23.57 -15.51 21.38
CA LEU G 49 -23.32 -16.82 22.04
C LEU G 49 -24.56 -17.74 21.98
N ARG G 50 -24.60 -18.64 21.00
CA ARG G 50 -25.69 -19.60 20.86
C ARG G 50 -25.56 -20.72 21.88
N GLU G 51 -26.70 -21.30 22.24
CA GLU G 51 -26.72 -22.43 23.19
C GLU G 51 -25.84 -23.59 22.72
N ASP G 52 -25.81 -23.82 21.41
CA ASP G 52 -25.00 -24.89 20.86
C ASP G 52 -23.53 -24.52 20.65
N ARG G 53 -23.19 -23.22 20.81
CA ARG G 53 -21.83 -22.65 20.60
C ARG G 53 -21.32 -23.05 19.23
N ARG G 54 -22.19 -22.89 18.23
CA ARG G 54 -21.87 -23.32 16.89
C ARG G 54 -20.75 -22.48 16.32
N HIS G 55 -20.73 -21.16 16.60
CA HIS G 55 -19.58 -20.32 16.20
C HIS G 55 -18.81 -19.68 17.36
N ILE G 56 -19.28 -18.54 17.90
CA ILE G 56 -18.72 -17.95 19.11
C ILE G 56 -18.81 -18.92 20.27
N THR G 57 -17.69 -19.12 20.98
CA THR G 57 -17.66 -19.99 22.15
C THR G 57 -17.61 -19.14 23.41
N ASP G 58 -17.71 -19.82 24.56
CA ASP G 58 -17.50 -19.19 25.83
C ASP G 58 -16.11 -18.65 25.98
N ARG G 59 -15.11 -19.37 25.44
CA ARG G 59 -13.72 -18.88 25.40
C ARG G 59 -13.69 -17.49 24.73
N ASP G 60 -14.51 -17.31 23.70
CA ASP G 60 -14.43 -16.12 22.90
C ASP G 60 -14.94 -14.94 23.67
N VAL G 61 -16.16 -15.11 24.17
CA VAL G 61 -16.81 -14.13 24.99
C VAL G 61 -15.99 -13.75 26.23
N ARG G 62 -15.35 -14.68 26.88
CA ARG G 62 -14.62 -14.32 28.10
C ARG G 62 -13.36 -13.45 27.81
N ILE G 63 -12.68 -13.68 26.67
CA ILE G 63 -11.55 -12.83 26.27
C ILE G 63 -12.01 -11.49 25.64
N LEU G 64 -13.03 -11.54 24.78
CA LEU G 64 -13.52 -10.32 24.15
C LEU G 64 -13.91 -9.26 25.22
N ARG G 65 -14.56 -9.69 26.31
CA ARG G 65 -14.89 -8.79 27.40
C ARG G 65 -13.64 -8.01 27.88
N GLN G 66 -12.51 -8.69 28.02
CA GLN G 66 -11.31 -8.00 28.46
C GLN G 66 -10.51 -7.30 27.34
N THR G 67 -10.88 -7.51 26.07
CA THR G 67 -10.01 -6.98 24.99
C THR G 67 -10.67 -5.91 24.12
N ILE G 68 -12.01 -5.92 24.13
CA ILE G 68 -12.77 -5.01 23.30
C ILE G 68 -12.46 -3.64 23.77
N GLN G 69 -12.44 -2.67 22.86
CA GLN G 69 -11.95 -1.34 23.24
C GLN G 69 -13.03 -0.29 23.10
N THR G 70 -14.09 -0.70 22.44
CA THR G 70 -15.30 0.07 22.36
C THR G 70 -16.31 -0.49 23.38
N ARG G 71 -17.36 -1.13 22.87
CA ARG G 71 -18.47 -1.70 23.64
C ARG G 71 -18.84 -3.08 23.08
N MET G 72 -19.13 -4.03 23.95
CA MET G 72 -19.60 -5.33 23.49
C MET G 72 -21.13 -5.44 23.49
N ASN G 73 -21.63 -5.96 22.37
CA ASN G 73 -23.01 -6.42 22.28
C ASN G 73 -23.06 -7.95 22.21
N LEU G 74 -23.58 -8.51 23.28
CA LEU G 74 -23.80 -9.94 23.40
C LEU G 74 -25.21 -10.29 22.89
N GLU G 75 -25.29 -10.95 21.74
CA GLU G 75 -26.56 -11.46 21.25
C GLU G 75 -26.74 -12.83 21.85
N MET G 76 -27.97 -13.12 22.24
CA MET G 76 -28.23 -14.40 22.88
C MET G 76 -29.72 -14.70 22.91
N ALA G 77 -30.02 -15.99 23.06
CA ALA G 77 -31.39 -16.47 23.27
C ALA G 77 -31.80 -16.24 24.73
N VAL G 78 -33.11 -16.15 25.00
CA VAL G 78 -33.62 -15.80 26.35
C VAL G 78 -33.80 -16.99 27.33
N THR G 79 -32.73 -17.39 28.00
CA THR G 79 -32.79 -18.53 28.92
C THR G 79 -31.93 -18.25 30.15
N ASP G 80 -32.15 -19.01 31.21
CA ASP G 80 -31.43 -18.82 32.46
C ASP G 80 -29.94 -18.86 32.30
N GLU G 81 -29.45 -19.82 31.52
CA GLU G 81 -28.03 -19.91 31.29
C GLU G 81 -27.51 -18.57 30.69
N MET G 82 -28.16 -18.09 29.64
CA MET G 82 -27.66 -16.93 28.88
C MET G 82 -27.89 -15.60 29.60
N VAL G 83 -28.82 -15.57 30.53
CA VAL G 83 -28.96 -14.39 31.33
C VAL G 83 -27.91 -14.46 32.46
N ASP G 84 -27.67 -15.64 33.00
CA ASP G 84 -26.62 -15.82 34.03
C ASP G 84 -25.27 -15.34 33.47
N ILE G 85 -24.91 -15.89 32.29
CA ILE G 85 -23.77 -15.46 31.52
C ILE G 85 -23.73 -13.93 31.40
N ALA G 86 -24.83 -13.31 30.96
CA ALA G 86 -24.74 -11.88 30.69
C ALA G 86 -24.49 -11.09 31.97
N CYS G 87 -25.21 -11.40 33.04
CA CYS G 87 -25.00 -10.79 34.37
C CYS G 87 -23.57 -10.93 34.92
N ASP G 88 -22.89 -12.03 34.57
CA ASP G 88 -21.51 -12.24 34.96
C ASP G 88 -20.50 -11.45 34.11
N ILE G 89 -20.70 -11.48 32.80
CA ILE G 89 -19.80 -10.80 31.89
C ILE G 89 -20.00 -9.29 31.93
N LYS G 90 -21.26 -8.85 31.95
CA LYS G 90 -21.60 -7.41 31.99
C LYS G 90 -21.23 -6.65 30.69
N PRO G 91 -21.68 -7.17 29.54
CA PRO G 91 -21.49 -6.43 28.33
C PRO G 91 -22.25 -5.07 28.33
N HIS G 92 -21.81 -4.14 27.49
N HIS G 92 -21.84 -4.19 27.43
CA HIS G 92 -22.50 -2.86 27.37
CA HIS G 92 -22.41 -2.87 27.33
C HIS G 92 -23.91 -3.15 26.90
C HIS G 92 -23.84 -2.95 26.77
N PHE G 93 -24.05 -3.75 25.71
CA PHE G 93 -25.38 -4.17 25.23
C PHE G 93 -25.60 -5.68 25.31
N CYS G 94 -26.87 -6.06 25.45
CA CYS G 94 -27.30 -7.44 25.26
C CYS G 94 -28.44 -7.41 24.27
N CYS G 95 -28.40 -8.29 23.25
CA CYS G 95 -29.46 -8.25 22.21
C CYS G 95 -30.21 -9.55 22.06
N LEU G 96 -31.48 -9.55 22.42
CA LEU G 96 -32.24 -10.79 22.58
C LEU G 96 -32.84 -11.27 21.25
N VAL G 97 -32.57 -12.53 20.93
CA VAL G 97 -32.90 -13.13 19.65
C VAL G 97 -33.52 -14.53 19.81
N PRO G 98 -34.34 -14.95 18.85
CA PRO G 98 -34.83 -16.32 18.77
C PRO G 98 -33.76 -17.31 18.32
N GLU G 99 -33.89 -18.58 18.72
CA GLU G 99 -32.92 -19.64 18.42
C GLU G 99 -33.62 -20.98 18.36
N LYS G 100 -34.87 -20.98 18.85
CA LYS G 100 -35.79 -22.17 18.87
C LYS G 100 -37.17 -21.85 18.28
N ARG G 101 -37.84 -22.92 17.81
CA ARG G 101 -39.28 -22.95 17.44
C ARG G 101 -40.27 -21.98 18.15
N GLN G 102 -40.46 -22.16 19.46
CA GLN G 102 -41.41 -21.36 20.28
C GLN G 102 -41.20 -19.85 20.18
N GLU G 103 -39.94 -19.44 20.08
CA GLU G 103 -39.55 -18.04 20.28
C GLU G 103 -39.60 -17.17 19.02
N VAL G 104 -39.62 -17.81 17.84
CA VAL G 104 -39.56 -17.13 16.55
C VAL G 104 -40.95 -16.95 15.92
N THR G 105 -41.18 -15.77 15.31
CA THR G 105 -42.41 -15.53 14.54
C THR G 105 -42.20 -16.08 13.15
N THR G 106 -43.24 -15.96 12.33
CA THR G 106 -43.18 -16.37 10.92
C THR G 106 -42.05 -15.67 10.12
N GLU G 107 -41.86 -14.38 10.36
CA GLU G 107 -40.89 -13.58 9.58
C GLU G 107 -39.41 -13.81 9.94
N GLY G 108 -39.12 -14.01 11.23
CA GLY G 108 -37.74 -14.18 11.66
C GLY G 108 -37.33 -13.42 12.91
N GLY G 109 -38.07 -12.36 13.25
CA GLY G 109 -37.82 -11.58 14.47
C GLY G 109 -38.27 -12.34 15.70
N LEU G 110 -37.82 -11.90 16.87
CA LEU G 110 -38.23 -12.51 18.16
C LEU G 110 -39.72 -12.28 18.50
N ASP G 111 -40.38 -13.32 19.01
CA ASP G 111 -41.79 -13.21 19.44
C ASP G 111 -41.88 -12.66 20.87
N VAL G 112 -41.93 -11.33 20.97
CA VAL G 112 -42.00 -10.64 22.27
C VAL G 112 -43.45 -10.55 22.82
N ALA G 113 -44.40 -10.15 21.98
CA ALA G 113 -45.81 -10.11 22.34
C ALA G 113 -46.31 -11.47 22.80
N GLY G 114 -45.78 -12.54 22.20
CA GLY G 114 -46.14 -13.90 22.58
C GLY G 114 -45.53 -14.39 23.89
N GLN G 115 -44.47 -13.73 24.34
CA GLN G 115 -43.82 -14.10 25.60
C GLN G 115 -43.57 -12.85 26.44
N VAL G 116 -44.53 -11.92 26.45
CA VAL G 116 -44.35 -10.61 27.11
C VAL G 116 -43.81 -10.76 28.52
N ASP G 117 -44.43 -11.65 29.28
CA ASP G 117 -44.07 -11.81 30.68
C ASP G 117 -42.70 -12.39 30.89
N LYS G 118 -42.31 -13.33 30.03
CA LYS G 118 -40.95 -13.86 30.05
C LYS G 118 -40.02 -12.69 29.74
N MET G 119 -40.18 -12.10 28.57
CA MET G 119 -39.41 -10.93 28.16
C MET G 119 -39.21 -9.89 29.26
N THR G 120 -40.25 -9.54 30.03
CA THR G 120 -40.09 -8.45 31.02
C THR G 120 -39.21 -8.83 32.24
N LEU G 121 -39.06 -10.13 32.50
CA LEU G 121 -38.24 -10.57 33.64
C LEU G 121 -36.78 -10.73 33.26
N ALA G 122 -36.54 -11.16 32.03
CA ALA G 122 -35.18 -11.28 31.52
C ALA G 122 -34.59 -9.91 31.23
N VAL G 123 -35.39 -9.02 30.63
CA VAL G 123 -35.03 -7.60 30.52
C VAL G 123 -34.67 -7.06 31.92
N GLY G 124 -35.55 -7.34 32.92
CA GLY G 124 -35.41 -6.85 34.29
C GLY G 124 -34.07 -7.21 34.90
N ARG G 125 -33.75 -8.50 34.85
CA ARG G 125 -32.48 -8.99 35.38
C ARG G 125 -31.27 -8.36 34.69
N LEU G 126 -31.37 -8.15 33.39
CA LEU G 126 -30.29 -7.55 32.62
C LEU G 126 -30.14 -6.06 32.89
N ALA G 127 -31.25 -5.33 32.88
CA ALA G 127 -31.21 -3.90 33.20
C ALA G 127 -30.63 -3.62 34.59
N ASP G 128 -30.94 -4.47 35.57
CA ASP G 128 -30.37 -4.31 36.91
C ASP G 128 -28.84 -4.25 36.93
N VAL G 129 -28.20 -4.93 35.98
CA VAL G 129 -26.74 -5.06 36.02
C VAL G 129 -26.03 -3.95 35.22
N GLY G 130 -26.76 -2.88 34.95
CA GLY G 130 -26.28 -1.78 34.13
C GLY G 130 -26.39 -2.01 32.64
N ILE G 131 -26.72 -3.26 32.23
CA ILE G 131 -26.83 -3.65 30.82
C ILE G 131 -27.93 -2.89 30.05
N LEU G 132 -27.62 -2.62 28.79
CA LEU G 132 -28.57 -1.99 27.88
C LEU G 132 -29.12 -3.04 26.91
N VAL G 133 -30.44 -3.20 26.92
CA VAL G 133 -31.10 -4.35 26.34
C VAL G 133 -31.80 -4.04 25.04
N SER G 134 -31.59 -4.90 24.05
CA SER G 134 -32.18 -4.70 22.74
C SER G 134 -33.01 -5.91 22.38
N LEU G 135 -34.15 -5.69 21.77
CA LEU G 135 -34.91 -6.82 21.27
C LEU G 135 -34.92 -6.88 19.74
N PHE G 136 -34.49 -8.02 19.20
CA PHE G 136 -34.46 -8.21 17.76
C PHE G 136 -35.87 -8.57 17.22
N ILE G 137 -36.51 -7.65 16.50
CA ILE G 137 -37.88 -7.90 16.09
C ILE G 137 -38.22 -7.40 14.67
N ASP G 138 -39.18 -8.07 14.03
CA ASP G 138 -39.76 -7.64 12.76
C ASP G 138 -40.28 -6.20 12.87
N ALA G 139 -40.46 -5.55 11.72
CA ALA G 139 -41.09 -4.24 11.69
C ALA G 139 -42.63 -4.40 11.81
N ASP G 140 -43.12 -4.47 13.06
CA ASP G 140 -44.52 -4.75 13.40
C ASP G 140 -44.86 -3.99 14.67
N PHE G 141 -45.85 -3.09 14.54
CA PHE G 141 -46.25 -2.15 15.59
C PHE G 141 -46.65 -2.84 16.88
N ARG G 142 -47.25 -4.01 16.73
CA ARG G 142 -47.73 -4.77 17.88
C ARG G 142 -46.50 -5.25 18.64
N GLN G 143 -45.61 -5.97 17.95
CA GLN G 143 -44.36 -6.41 18.57
C GLN G 143 -43.50 -5.29 19.11
N ILE G 144 -43.53 -4.10 18.50
CA ILE G 144 -42.90 -2.90 19.12
C ILE G 144 -43.48 -2.56 20.53
N ASP G 145 -44.81 -2.38 20.64
CA ASP G 145 -45.42 -2.04 21.92
C ASP G 145 -45.08 -3.10 22.94
N ALA G 146 -44.97 -4.35 22.48
CA ALA G 146 -44.68 -5.48 23.35
C ALA G 146 -43.29 -5.33 23.94
N ALA G 147 -42.37 -4.80 23.13
CA ALA G 147 -41.00 -4.48 23.57
C ALA G 147 -41.03 -3.35 24.60
N VAL G 148 -41.92 -2.38 24.38
CA VAL G 148 -42.10 -1.31 25.37
C VAL G 148 -42.68 -1.87 26.68
N ALA G 149 -43.69 -2.75 26.55
CA ALA G 149 -44.31 -3.43 27.70
C ALA G 149 -43.30 -4.30 28.45
N ALA G 150 -42.33 -4.88 27.72
CA ALA G 150 -41.19 -5.57 28.32
C ALA G 150 -40.17 -4.61 28.89
N GLY G 151 -40.34 -3.32 28.59
CA GLY G 151 -39.47 -2.25 29.10
C GLY G 151 -38.04 -2.21 28.57
N ALA G 152 -37.88 -2.27 27.25
CA ALA G 152 -36.55 -2.34 26.67
C ALA G 152 -36.17 -0.97 26.14
N PRO G 153 -34.93 -0.54 26.35
CA PRO G 153 -34.68 0.77 25.78
C PRO G 153 -34.36 0.67 24.27
N TYR G 154 -34.12 -0.53 23.75
CA TYR G 154 -33.79 -0.67 22.34
C TYR G 154 -34.55 -1.78 21.68
N ILE G 155 -34.71 -1.57 20.36
CA ILE G 155 -35.12 -2.59 19.43
C ILE G 155 -34.15 -2.61 18.22
N GLU G 156 -33.98 -3.77 17.64
CA GLU G 156 -33.32 -3.82 16.37
C GLU G 156 -34.31 -4.39 15.36
N ILE G 157 -34.64 -3.60 14.35
CA ILE G 157 -35.55 -4.06 13.31
C ILE G 157 -34.87 -5.10 12.42
N HIS G 158 -35.54 -6.23 12.22
CA HIS G 158 -35.12 -7.31 11.34
C HIS G 158 -35.17 -6.97 9.84
N THR G 159 -34.01 -6.70 9.25
CA THR G 159 -33.91 -6.24 7.84
C THR G 159 -33.86 -7.34 6.73
N GLY G 160 -34.24 -8.59 7.07
CA GLY G 160 -34.16 -9.73 6.14
C GLY G 160 -35.09 -9.68 4.93
N ALA G 161 -36.39 -9.49 5.21
CA ALA G 161 -37.39 -9.24 4.17
C ALA G 161 -36.96 -8.17 3.16
N TYR G 162 -36.49 -7.03 3.65
CA TYR G 162 -35.97 -5.98 2.79
C TYR G 162 -34.79 -6.45 1.92
N ALA G 163 -33.87 -7.22 2.51
CA ALA G 163 -32.66 -7.62 1.77
C ALA G 163 -32.95 -8.73 0.79
N ASP G 164 -33.94 -9.55 1.13
CA ASP G 164 -34.31 -10.65 0.27
C ASP G 164 -35.18 -10.20 -0.88
N ALA G 165 -35.83 -9.02 -0.71
CA ALA G 165 -36.80 -8.46 -1.67
C ALA G 165 -36.38 -8.72 -3.11
N SER G 166 -37.32 -9.22 -3.91
CA SER G 166 -37.00 -9.70 -5.25
C SER G 166 -36.75 -8.55 -6.22
N THR G 167 -37.76 -7.70 -6.37
CA THR G 167 -37.80 -6.67 -7.41
C THR G 167 -38.12 -5.28 -6.85
N VAL G 168 -37.60 -4.25 -7.51
CA VAL G 168 -37.87 -2.83 -7.15
C VAL G 168 -39.11 -2.57 -6.28
N LEU G 169 -40.27 -3.06 -6.71
CA LEU G 169 -41.53 -2.86 -6.01
C LEU G 169 -41.53 -3.35 -4.57
N GLU G 170 -41.11 -4.59 -4.38
CA GLU G 170 -41.21 -5.23 -3.07
C GLU G 170 -40.05 -4.83 -2.11
N ARG G 171 -38.94 -4.36 -2.70
CA ARG G 171 -37.85 -3.70 -1.96
C ARG G 171 -38.38 -2.44 -1.30
N GLN G 172 -39.07 -1.58 -2.08
CA GLN G 172 -39.63 -0.29 -1.59
C GLN G 172 -40.80 -0.42 -0.56
N ALA G 173 -41.55 -1.52 -0.60
CA ALA G 173 -42.65 -1.78 0.38
C ALA G 173 -42.09 -2.17 1.75
N GLU G 174 -41.16 -3.11 1.71
CA GLU G 174 -40.38 -3.48 2.86
C GLU G 174 -39.60 -2.31 3.44
N LEU G 175 -39.04 -1.47 2.56
CA LEU G 175 -38.30 -0.27 3.00
C LEU G 175 -39.20 0.68 3.79
N MET G 176 -40.45 0.79 3.35
CA MET G 176 -41.41 1.69 3.97
C MET G 176 -41.91 1.11 5.27
N ARG G 177 -42.20 -0.18 5.25
CA ARG G 177 -42.57 -0.89 6.45
C ARG G 177 -41.53 -0.54 7.54
N ILE G 178 -40.27 -0.84 7.24
CA ILE G 178 -39.13 -0.55 8.12
C ILE G 178 -39.03 0.91 8.60
N ALA G 179 -39.06 1.87 7.69
CA ALA G 179 -38.99 3.27 8.11
C ALA G 179 -40.13 3.65 9.06
N LYS G 180 -41.35 3.20 8.76
CA LYS G 180 -42.54 3.61 9.51
C LYS G 180 -42.50 3.04 10.92
N ALA G 181 -42.05 1.79 11.04
CA ALA G 181 -41.92 1.08 12.32
C ALA G 181 -40.90 1.74 13.25
N ALA G 182 -39.97 2.48 12.65
CA ALA G 182 -38.92 3.17 13.39
C ALA G 182 -39.27 4.63 13.65
N THR G 183 -40.22 5.17 12.89
CA THR G 183 -40.82 6.43 13.27
C THR G 183 -41.70 6.18 14.51
N TYR G 184 -42.39 5.02 14.49
CA TYR G 184 -43.29 4.58 15.57
C TYR G 184 -42.49 4.25 16.80
N ALA G 185 -41.64 3.22 16.70
CA ALA G 185 -40.78 2.81 17.81
C ALA G 185 -40.13 4.03 18.48
N ALA G 186 -39.53 4.89 17.67
CA ALA G 186 -38.85 6.09 18.16
C ALA G 186 -39.75 6.95 19.01
N GLY G 187 -40.92 7.27 18.46
CA GLY G 187 -41.87 8.20 19.08
C GLY G 187 -42.55 7.60 20.30
N LYS G 188 -42.26 6.33 20.55
CA LYS G 188 -42.71 5.63 21.75
C LYS G 188 -41.57 5.50 22.78
N GLY G 189 -40.58 6.39 22.73
CA GLY G 189 -39.47 6.42 23.69
C GLY G 189 -38.25 5.57 23.35
N LEU G 190 -38.41 4.61 22.44
CA LEU G 190 -37.32 3.70 22.10
C LEU G 190 -36.23 4.37 21.30
N LYS G 191 -35.21 3.56 21.04
CA LYS G 191 -33.91 3.94 20.53
C LYS G 191 -33.72 2.80 19.55
N VAL G 192 -33.31 3.11 18.33
CA VAL G 192 -33.57 2.15 17.27
C VAL G 192 -32.35 1.70 16.41
N ASN G 193 -32.18 0.38 16.31
CA ASN G 193 -31.18 -0.23 15.46
C ASN G 193 -31.79 -1.07 14.34
N ALA G 194 -30.98 -1.46 13.36
CA ALA G 194 -31.48 -2.32 12.28
C ALA G 194 -30.45 -3.41 11.99
N GLY G 195 -30.86 -4.59 11.56
CA GLY G 195 -29.86 -5.55 11.18
C GLY G 195 -30.36 -6.84 10.63
N HIS G 196 -29.44 -7.51 9.93
CA HIS G 196 -29.57 -8.80 9.29
C HIS G 196 -29.69 -8.62 7.80
N GLY G 197 -28.65 -8.98 7.06
CA GLY G 197 -28.75 -9.02 5.61
C GLY G 197 -28.26 -7.79 4.86
N LEU G 198 -27.91 -6.74 5.61
CA LEU G 198 -27.42 -5.52 5.01
C LEU G 198 -26.12 -5.80 4.27
N THR G 199 -26.02 -5.28 3.05
CA THR G 199 -24.79 -5.35 2.28
C THR G 199 -24.24 -3.99 1.92
N TYR G 200 -23.17 -4.03 1.15
CA TYR G 200 -22.56 -2.83 0.58
C TYR G 200 -23.44 -2.27 -0.52
N HIS G 201 -24.50 -2.96 -0.88
CA HIS G 201 -25.29 -2.44 -1.98
C HIS G 201 -26.74 -2.17 -1.60
N ASN G 202 -27.11 -2.36 -0.34
CA ASN G 202 -28.48 -2.05 0.07
C ASN G 202 -28.52 -1.28 1.38
N VAL G 203 -27.35 -1.06 1.97
CA VAL G 203 -27.24 -0.48 3.31
C VAL G 203 -27.66 0.98 3.32
N GLN G 204 -27.32 1.72 2.28
CA GLN G 204 -27.59 3.17 2.30
C GLN G 204 -29.05 3.59 2.55
N PRO G 205 -30.02 2.96 1.85
CA PRO G 205 -31.40 3.37 2.11
C PRO G 205 -31.90 3.15 3.56
N ILE G 206 -31.28 2.20 4.26
CA ILE G 206 -31.54 1.97 5.70
C ILE G 206 -30.75 2.93 6.58
N ALA G 207 -29.48 3.16 6.21
CA ALA G 207 -28.64 4.12 6.92
C ALA G 207 -29.23 5.53 6.93
N ALA G 208 -29.88 5.90 5.82
CA ALA G 208 -30.42 7.25 5.59
C ALA G 208 -31.60 7.62 6.49
N LEU G 209 -32.14 6.66 7.22
CA LEU G 209 -33.33 6.88 8.04
C LEU G 209 -32.96 7.49 9.37
N PRO G 210 -33.47 8.70 9.68
CA PRO G 210 -33.04 9.54 10.82
C PRO G 210 -32.97 8.83 12.16
N GLU G 211 -33.97 7.99 12.46
CA GLU G 211 -34.09 7.34 13.78
C GLU G 211 -33.05 6.22 14.04
N MET G 212 -32.37 5.75 13.00
CA MET G 212 -31.43 4.62 13.18
C MET G 212 -30.19 4.93 14.05
N HIS G 213 -30.10 4.31 15.21
CA HIS G 213 -28.95 4.49 16.13
C HIS G 213 -27.70 3.66 15.67
N GLU G 214 -27.83 2.34 15.55
CA GLU G 214 -26.68 1.49 15.25
C GLU G 214 -27.08 0.37 14.29
N LEU G 215 -26.29 0.15 13.24
CA LEU G 215 -26.55 -0.94 12.32
C LEU G 215 -25.62 -2.10 12.65
N ASN G 216 -26.18 -3.28 12.85
CA ASN G 216 -25.36 -4.46 13.10
C ASN G 216 -25.16 -5.27 11.84
N ILE G 217 -23.95 -5.22 11.29
CA ILE G 217 -23.65 -5.91 10.04
C ILE G 217 -22.56 -6.94 10.31
N GLY G 218 -22.74 -8.16 9.79
CA GLY G 218 -21.86 -9.26 10.05
C GLY G 218 -21.47 -9.90 8.73
N HIS G 219 -22.41 -10.63 8.13
CA HIS G 219 -22.04 -11.57 7.08
C HIS G 219 -21.45 -10.86 5.91
N ALA G 220 -21.95 -9.68 5.59
CA ALA G 220 -21.48 -9.01 4.41
C ALA G 220 -20.07 -8.49 4.60
N ILE G 221 -19.75 -8.07 5.81
CA ILE G 221 -18.40 -7.61 6.09
C ILE G 221 -17.39 -8.79 6.01
N ILE G 222 -17.69 -9.88 6.72
CA ILE G 222 -16.80 -11.06 6.70
C ILE G 222 -16.65 -11.54 5.26
N GLY G 223 -17.76 -11.57 4.51
CA GLY G 223 -17.73 -11.94 3.11
C GLY G 223 -16.81 -11.11 2.24
N GLN G 224 -16.83 -9.80 2.46
CA GLN G 224 -15.86 -8.94 1.79
C GLN G 224 -14.42 -9.11 2.35
N ALA G 225 -14.29 -9.22 3.68
CA ALA G 225 -12.98 -9.41 4.28
C ALA G 225 -12.20 -10.58 3.69
N VAL G 226 -12.76 -11.81 3.52
CA VAL G 226 -11.90 -12.89 2.95
C VAL G 226 -11.29 -12.45 1.65
N MET G 227 -11.94 -11.51 0.98
CA MET G 227 -11.35 -11.06 -0.27
C MET G 227 -10.31 -10.02 -0.03
N THR G 228 -10.71 -8.87 0.52
CA THR G 228 -9.84 -7.69 0.56
C THR G 228 -9.34 -7.35 1.95
N GLY G 229 -9.74 -8.12 2.96
CA GLY G 229 -9.30 -7.81 4.34
C GLY G 229 -10.29 -7.08 5.26
N LEU G 230 -10.23 -7.40 6.55
CA LEU G 230 -11.21 -6.85 7.47
C LEU G 230 -11.15 -5.33 7.67
N ALA G 231 -9.95 -4.77 7.57
CA ALA G 231 -9.76 -3.34 7.76
C ALA G 231 -10.51 -2.60 6.63
N ALA G 232 -10.21 -2.99 5.39
CA ALA G 232 -10.84 -2.37 4.25
C ALA G 232 -12.36 -2.58 4.23
N ALA G 233 -12.84 -3.80 4.53
CA ALA G 233 -14.27 -4.09 4.50
C ALA G 233 -15.01 -3.16 5.48
N VAL G 234 -14.54 -3.08 6.73
CA VAL G 234 -15.18 -2.29 7.79
C VAL G 234 -15.17 -0.82 7.40
N THR G 235 -13.98 -0.28 7.20
CA THR G 235 -13.82 1.06 6.68
C THR G 235 -14.82 1.40 5.52
N ASP G 236 -14.97 0.52 4.53
CA ASP G 236 -15.82 0.84 3.38
C ASP G 236 -17.27 0.83 3.80
N MET G 237 -17.68 -0.12 4.64
CA MET G 237 -19.05 -0.06 5.16
C MET G 237 -19.33 1.27 5.86
N LYS G 238 -18.36 1.73 6.64
CA LYS G 238 -18.43 2.97 7.39
C LYS G 238 -18.52 4.21 6.49
N VAL G 239 -17.69 4.24 5.45
CA VAL G 239 -17.79 5.23 4.39
C VAL G 239 -19.16 5.26 3.68
N LEU G 240 -19.70 4.09 3.31
CA LEU G 240 -21.05 4.04 2.72
C LEU G 240 -22.04 4.62 3.70
N MET G 241 -21.83 4.33 4.98
CA MET G 241 -22.78 4.75 6.02
C MET G 241 -22.84 6.29 6.29
N ARG G 242 -21.70 6.97 6.31
CA ARG G 242 -21.64 8.44 6.42
C ARG G 242 -22.32 9.07 5.22
N GLU G 243 -21.93 8.57 4.05
CA GLU G 243 -22.42 9.08 2.78
C GLU G 243 -23.94 9.07 2.75
N ALA G 244 -24.52 8.00 3.31
CA ALA G 244 -25.97 7.85 3.43
C ALA G 244 -26.62 9.06 4.11
N ARG G 245 -25.92 9.62 5.09
CA ARG G 245 -26.47 10.68 5.94
C ARG G 245 -25.96 12.08 5.60
N ARG G 246 -25.53 12.23 4.34
CA ARG G 246 -25.00 13.46 3.76
C ARG G 246 -25.63 13.54 2.39
N ASP H 6 11.22 -24.75 -8.10
CA ASP H 6 9.80 -24.66 -8.63
C ASP H 6 8.75 -25.40 -7.74
N LEU H 7 8.77 -25.21 -6.41
CA LEU H 7 7.74 -25.85 -5.53
C LEU H 7 6.34 -25.24 -5.72
N LEU H 8 5.38 -26.05 -6.19
CA LEU H 8 4.15 -25.44 -6.59
C LEU H 8 3.27 -25.20 -5.39
N LEU H 9 2.38 -24.22 -5.47
CA LEU H 9 1.41 -24.00 -4.41
C LEU H 9 0.01 -24.09 -4.99
N GLY H 10 -0.79 -25.00 -4.49
CA GLY H 10 -2.12 -25.22 -5.02
C GLY H 10 -2.97 -24.68 -3.92
N VAL H 11 -3.90 -23.79 -4.25
CA VAL H 11 -4.70 -23.16 -3.20
C VAL H 11 -6.06 -23.81 -3.23
N ASN H 12 -6.50 -24.14 -2.02
CA ASN H 12 -7.81 -24.76 -1.82
C ASN H 12 -8.82 -23.74 -1.31
N ILE H 13 -9.80 -23.43 -2.15
CA ILE H 13 -10.79 -22.42 -1.85
C ILE H 13 -12.09 -22.92 -1.26
N ASP H 14 -12.16 -24.16 -0.75
CA ASP H 14 -13.42 -24.66 -0.18
C ASP H 14 -14.02 -23.74 0.86
N HIS H 15 -13.20 -23.09 1.71
CA HIS H 15 -13.74 -22.36 2.86
C HIS H 15 -14.19 -20.97 2.48
N ILE H 16 -13.97 -20.60 1.23
CA ILE H 16 -14.65 -19.45 0.71
C ILE H 16 -16.14 -19.79 0.67
N ALA H 17 -16.46 -21.04 0.32
CA ALA H 17 -17.83 -21.50 0.07
C ALA H 17 -18.54 -21.81 1.37
N THR H 18 -17.78 -22.26 2.37
CA THR H 18 -18.22 -22.39 3.75
C THR H 18 -18.82 -21.07 4.16
N LEU H 19 -18.02 -20.04 4.13
CA LEU H 19 -18.54 -18.74 4.50
C LEU H 19 -19.90 -18.42 3.82
N ARG H 20 -20.05 -18.78 2.55
CA ARG H 20 -21.15 -18.32 1.72
C ARG H 20 -22.38 -19.15 2.00
N ASN H 21 -22.22 -20.48 2.09
CA ASN H 21 -23.33 -21.40 2.33
C ASN H 21 -24.02 -21.23 3.69
N ALA H 22 -23.27 -20.78 4.69
CA ALA H 22 -23.83 -20.37 5.98
C ALA H 22 -25.12 -19.57 5.81
N ARG H 23 -25.17 -18.73 4.78
CA ARG H 23 -26.40 -18.01 4.42
C ARG H 23 -26.83 -18.38 3.02
N GLY H 24 -27.89 -17.76 2.51
CA GLY H 24 -28.28 -18.06 1.13
C GLY H 24 -27.45 -17.39 0.04
N THR H 25 -26.42 -16.65 0.42
CA THR H 25 -25.94 -15.52 -0.39
C THR H 25 -25.10 -15.89 -1.62
N ILE H 26 -24.92 -14.90 -2.51
CA ILE H 26 -24.11 -15.09 -3.68
C ILE H 26 -22.62 -14.90 -3.33
N TYR H 27 -22.38 -14.21 -2.21
CA TYR H 27 -21.01 -13.82 -1.78
C TYR H 27 -20.70 -14.55 -0.49
N PRO H 28 -19.40 -14.83 -0.25
CA PRO H 28 -18.32 -14.56 -1.21
C PRO H 28 -18.17 -15.69 -2.24
N ASP H 29 -17.64 -15.36 -3.43
CA ASP H 29 -17.73 -16.23 -4.56
C ASP H 29 -16.36 -16.82 -4.74
N PRO H 30 -16.27 -18.14 -4.77
CA PRO H 30 -15.05 -18.90 -4.99
C PRO H 30 -14.44 -18.49 -6.30
N VAL H 31 -15.29 -18.20 -7.27
CA VAL H 31 -14.79 -17.77 -8.57
C VAL H 31 -13.87 -16.53 -8.41
N GLN H 32 -14.28 -15.60 -7.54
CA GLN H 32 -13.43 -14.46 -7.23
C GLN H 32 -12.11 -14.89 -6.55
N ALA H 33 -12.19 -15.86 -5.64
CA ALA H 33 -10.99 -16.23 -4.83
C ALA H 33 -9.90 -16.82 -5.74
N ALA H 34 -10.31 -17.60 -6.76
CA ALA H 34 -9.36 -18.25 -7.69
C ALA H 34 -8.63 -17.26 -8.52
N PHE H 35 -9.31 -16.20 -8.94
CA PHE H 35 -8.67 -15.12 -9.71
C PHE H 35 -7.57 -14.47 -8.84
N ILE H 36 -7.92 -14.21 -7.59
CA ILE H 36 -7.03 -13.52 -6.72
C ILE H 36 -5.90 -14.41 -6.34
N ALA H 37 -6.19 -15.67 -6.06
CA ALA H 37 -5.10 -16.59 -5.67
C ALA H 37 -4.15 -16.86 -6.83
N GLU H 38 -4.70 -17.14 -7.99
CA GLU H 38 -3.82 -17.36 -9.17
C GLU H 38 -2.88 -16.18 -9.45
N GLN H 39 -3.36 -14.98 -9.11
CA GLN H 39 -2.60 -13.78 -9.42
C GLN H 39 -1.57 -13.39 -8.41
N ALA H 40 -1.73 -13.99 -7.21
CA ALA H 40 -0.93 -13.66 -6.05
C ALA H 40 0.16 -14.69 -5.82
N GLY H 41 0.26 -15.69 -6.73
CA GLY H 41 1.32 -16.72 -6.65
C GLY H 41 0.90 -18.20 -6.64
N ALA H 42 -0.40 -18.48 -6.71
CA ALA H 42 -0.90 -19.84 -6.78
C ALA H 42 -0.59 -20.40 -8.17
N ASP H 43 -0.13 -21.64 -8.16
CA ASP H 43 0.09 -22.42 -9.38
C ASP H 43 -1.08 -23.30 -9.74
N GLY H 44 -2.08 -23.33 -8.87
CA GLY H 44 -3.30 -24.08 -9.11
C GLY H 44 -4.40 -23.83 -8.09
N ILE H 45 -5.63 -24.16 -8.48
CA ILE H 45 -6.81 -23.95 -7.65
C ILE H 45 -7.44 -25.30 -7.41
N THR H 46 -7.62 -25.60 -6.14
CA THR H 46 -8.23 -26.86 -5.77
C THR H 46 -9.63 -26.59 -5.23
N VAL H 47 -10.55 -27.51 -5.58
CA VAL H 47 -11.88 -27.49 -5.00
C VAL H 47 -12.29 -28.93 -4.69
N HIS H 48 -12.83 -29.13 -3.49
CA HIS H 48 -13.48 -30.37 -3.15
C HIS H 48 -15.02 -30.32 -3.26
N LEU H 49 -15.56 -30.97 -4.29
CA LEU H 49 -17.00 -31.13 -4.44
C LEU H 49 -17.42 -32.38 -3.64
N ARG H 50 -17.96 -32.16 -2.43
CA ARG H 50 -18.45 -33.22 -1.57
C ARG H 50 -19.80 -33.64 -2.05
N GLU H 51 -20.11 -34.92 -1.87
N GLU H 51 -20.10 -34.93 -1.86
CA GLU H 51 -21.41 -35.50 -2.25
CA GLU H 51 -21.39 -35.54 -2.22
C GLU H 51 -22.58 -34.68 -1.71
C GLU H 51 -22.59 -34.77 -1.67
N ASP H 52 -22.39 -34.07 -0.55
CA ASP H 52 -23.44 -33.23 0.10
C ASP H 52 -23.32 -31.73 -0.24
N ARG H 53 -22.31 -31.39 -1.04
CA ARG H 53 -22.08 -30.00 -1.44
C ARG H 53 -22.22 -29.07 -0.27
N ARG H 54 -21.62 -29.40 0.87
CA ARG H 54 -21.74 -28.49 2.00
C ARG H 54 -20.94 -27.18 1.77
N HIS H 55 -19.82 -27.25 1.05
CA HIS H 55 -19.16 -26.02 0.65
C HIS H 55 -19.23 -25.76 -0.86
N ILE H 56 -18.28 -26.30 -1.63
CA ILE H 56 -18.27 -26.18 -3.08
C ILE H 56 -19.51 -26.85 -3.71
N THR H 57 -20.15 -26.09 -4.61
CA THR H 57 -21.29 -26.62 -5.36
C THR H 57 -20.91 -26.89 -6.81
N ASP H 58 -21.85 -27.53 -7.53
CA ASP H 58 -21.73 -27.83 -8.97
C ASP H 58 -21.68 -26.56 -9.84
N ARG H 59 -22.39 -25.56 -9.37
CA ARG H 59 -22.34 -24.21 -9.93
C ARG H 59 -20.85 -23.75 -9.91
N ASP H 60 -20.26 -23.79 -8.71
CA ASP H 60 -18.90 -23.33 -8.50
C ASP H 60 -18.00 -24.05 -9.48
N VAL H 61 -18.12 -25.38 -9.50
CA VAL H 61 -17.31 -26.24 -10.35
C VAL H 61 -17.52 -25.88 -11.81
N ARG H 62 -18.77 -25.70 -12.23
CA ARG H 62 -19.08 -25.38 -13.64
C ARG H 62 -18.44 -24.03 -14.08
N ILE H 63 -18.46 -23.01 -13.22
CA ILE H 63 -17.84 -21.72 -13.57
C ILE H 63 -16.28 -21.74 -13.50
N LEU H 64 -15.72 -22.33 -12.46
CA LEU H 64 -14.29 -22.39 -12.30
C LEU H 64 -13.59 -23.04 -13.48
N ARG H 65 -14.23 -24.04 -14.06
CA ARG H 65 -13.66 -24.73 -15.19
C ARG H 65 -13.57 -23.79 -16.34
N GLN H 66 -14.34 -22.72 -16.30
CA GLN H 66 -14.30 -21.74 -17.38
C GLN H 66 -13.42 -20.54 -17.07
N THR H 67 -12.99 -20.38 -15.80
CA THR H 67 -12.40 -19.11 -15.37
C THR H 67 -10.99 -19.26 -14.81
N ILE H 68 -10.67 -20.48 -14.37
CA ILE H 68 -9.31 -20.78 -13.86
C ILE H 68 -8.27 -20.55 -14.96
N GLN H 69 -7.16 -19.92 -14.63
CA GLN H 69 -6.17 -19.65 -15.66
C GLN H 69 -4.94 -20.56 -15.41
N THR H 70 -4.94 -21.20 -14.25
CA THR H 70 -3.82 -22.09 -13.97
C THR H 70 -4.29 -23.47 -14.31
N ARG H 71 -4.61 -24.29 -13.31
CA ARG H 71 -5.19 -25.60 -13.56
C ARG H 71 -6.04 -25.99 -12.38
N MET H 72 -7.16 -26.64 -12.68
CA MET H 72 -8.14 -27.03 -11.70
C MET H 72 -7.68 -28.32 -11.12
N ASN H 73 -7.77 -28.39 -9.78
CA ASN H 73 -7.53 -29.66 -9.10
C ASN H 73 -8.86 -30.07 -8.42
N LEU H 74 -9.55 -31.04 -9.03
CA LEU H 74 -10.80 -31.52 -8.47
C LEU H 74 -10.62 -32.63 -7.40
N GLU H 75 -11.01 -32.32 -6.17
CA GLU H 75 -11.05 -33.28 -5.06
C GLU H 75 -12.45 -33.84 -5.03
N MET H 76 -12.53 -35.16 -4.97
CA MET H 76 -13.78 -35.85 -4.96
C MET H 76 -13.58 -37.24 -4.36
N ALA H 77 -14.71 -37.83 -3.92
CA ALA H 77 -14.82 -39.18 -3.41
C ALA H 77 -14.88 -40.08 -4.61
N VAL H 78 -14.60 -41.35 -4.40
CA VAL H 78 -14.48 -42.29 -5.47
C VAL H 78 -15.85 -42.94 -5.64
N THR H 79 -16.68 -42.31 -6.45
CA THR H 79 -18.01 -42.80 -6.68
C THR H 79 -18.35 -42.62 -8.14
N ASP H 80 -19.43 -43.28 -8.56
CA ASP H 80 -19.89 -43.21 -9.94
C ASP H 80 -20.25 -41.78 -10.34
N GLU H 81 -21.16 -41.17 -9.60
CA GLU H 81 -21.43 -39.76 -9.73
C GLU H 81 -20.09 -38.99 -9.98
N MET H 82 -19.21 -38.98 -9.01
CA MET H 82 -18.08 -38.08 -9.10
C MET H 82 -17.16 -38.40 -10.28
N VAL H 83 -16.88 -39.66 -10.51
CA VAL H 83 -16.14 -40.02 -11.69
C VAL H 83 -16.81 -39.43 -12.98
N ASP H 84 -18.14 -39.57 -13.06
CA ASP H 84 -18.87 -39.04 -14.19
C ASP H 84 -18.80 -37.53 -14.36
N ILE H 85 -18.92 -36.82 -13.24
CA ILE H 85 -18.72 -35.39 -13.22
C ILE H 85 -17.34 -35.08 -13.79
N ALA H 86 -16.35 -35.81 -13.32
CA ALA H 86 -14.98 -35.41 -13.60
C ALA H 86 -14.62 -35.77 -15.02
N CYS H 87 -15.22 -36.84 -15.55
CA CYS H 87 -15.04 -37.17 -16.95
C CYS H 87 -15.66 -36.12 -17.90
N ASP H 88 -16.63 -35.35 -17.38
N ASP H 88 -16.59 -35.30 -17.40
CA ASP H 88 -17.29 -34.30 -18.16
CA ASP H 88 -17.11 -34.25 -18.28
C ASP H 88 -16.51 -33.00 -18.00
C ASP H 88 -16.69 -32.83 -17.97
N ILE H 89 -16.20 -32.64 -16.75
CA ILE H 89 -15.52 -31.40 -16.41
C ILE H 89 -14.08 -31.46 -16.89
N LYS H 90 -13.50 -32.67 -16.96
CA LYS H 90 -12.10 -32.84 -17.37
C LYS H 90 -11.18 -31.80 -16.71
N PRO H 91 -11.07 -31.81 -15.38
CA PRO H 91 -10.00 -30.96 -14.82
C PRO H 91 -8.66 -31.58 -15.16
N HIS H 92 -7.61 -30.75 -15.09
N HIS H 92 -7.63 -30.74 -15.04
CA HIS H 92 -6.25 -31.20 -15.36
CA HIS H 92 -6.27 -31.10 -15.35
C HIS H 92 -5.87 -32.27 -14.34
C HIS H 92 -5.78 -32.16 -14.34
N PHE H 93 -6.19 -31.98 -13.07
CA PHE H 93 -5.95 -32.87 -11.95
C PHE H 93 -7.25 -33.27 -11.23
N CYS H 94 -7.30 -34.52 -10.77
CA CYS H 94 -8.28 -34.99 -9.81
C CYS H 94 -7.52 -35.52 -8.62
N CYS H 95 -8.01 -35.22 -7.42
CA CYS H 95 -7.46 -35.82 -6.20
C CYS H 95 -8.53 -36.68 -5.49
N LEU H 96 -8.25 -37.98 -5.30
CA LEU H 96 -9.23 -38.90 -4.69
C LEU H 96 -9.12 -38.95 -3.17
N VAL H 97 -10.22 -38.67 -2.49
CA VAL H 97 -10.20 -38.44 -1.04
C VAL H 97 -11.31 -39.23 -0.45
N PRO H 98 -11.20 -39.56 0.83
CA PRO H 98 -12.29 -40.35 1.34
C PRO H 98 -13.39 -39.51 2.01
N GLU H 99 -14.65 -39.97 1.88
CA GLU H 99 -15.78 -39.27 2.49
C GLU H 99 -16.60 -40.17 3.43
N LYS H 100 -16.57 -41.46 3.15
CA LYS H 100 -17.28 -42.47 3.98
C LYS H 100 -16.28 -43.23 4.84
N ARG H 101 -16.69 -43.64 6.03
CA ARG H 101 -15.80 -44.42 6.93
C ARG H 101 -15.13 -45.70 6.32
N GLN H 102 -15.78 -46.37 5.36
CA GLN H 102 -15.12 -47.49 4.67
C GLN H 102 -14.21 -47.14 3.49
N GLU H 103 -13.93 -45.85 3.30
CA GLU H 103 -12.92 -45.43 2.31
C GLU H 103 -11.65 -44.91 3.00
N VAL H 104 -11.72 -44.74 4.33
CA VAL H 104 -10.66 -44.11 5.13
C VAL H 104 -9.74 -45.08 5.90
N THR H 105 -8.56 -44.54 6.25
CA THR H 105 -7.67 -45.12 7.27
C THR H 105 -7.86 -44.32 8.55
N THR H 106 -7.31 -44.88 9.62
CA THR H 106 -7.27 -44.33 10.97
C THR H 106 -6.81 -42.85 11.05
N GLU H 107 -5.82 -42.52 10.22
CA GLU H 107 -5.14 -41.28 10.22
C GLU H 107 -5.89 -40.32 9.33
N GLY H 108 -6.78 -40.85 8.50
CA GLY H 108 -7.62 -40.00 7.64
C GLY H 108 -7.31 -39.99 6.15
N GLY H 109 -6.25 -40.67 5.68
CA GLY H 109 -6.01 -40.77 4.24
C GLY H 109 -7.03 -41.68 3.58
N LEU H 110 -7.04 -41.69 2.25
CA LEU H 110 -7.72 -42.72 1.47
C LEU H 110 -7.06 -44.07 1.73
N ASP H 111 -7.89 -45.09 1.96
CA ASP H 111 -7.40 -46.44 2.18
C ASP H 111 -7.30 -47.06 0.84
N VAL H 112 -6.28 -46.69 0.10
CA VAL H 112 -6.10 -47.21 -1.24
C VAL H 112 -5.73 -48.70 -1.25
N ALA H 113 -5.02 -49.13 -0.23
CA ALA H 113 -4.50 -50.46 -0.23
C ALA H 113 -5.62 -51.42 0.10
N GLY H 114 -6.62 -50.90 0.81
CA GLY H 114 -7.78 -51.69 1.22
C GLY H 114 -8.69 -52.02 0.06
N GLN H 115 -8.48 -51.36 -1.08
CA GLN H 115 -9.45 -51.36 -2.21
C GLN H 115 -8.76 -51.09 -3.54
N VAL H 116 -7.73 -51.88 -3.87
CA VAL H 116 -6.77 -51.55 -4.96
C VAL H 116 -7.43 -51.59 -6.36
N ASP H 117 -8.19 -52.65 -6.62
CA ASP H 117 -8.85 -52.84 -7.92
C ASP H 117 -9.90 -51.75 -8.14
N LYS H 118 -10.70 -51.48 -7.11
CA LYS H 118 -11.57 -50.27 -7.06
C LYS H 118 -10.87 -48.91 -7.44
N MET H 119 -9.81 -48.52 -6.73
CA MET H 119 -8.96 -47.40 -7.19
C MET H 119 -8.36 -47.62 -8.58
N THR H 120 -7.95 -48.84 -8.93
CA THR H 120 -7.39 -49.10 -10.25
C THR H 120 -8.39 -48.68 -11.31
N LEU H 121 -9.65 -49.06 -11.12
CA LEU H 121 -10.71 -48.78 -12.10
C LEU H 121 -11.00 -47.32 -12.24
N ALA H 122 -11.04 -46.60 -11.12
CA ALA H 122 -11.39 -45.18 -11.18
C ALA H 122 -10.25 -44.39 -11.80
N VAL H 123 -9.02 -44.75 -11.44
CA VAL H 123 -7.85 -44.13 -12.05
C VAL H 123 -7.74 -44.40 -13.57
N GLY H 124 -7.95 -45.64 -13.99
CA GLY H 124 -8.00 -45.96 -15.41
C GLY H 124 -9.02 -45.05 -16.07
N ARG H 125 -10.19 -44.95 -15.44
CA ARG H 125 -11.29 -44.23 -16.06
C ARG H 125 -10.86 -42.74 -16.24
N LEU H 126 -10.33 -42.12 -15.18
CA LEU H 126 -9.96 -40.70 -15.22
C LEU H 126 -8.80 -40.45 -16.19
N ALA H 127 -7.86 -41.38 -16.26
CA ALA H 127 -6.70 -41.21 -17.15
C ALA H 127 -7.05 -41.34 -18.64
N ASP H 128 -7.94 -42.27 -18.99
CA ASP H 128 -8.36 -42.42 -20.41
C ASP H 128 -8.89 -41.10 -20.95
N VAL H 129 -9.49 -40.34 -20.05
CA VAL H 129 -10.06 -39.03 -20.36
C VAL H 129 -9.04 -37.91 -20.29
N GLY H 130 -7.79 -38.25 -19.93
CA GLY H 130 -6.67 -37.31 -19.97
C GLY H 130 -6.44 -36.58 -18.65
N ILE H 131 -7.07 -37.06 -17.59
CA ILE H 131 -6.90 -36.42 -16.32
C ILE H 131 -5.68 -37.04 -15.62
N LEU H 132 -4.94 -36.21 -14.88
CA LEU H 132 -3.88 -36.71 -14.02
C LEU H 132 -4.38 -36.94 -12.57
N VAL H 133 -4.19 -38.15 -12.06
CA VAL H 133 -4.80 -38.55 -10.85
C VAL H 133 -3.81 -38.61 -9.71
N SER H 134 -4.25 -38.06 -8.59
CA SER H 134 -3.55 -38.15 -7.33
C SER H 134 -4.43 -38.85 -6.28
N LEU H 135 -3.79 -39.60 -5.39
CA LEU H 135 -4.45 -40.28 -4.30
C LEU H 135 -3.99 -39.65 -2.98
N PHE H 136 -4.94 -39.28 -2.15
CA PHE H 136 -4.62 -38.66 -0.89
C PHE H 136 -4.38 -39.76 0.12
N ILE H 137 -3.10 -40.00 0.46
CA ILE H 137 -2.73 -41.15 1.35
C ILE H 137 -1.85 -40.76 2.54
N ASP H 138 -1.82 -41.62 3.55
CA ASP H 138 -0.92 -41.41 4.69
C ASP H 138 0.52 -41.60 4.28
N ALA H 139 1.44 -41.09 5.08
CA ALA H 139 2.86 -41.26 4.79
C ALA H 139 3.19 -42.73 5.07
N ASP H 140 2.73 -43.59 4.19
CA ASP H 140 2.72 -44.97 4.54
C ASP H 140 3.16 -45.84 3.30
N PHE H 141 4.22 -46.65 3.45
CA PHE H 141 4.85 -47.35 2.29
C PHE H 141 3.85 -48.31 1.60
N ARG H 142 3.03 -48.96 2.41
CA ARG H 142 2.04 -49.88 1.89
C ARG H 142 1.01 -49.14 1.04
N GLN H 143 0.63 -47.95 1.44
CA GLN H 143 -0.34 -47.15 0.65
C GLN H 143 0.28 -46.61 -0.65
N ILE H 144 1.55 -46.24 -0.58
CA ILE H 144 2.22 -45.81 -1.76
C ILE H 144 2.24 -46.90 -2.87
N ASP H 145 2.64 -48.12 -2.50
CA ASP H 145 2.63 -49.30 -3.34
C ASP H 145 1.20 -49.58 -3.89
N ALA H 146 0.18 -49.23 -3.11
CA ALA H 146 -1.19 -49.40 -3.57
C ALA H 146 -1.39 -48.39 -4.68
N ALA H 147 -0.91 -47.15 -4.45
CA ALA H 147 -1.14 -46.12 -5.44
C ALA H 147 -0.42 -46.48 -6.76
N VAL H 148 0.77 -47.09 -6.69
CA VAL H 148 1.41 -47.57 -7.90
C VAL H 148 0.54 -48.62 -8.52
N ALA H 149 0.21 -49.63 -7.73
CA ALA H 149 -0.68 -50.70 -8.19
C ALA H 149 -1.88 -50.12 -8.94
N ALA H 150 -2.55 -49.12 -8.39
CA ALA H 150 -3.74 -48.57 -8.99
C ALA H 150 -3.46 -47.78 -10.28
N GLY H 151 -2.18 -47.57 -10.56
CA GLY H 151 -1.74 -46.77 -11.73
C GLY H 151 -1.79 -45.22 -11.62
N ALA H 152 -1.95 -44.70 -10.40
CA ALA H 152 -1.91 -43.24 -10.15
C ALA H 152 -0.51 -42.69 -10.35
N PRO H 153 -0.40 -41.53 -11.02
CA PRO H 153 0.88 -40.89 -11.29
C PRO H 153 1.28 -39.88 -10.19
N TYR H 154 0.29 -39.39 -9.43
CA TYR H 154 0.50 -38.54 -8.26
C TYR H 154 -0.02 -39.16 -6.95
N ILE H 155 0.62 -38.81 -5.83
CA ILE H 155 0.02 -39.00 -4.51
C ILE H 155 0.17 -37.71 -3.71
N GLU H 156 -0.63 -37.59 -2.66
CA GLU H 156 -0.63 -36.46 -1.78
C GLU H 156 -0.52 -37.01 -0.38
N ILE H 157 0.59 -36.68 0.28
CA ILE H 157 0.83 -37.22 1.62
C ILE H 157 0.06 -36.41 2.60
N HIS H 158 -0.69 -37.11 3.46
CA HIS H 158 -1.50 -36.47 4.45
C HIS H 158 -0.60 -35.84 5.48
N THR H 159 -0.61 -34.50 5.57
CA THR H 159 0.27 -33.83 6.55
C THR H 159 -0.33 -33.49 7.91
N GLY H 160 -1.59 -33.88 8.15
CA GLY H 160 -2.32 -33.59 9.41
C GLY H 160 -1.65 -33.99 10.71
N ALA H 161 -1.23 -35.25 10.81
CA ALA H 161 -0.52 -35.71 12.00
C ALA H 161 0.74 -34.85 12.25
N TYR H 162 1.42 -34.44 11.18
CA TYR H 162 2.59 -33.57 11.39
C TYR H 162 2.13 -32.18 11.91
N ALA H 163 1.07 -31.63 11.32
CA ALA H 163 0.43 -30.42 11.83
C ALA H 163 0.00 -30.51 13.30
N ASP H 164 -0.53 -31.67 13.69
CA ASP H 164 -1.15 -31.89 15.00
C ASP H 164 -0.22 -32.46 16.14
N ALA H 165 0.96 -32.94 15.79
CA ALA H 165 1.99 -33.29 16.76
C ALA H 165 1.96 -32.30 17.93
N SER H 166 1.85 -32.82 19.16
CA SER H 166 1.78 -31.97 20.37
C SER H 166 3.16 -31.72 21.01
N THR H 167 4.13 -32.56 20.72
CA THR H 167 5.47 -32.35 21.25
C THR H 167 6.50 -32.17 20.14
N VAL H 168 7.73 -31.82 20.53
CA VAL H 168 8.92 -31.82 19.66
C VAL H 168 9.38 -33.22 19.20
N LEU H 169 9.28 -34.25 20.05
CA LEU H 169 9.63 -35.60 19.57
C LEU H 169 8.62 -36.14 18.57
N GLU H 170 7.36 -35.76 18.79
CA GLU H 170 6.27 -36.14 17.92
C GLU H 170 6.44 -35.54 16.52
N ARG H 171 6.58 -34.20 16.47
CA ARG H 171 6.80 -33.45 15.25
C ARG H 171 7.91 -34.03 14.42
N GLN H 172 9.03 -34.28 15.07
CA GLN H 172 10.19 -34.77 14.38
C GLN H 172 9.93 -36.13 13.79
N ALA H 173 9.26 -37.02 14.53
CA ALA H 173 9.06 -38.34 13.97
C ALA H 173 8.10 -38.27 12.78
N GLU H 174 7.07 -37.42 12.90
CA GLU H 174 6.13 -37.15 11.80
C GLU H 174 6.82 -36.56 10.55
N LEU H 175 7.79 -35.67 10.78
CA LEU H 175 8.55 -35.06 9.70
C LEU H 175 9.27 -36.16 8.97
N MET H 176 10.07 -36.89 9.74
CA MET H 176 10.84 -37.96 9.20
C MET H 176 9.97 -38.92 8.44
N ARG H 177 8.83 -39.32 9.02
CA ARG H 177 7.85 -40.17 8.32
C ARG H 177 7.47 -39.67 6.90
N ILE H 178 7.20 -38.38 6.77
CA ILE H 178 6.88 -37.77 5.49
C ILE H 178 8.13 -37.74 4.58
N ALA H 179 9.30 -37.37 5.13
CA ALA H 179 10.53 -37.27 4.31
C ALA H 179 10.75 -38.62 3.67
N LYS H 180 10.63 -39.65 4.52
CA LYS H 180 10.78 -41.05 4.10
C LYS H 180 9.80 -41.48 3.01
N ALA H 181 8.50 -41.27 3.28
CA ALA H 181 7.48 -41.65 2.31
C ALA H 181 7.68 -40.91 1.01
N ALA H 182 8.01 -39.60 1.11
CA ALA H 182 8.30 -38.80 -0.08
C ALA H 182 9.48 -39.35 -0.94
N THR H 183 10.62 -39.66 -0.34
CA THR H 183 11.73 -40.24 -1.09
C THR H 183 11.32 -41.60 -1.71
N TYR H 184 10.70 -42.43 -0.88
CA TYR H 184 10.27 -43.72 -1.35
C TYR H 184 9.33 -43.56 -2.55
N ALA H 185 8.26 -42.78 -2.40
CA ALA H 185 7.41 -42.52 -3.57
C ALA H 185 8.11 -41.98 -4.84
N ALA H 186 9.07 -41.04 -4.69
CA ALA H 186 9.81 -40.59 -5.88
C ALA H 186 10.56 -41.73 -6.55
N GLY H 187 11.28 -42.56 -5.76
CA GLY H 187 12.03 -43.69 -6.30
C GLY H 187 11.11 -44.55 -7.13
N LYS H 188 9.83 -44.47 -6.84
CA LYS H 188 8.88 -45.31 -7.55
C LYS H 188 8.29 -44.68 -8.82
N GLY H 189 8.70 -43.46 -9.17
CA GLY H 189 8.20 -42.81 -10.38
C GLY H 189 7.05 -41.81 -10.09
N LEU H 190 6.58 -41.80 -8.85
CA LEU H 190 5.45 -40.94 -8.50
C LEU H 190 5.83 -39.49 -8.41
N LYS H 191 4.86 -38.59 -8.69
CA LYS H 191 4.96 -37.18 -8.32
C LYS H 191 4.32 -37.05 -6.95
N VAL H 192 4.93 -36.28 -6.06
CA VAL H 192 4.56 -36.25 -4.65
C VAL H 192 4.13 -34.87 -4.16
N ASN H 193 2.83 -34.73 -3.86
CA ASN H 193 2.26 -33.51 -3.26
C ASN H 193 2.07 -33.74 -1.79
N ALA H 194 1.63 -32.72 -1.07
CA ALA H 194 1.40 -32.91 0.34
C ALA H 194 0.40 -31.88 0.74
N GLY H 195 -0.33 -32.15 1.82
CA GLY H 195 -1.29 -31.19 2.32
C GLY H 195 -2.19 -31.68 3.44
N HIS H 196 -2.92 -30.71 3.99
CA HIS H 196 -3.75 -30.81 5.18
C HIS H 196 -3.06 -30.33 6.46
N GLY H 197 -3.60 -29.24 7.01
CA GLY H 197 -3.15 -28.71 8.29
C GLY H 197 -1.89 -27.87 8.15
N LEU H 198 -1.43 -27.64 6.92
CA LEU H 198 -0.25 -26.83 6.71
C LEU H 198 -0.50 -25.30 6.97
N THR H 199 0.51 -24.63 7.52
CA THR H 199 0.31 -23.37 8.21
C THR H 199 1.55 -22.51 7.91
N TYR H 200 1.42 -21.18 8.04
CA TYR H 200 2.55 -20.27 7.85
C TYR H 200 3.69 -20.64 8.77
N HIS H 201 3.38 -21.29 9.89
CA HIS H 201 4.42 -21.59 10.83
C HIS H 201 4.92 -23.06 10.80
N ASN H 202 4.28 -23.97 10.07
CA ASN H 202 4.83 -25.30 10.02
C ASN H 202 5.18 -25.70 8.61
N VAL H 203 5.02 -24.77 7.69
CA VAL H 203 5.15 -25.10 6.28
C VAL H 203 6.59 -25.32 5.75
N GLN H 204 7.58 -24.69 6.39
CA GLN H 204 8.91 -24.69 5.77
C GLN H 204 9.59 -26.06 5.78
N PRO H 205 9.46 -26.82 6.90
CA PRO H 205 10.09 -28.16 6.87
C PRO H 205 9.52 -29.10 5.76
N ILE H 206 8.23 -28.95 5.49
CA ILE H 206 7.59 -29.72 4.45
C ILE H 206 8.11 -29.20 3.08
N ALA H 207 8.14 -27.87 2.90
CA ALA H 207 8.48 -27.31 1.61
C ALA H 207 9.94 -27.55 1.26
N ALA H 208 10.79 -27.78 2.27
CA ALA H 208 12.23 -28.07 2.11
C ALA H 208 12.53 -29.49 1.68
N LEU H 209 11.59 -30.42 1.87
CA LEU H 209 11.75 -31.78 1.28
C LEU H 209 11.80 -31.69 -0.25
N PRO H 210 12.91 -32.12 -0.85
CA PRO H 210 13.18 -31.94 -2.29
C PRO H 210 12.22 -32.58 -3.25
N GLU H 211 11.63 -33.68 -2.86
CA GLU H 211 10.79 -34.44 -3.78
C GLU H 211 9.37 -33.83 -3.90
N MET H 212 9.07 -32.86 -3.05
CA MET H 212 7.71 -32.30 -3.05
C MET H 212 7.40 -31.58 -4.31
N HIS H 213 6.28 -31.97 -4.91
CA HIS H 213 5.89 -31.36 -6.16
C HIS H 213 5.04 -30.09 -5.90
N GLU H 214 3.92 -30.26 -5.22
CA GLU H 214 3.03 -29.14 -4.93
C GLU H 214 2.48 -29.32 -3.52
N LEU H 215 2.36 -28.23 -2.80
CA LEU H 215 1.74 -28.25 -1.50
C LEU H 215 0.34 -27.78 -1.71
N ASN H 216 -0.66 -28.57 -1.30
CA ASN H 216 -2.09 -28.08 -1.29
C ASN H 216 -2.57 -27.52 0.05
N ILE H 217 -2.89 -26.22 0.05
CA ILE H 217 -3.19 -25.49 1.28
C ILE H 217 -4.52 -24.68 1.09
N GLY H 218 -5.40 -24.73 2.11
CA GLY H 218 -6.64 -23.96 2.12
C GLY H 218 -6.91 -23.21 3.40
N HIS H 219 -7.08 -23.96 4.47
CA HIS H 219 -7.66 -23.40 5.68
C HIS H 219 -6.79 -22.25 6.17
N ALA H 220 -5.51 -22.51 6.33
CA ALA H 220 -4.61 -21.49 6.88
C ALA H 220 -4.61 -20.23 6.07
N ILE H 221 -4.73 -20.41 4.76
CA ILE H 221 -4.72 -19.31 3.79
C ILE H 221 -6.02 -18.50 3.90
N ILE H 222 -7.18 -19.19 3.96
CA ILE H 222 -8.44 -18.49 4.11
C ILE H 222 -8.53 -17.83 5.47
N GLY H 223 -8.01 -18.49 6.50
CA GLY H 223 -8.06 -17.96 7.86
C GLY H 223 -7.27 -16.68 8.01
N GLN H 224 -6.07 -16.65 7.42
CA GLN H 224 -5.25 -15.42 7.35
C GLN H 224 -5.95 -14.38 6.45
N ALA H 225 -6.54 -14.86 5.38
CA ALA H 225 -7.18 -13.95 4.45
C ALA H 225 -8.28 -13.10 5.10
N VAL H 226 -9.13 -13.66 5.98
CA VAL H 226 -10.26 -12.86 6.52
C VAL H 226 -9.75 -11.62 7.25
N MET H 227 -8.48 -11.71 7.67
CA MET H 227 -7.81 -10.69 8.47
C MET H 227 -7.04 -9.66 7.64
N THR H 228 -6.25 -10.09 6.65
CA THR H 228 -5.35 -9.14 5.93
C THR H 228 -5.45 -9.18 4.40
N GLY H 229 -6.38 -10.00 3.90
CA GLY H 229 -6.61 -10.17 2.48
C GLY H 229 -6.10 -11.48 1.85
N LEU H 230 -6.89 -12.01 0.92
CA LEU H 230 -6.49 -13.19 0.18
C LEU H 230 -5.22 -13.09 -0.68
N ALA H 231 -4.93 -11.95 -1.27
CA ALA H 231 -3.71 -11.80 -2.09
C ALA H 231 -2.44 -11.78 -1.23
N ALA H 232 -2.45 -11.01 -0.13
CA ALA H 232 -1.31 -10.99 0.83
C ALA H 232 -1.16 -12.34 1.46
N ALA H 233 -2.29 -12.98 1.83
CA ALA H 233 -2.22 -14.30 2.43
C ALA H 233 -1.57 -15.32 1.50
N VAL H 234 -1.92 -15.26 0.22
CA VAL H 234 -1.36 -16.17 -0.77
C VAL H 234 0.10 -15.89 -1.10
N THR H 235 0.41 -14.60 -1.28
CA THR H 235 1.80 -14.17 -1.53
C THR H 235 2.73 -14.56 -0.37
N ASP H 236 2.24 -14.45 0.88
CA ASP H 236 3.07 -14.70 2.07
C ASP H 236 3.38 -16.19 2.23
N MET H 237 2.51 -17.05 1.73
CA MET H 237 2.72 -18.46 1.86
C MET H 237 3.73 -18.92 0.79
N LYS H 238 3.51 -18.48 -0.43
CA LYS H 238 4.41 -18.73 -1.55
C LYS H 238 5.87 -18.27 -1.23
N VAL H 239 6.02 -17.12 -0.60
CA VAL H 239 7.33 -16.66 -0.14
C VAL H 239 8.04 -17.61 0.87
N LEU H 240 7.34 -18.00 1.95
CA LEU H 240 7.81 -19.08 2.83
C LEU H 240 8.23 -20.36 2.05
N MET H 241 7.42 -20.79 1.10
CA MET H 241 7.76 -21.96 0.34
C MET H 241 9.04 -21.79 -0.41
N ARG H 242 9.22 -20.62 -1.03
CA ARG H 242 10.45 -20.28 -1.73
C ARG H 242 11.74 -20.21 -0.85
N GLU H 243 11.59 -19.61 0.34
CA GLU H 243 12.69 -19.45 1.27
C GLU H 243 13.12 -20.78 1.83
N ALA H 244 12.17 -21.72 1.78
CA ALA H 244 12.41 -23.06 2.29
C ALA H 244 13.40 -23.85 1.41
N ARG H 245 13.42 -23.55 0.09
CA ARG H 245 14.30 -24.25 -0.87
C ARG H 245 15.64 -23.53 -1.03
N ARG H 246 16.10 -22.90 0.04
CA ARG H 246 17.36 -22.18 0.03
C ARG H 246 18.44 -22.86 0.82
#